data_2PB8
# 
_entry.id   2PB8 
# 
_audit_conform.dict_name       mmcif_pdbx.dic 
_audit_conform.dict_version    5.398 
_audit_conform.dict_location   http://mmcif.pdb.org/dictionaries/ascii/mmcif_pdbx.dic 
# 
loop_
_database_2.database_id 
_database_2.database_code 
_database_2.pdbx_database_accession 
_database_2.pdbx_DOI 
PDB   2PB8         pdb_00002pb8 10.2210/pdb2pb8/pdb 
RCSB  RCSB042185   ?            ?                   
WWPDB D_1000042185 ?            ?                   
# 
loop_
_pdbx_audit_revision_history.ordinal 
_pdbx_audit_revision_history.data_content_type 
_pdbx_audit_revision_history.major_revision 
_pdbx_audit_revision_history.minor_revision 
_pdbx_audit_revision_history.revision_date 
1 'Structure model' 1 0 2007-04-17 
2 'Structure model' 1 1 2008-05-01 
3 'Structure model' 1 2 2011-07-13 
4 'Structure model' 1 3 2017-10-18 
5 'Structure model' 1 4 2023-10-25 
6 'Structure model' 1 5 2024-10-30 
# 
_pdbx_audit_revision_details.ordinal             1 
_pdbx_audit_revision_details.revision_ordinal    1 
_pdbx_audit_revision_details.data_content_type   'Structure model' 
_pdbx_audit_revision_details.provider            repository 
_pdbx_audit_revision_details.type                'Initial release' 
_pdbx_audit_revision_details.description         ? 
_pdbx_audit_revision_details.details             ? 
# 
loop_
_pdbx_audit_revision_group.ordinal 
_pdbx_audit_revision_group.revision_ordinal 
_pdbx_audit_revision_group.data_content_type 
_pdbx_audit_revision_group.group 
1 2 'Structure model' 'Version format compliance' 
2 3 'Structure model' 'Version format compliance' 
3 4 'Structure model' 'Refinement description'    
4 5 'Structure model' 'Data collection'           
5 5 'Structure model' 'Database references'       
6 5 'Structure model' 'Derived calculations'      
7 5 'Structure model' 'Refinement description'    
8 6 'Structure model' 'Structure summary'         
# 
loop_
_pdbx_audit_revision_category.ordinal 
_pdbx_audit_revision_category.revision_ordinal 
_pdbx_audit_revision_category.data_content_type 
_pdbx_audit_revision_category.category 
1 4 'Structure model' software                      
2 5 'Structure model' chem_comp_atom                
3 5 'Structure model' chem_comp_bond                
4 5 'Structure model' database_2                    
5 5 'Structure model' pdbx_initial_refinement_model 
6 5 'Structure model' struct_site                   
7 6 'Structure model' pdbx_entry_details            
8 6 'Structure model' pdbx_modification_feature     
# 
loop_
_pdbx_audit_revision_item.ordinal 
_pdbx_audit_revision_item.revision_ordinal 
_pdbx_audit_revision_item.data_content_type 
_pdbx_audit_revision_item.item 
1 4 'Structure model' '_software.name'                      
2 5 'Structure model' '_database_2.pdbx_DOI'                
3 5 'Structure model' '_database_2.pdbx_database_accession' 
4 5 'Structure model' '_struct_site.pdbx_auth_asym_id'      
5 5 'Structure model' '_struct_site.pdbx_auth_comp_id'      
6 5 'Structure model' '_struct_site.pdbx_auth_seq_id'       
# 
_pdbx_database_status.status_code                     REL 
_pdbx_database_status.entry_id                        2PB8 
_pdbx_database_status.recvd_initial_deposition_date   2007-03-28 
_pdbx_database_status.deposit_site                    RCSB 
_pdbx_database_status.process_site                    PDBJ 
_pdbx_database_status.status_code_sf                  ? 
_pdbx_database_status.status_code_mr                  ? 
_pdbx_database_status.SG_entry                        ? 
_pdbx_database_status.pdb_format_compatible           Y 
_pdbx_database_status.status_code_cs                  ? 
_pdbx_database_status.methods_development_category    ? 
_pdbx_database_status.status_code_nmr_data            ? 
# 
loop_
_pdbx_database_related.db_name 
_pdbx_database_related.db_id 
_pdbx_database_related.details 
_pdbx_database_related.content_type 
PDB 2OYF 'Crystal Structure of the complex of phospholipase A2 with indole acetic acid at 1.2 A resolution'                
unspecified 
PDB 2OTH 'Crystal structure of a ternary complex of phospholipase A2 with indomethacin and nimesulide at 2.9 A resolution' 
unspecified 
# 
loop_
_audit_author.name 
_audit_author.pdbx_ordinal 
'Kumar, S.'   1 
'Singh, N.'   2 
'Sharma, S.'  3 
'Kaur, P.'    4 
'Singh, T.P.' 5 
# 
_citation.id                        primary 
_citation.title                     
'Crystal structure of the complex formed between phospholipase A2 and peptide Ala-Val-Tyr-Ser at 2.0 A resolution' 
_citation.journal_abbrev            'To be Published' 
_citation.journal_volume            ? 
_citation.page_first                ? 
_citation.page_last                 ? 
_citation.year                      ? 
_citation.journal_id_ASTM           ? 
_citation.country                   ? 
_citation.journal_id_ISSN           ? 
_citation.journal_id_CSD            0353 
_citation.book_publisher            ? 
_citation.pdbx_database_id_PubMed   ? 
_citation.pdbx_database_id_DOI      ? 
# 
loop_
_citation_author.citation_id 
_citation_author.name 
_citation_author.ordinal 
_citation_author.identifier_ORCID 
primary 'Kumar, S.'   1 ? 
primary 'Singh, N.'   2 ? 
primary 'Sharma, S.'  3 ? 
primary 'Kaur, P.'    4 ? 
primary 'Singh, T.P.' 5 ? 
# 
loop_
_entity.id 
_entity.type 
_entity.src_method 
_entity.pdbx_description 
_entity.formula_weight 
_entity.pdbx_number_of_molecules 
_entity.pdbx_ec 
_entity.pdbx_mutation 
_entity.pdbx_fragment 
_entity.details 
1 polymer     nat 'Phospholipase A2 VRV-PL-VIIIa' 13629.767 1  3.1.1.4 ? ? ? 
2 polymer     syn AVYS                            438.475   1  ?       ? ? ? 
3 non-polymer syn 'ACETATE ION'                   59.044    2  ?       ? ? ? 
4 water       nat water                           18.015    97 ?       ? ? ? 
# 
_entity_name_com.entity_id   1 
_entity_name_com.name        'Phosphodiesterase, phospholipase A2, Phosphatidylcholine 2- acylhydrolase, DPLA2' 
# 
loop_
_entity_poly.entity_id 
_entity_poly.type 
_entity_poly.nstd_linkage 
_entity_poly.nstd_monomer 
_entity_poly.pdbx_seq_one_letter_code 
_entity_poly.pdbx_seq_one_letter_code_can 
_entity_poly.pdbx_strand_id 
_entity_poly.pdbx_target_identifier 
1 'polypeptide(L)' no no 
;SLLEFGKMILEETGKLAIPSYSSYGCYCGWGGKGTPKDATDRCCFVHDCCYGNLPDCNPKSDRYKYKRVNGAIVCEKGTS
CENRICECDKAAAICFRQNLNTYSKKYMLYPDFLCKGELKC
;
;SLLEFGKMILEETGKLAIPSYSSYGCYCGWGGKGTPKDATDRCCFVHDCCYGNLPDCNPKSDRYKYKRVNGAIVCEKGTS
CENRICECDKAAAICFRQNLNTYSKKYMLYPDFLCKGELKC
;
A ? 
2 'polypeptide(L)' no no AVYS AVYS P ? 
# 
loop_
_pdbx_entity_nonpoly.entity_id 
_pdbx_entity_nonpoly.name 
_pdbx_entity_nonpoly.comp_id 
3 'ACETATE ION' ACT 
4 water         HOH 
# 
loop_
_entity_poly_seq.entity_id 
_entity_poly_seq.num 
_entity_poly_seq.mon_id 
_entity_poly_seq.hetero 
1 1   SER n 
1 2   LEU n 
1 3   LEU n 
1 4   GLU n 
1 5   PHE n 
1 6   GLY n 
1 7   LYS n 
1 8   MET n 
1 9   ILE n 
1 10  LEU n 
1 11  GLU n 
1 12  GLU n 
1 13  THR n 
1 14  GLY n 
1 15  LYS n 
1 16  LEU n 
1 17  ALA n 
1 18  ILE n 
1 19  PRO n 
1 20  SER n 
1 21  TYR n 
1 22  SER n 
1 23  SER n 
1 24  TYR n 
1 25  GLY n 
1 26  CYS n 
1 27  TYR n 
1 28  CYS n 
1 29  GLY n 
1 30  TRP n 
1 31  GLY n 
1 32  GLY n 
1 33  LYS n 
1 34  GLY n 
1 35  THR n 
1 36  PRO n 
1 37  LYS n 
1 38  ASP n 
1 39  ALA n 
1 40  THR n 
1 41  ASP n 
1 42  ARG n 
1 43  CYS n 
1 44  CYS n 
1 45  PHE n 
1 46  VAL n 
1 47  HIS n 
1 48  ASP n 
1 49  CYS n 
1 50  CYS n 
1 51  TYR n 
1 52  GLY n 
1 53  ASN n 
1 54  LEU n 
1 55  PRO n 
1 56  ASP n 
1 57  CYS n 
1 58  ASN n 
1 59  PRO n 
1 60  LYS n 
1 61  SER n 
1 62  ASP n 
1 63  ARG n 
1 64  TYR n 
1 65  LYS n 
1 66  TYR n 
1 67  LYS n 
1 68  ARG n 
1 69  VAL n 
1 70  ASN n 
1 71  GLY n 
1 72  ALA n 
1 73  ILE n 
1 74  VAL n 
1 75  CYS n 
1 76  GLU n 
1 77  LYS n 
1 78  GLY n 
1 79  THR n 
1 80  SER n 
1 81  CYS n 
1 82  GLU n 
1 83  ASN n 
1 84  ARG n 
1 85  ILE n 
1 86  CYS n 
1 87  GLU n 
1 88  CYS n 
1 89  ASP n 
1 90  LYS n 
1 91  ALA n 
1 92  ALA n 
1 93  ALA n 
1 94  ILE n 
1 95  CYS n 
1 96  PHE n 
1 97  ARG n 
1 98  GLN n 
1 99  ASN n 
1 100 LEU n 
1 101 ASN n 
1 102 THR n 
1 103 TYR n 
1 104 SER n 
1 105 LYS n 
1 106 LYS n 
1 107 TYR n 
1 108 MET n 
1 109 LEU n 
1 110 TYR n 
1 111 PRO n 
1 112 ASP n 
1 113 PHE n 
1 114 LEU n 
1 115 CYS n 
1 116 LYS n 
1 117 GLY n 
1 118 GLU n 
1 119 LEU n 
1 120 LYS n 
1 121 CYS n 
2 1   ALA n 
2 2   VAL n 
2 3   TYR n 
2 4   SER n 
# 
_entity_src_nat.entity_id                  1 
_entity_src_nat.pdbx_src_id                1 
_entity_src_nat.pdbx_alt_source_flag       sample 
_entity_src_nat.pdbx_beg_seq_num           ? 
_entity_src_nat.pdbx_end_seq_num           ? 
_entity_src_nat.common_name                ? 
_entity_src_nat.pdbx_organism_scientific   'Daboia russellii pulchella' 
_entity_src_nat.pdbx_ncbi_taxonomy_id      97228 
_entity_src_nat.genus                      Daboia 
_entity_src_nat.species                    'Daboia russellii' 
_entity_src_nat.strain                     pulchella 
_entity_src_nat.tissue                     ? 
_entity_src_nat.tissue_fraction            ? 
_entity_src_nat.pdbx_secretion             ? 
_entity_src_nat.pdbx_fragment              ? 
_entity_src_nat.pdbx_variant               ? 
_entity_src_nat.pdbx_cell_line             ? 
_entity_src_nat.pdbx_atcc                  ? 
_entity_src_nat.pdbx_cellular_location     ? 
_entity_src_nat.pdbx_organ                 ? 
_entity_src_nat.pdbx_organelle             ? 
_entity_src_nat.pdbx_cell                  ? 
_entity_src_nat.pdbx_plasmid_name          ? 
_entity_src_nat.pdbx_plasmid_details       ? 
_entity_src_nat.details                    ? 
# 
_pdbx_entity_src_syn.entity_id              2 
_pdbx_entity_src_syn.pdbx_src_id            1 
_pdbx_entity_src_syn.pdbx_alt_source_flag   sample 
_pdbx_entity_src_syn.pdbx_beg_seq_num       ? 
_pdbx_entity_src_syn.pdbx_end_seq_num       ? 
_pdbx_entity_src_syn.organism_scientific    ? 
_pdbx_entity_src_syn.organism_common_name   ? 
_pdbx_entity_src_syn.ncbi_taxonomy_id       ? 
_pdbx_entity_src_syn.details                'chemically synthesized' 
# 
loop_
_chem_comp.id 
_chem_comp.type 
_chem_comp.mon_nstd_flag 
_chem_comp.name 
_chem_comp.pdbx_synonyms 
_chem_comp.formula 
_chem_comp.formula_weight 
ACT non-polymer         . 'ACETATE ION'   ? 'C2 H3 O2 -1'    59.044  
ALA 'L-peptide linking' y ALANINE         ? 'C3 H7 N O2'     89.093  
ARG 'L-peptide linking' y ARGININE        ? 'C6 H15 N4 O2 1' 175.209 
ASN 'L-peptide linking' y ASPARAGINE      ? 'C4 H8 N2 O3'    132.118 
ASP 'L-peptide linking' y 'ASPARTIC ACID' ? 'C4 H7 N O4'     133.103 
CYS 'L-peptide linking' y CYSTEINE        ? 'C3 H7 N O2 S'   121.158 
GLN 'L-peptide linking' y GLUTAMINE       ? 'C5 H10 N2 O3'   146.144 
GLU 'L-peptide linking' y 'GLUTAMIC ACID' ? 'C5 H9 N O4'     147.129 
GLY 'peptide linking'   y GLYCINE         ? 'C2 H5 N O2'     75.067  
HIS 'L-peptide linking' y HISTIDINE       ? 'C6 H10 N3 O2 1' 156.162 
HOH non-polymer         . WATER           ? 'H2 O'           18.015  
ILE 'L-peptide linking' y ISOLEUCINE      ? 'C6 H13 N O2'    131.173 
LEU 'L-peptide linking' y LEUCINE         ? 'C6 H13 N O2'    131.173 
LYS 'L-peptide linking' y LYSINE          ? 'C6 H15 N2 O2 1' 147.195 
MET 'L-peptide linking' y METHIONINE      ? 'C5 H11 N O2 S'  149.211 
PHE 'L-peptide linking' y PHENYLALANINE   ? 'C9 H11 N O2'    165.189 
PRO 'L-peptide linking' y PROLINE         ? 'C5 H9 N O2'     115.130 
SER 'L-peptide linking' y SERINE          ? 'C3 H7 N O3'     105.093 
THR 'L-peptide linking' y THREONINE       ? 'C4 H9 N O3'     119.119 
TRP 'L-peptide linking' y TRYPTOPHAN      ? 'C11 H12 N2 O2'  204.225 
TYR 'L-peptide linking' y TYROSINE        ? 'C9 H11 N O3'    181.189 
VAL 'L-peptide linking' y VALINE          ? 'C5 H11 N O2'    117.146 
# 
loop_
_pdbx_poly_seq_scheme.asym_id 
_pdbx_poly_seq_scheme.entity_id 
_pdbx_poly_seq_scheme.seq_id 
_pdbx_poly_seq_scheme.mon_id 
_pdbx_poly_seq_scheme.ndb_seq_num 
_pdbx_poly_seq_scheme.pdb_seq_num 
_pdbx_poly_seq_scheme.auth_seq_num 
_pdbx_poly_seq_scheme.pdb_mon_id 
_pdbx_poly_seq_scheme.auth_mon_id 
_pdbx_poly_seq_scheme.pdb_strand_id 
_pdbx_poly_seq_scheme.pdb_ins_code 
_pdbx_poly_seq_scheme.hetero 
A 1 1   SER 1   1   1   SER SER A . n 
A 1 2   LEU 2   2   2   LEU LEU A . n 
A 1 3   LEU 3   3   3   LEU LEU A . n 
A 1 4   GLU 4   4   4   GLU GLU A . n 
A 1 5   PHE 5   5   5   PHE PHE A . n 
A 1 6   GLY 6   6   6   GLY GLY A . n 
A 1 7   LYS 7   7   7   LYS LYS A . n 
A 1 8   MET 8   8   8   MET MET A . n 
A 1 9   ILE 9   9   9   ILE ILE A . n 
A 1 10  LEU 10  10  10  LEU LEU A . n 
A 1 11  GLU 11  11  11  GLU GLU A . n 
A 1 12  GLU 12  12  12  GLU GLU A . n 
A 1 13  THR 13  13  13  THR THR A . n 
A 1 14  GLY 14  14  14  GLY GLY A . n 
A 1 15  LYS 15  16  16  LYS LYS A . n 
A 1 16  LEU 16  17  17  LEU LEU A . n 
A 1 17  ALA 17  18  18  ALA ALA A . n 
A 1 18  ILE 18  19  19  ILE ILE A . n 
A 1 19  PRO 19  20  20  PRO PRO A . n 
A 1 20  SER 20  21  21  SER SER A . n 
A 1 21  TYR 21  22  22  TYR TYR A . n 
A 1 22  SER 22  23  23  SER SER A . n 
A 1 23  SER 23  24  24  SER SER A . n 
A 1 24  TYR 24  25  25  TYR TYR A . n 
A 1 25  GLY 25  26  26  GLY GLY A . n 
A 1 26  CYS 26  27  27  CYS CYS A . n 
A 1 27  TYR 27  28  28  TYR TYR A . n 
A 1 28  CYS 28  29  29  CYS CYS A . n 
A 1 29  GLY 29  30  30  GLY GLY A . n 
A 1 30  TRP 30  31  31  TRP TRP A . n 
A 1 31  GLY 31  32  32  GLY GLY A . n 
A 1 32  GLY 32  33  33  GLY GLY A . n 
A 1 33  LYS 33  34  34  LYS LYS A . n 
A 1 34  GLY 34  35  35  GLY GLY A . n 
A 1 35  THR 35  36  36  THR THR A . n 
A 1 36  PRO 36  37  37  PRO PRO A . n 
A 1 37  LYS 37  38  38  LYS LYS A . n 
A 1 38  ASP 38  39  39  ASP ASP A . n 
A 1 39  ALA 39  40  40  ALA ALA A . n 
A 1 40  THR 40  41  41  THR THR A . n 
A 1 41  ASP 41  42  42  ASP ASP A . n 
A 1 42  ARG 42  43  43  ARG ARG A . n 
A 1 43  CYS 43  44  44  CYS CYS A . n 
A 1 44  CYS 44  45  45  CYS CYS A . n 
A 1 45  PHE 45  46  46  PHE PHE A . n 
A 1 46  VAL 46  47  47  VAL VAL A . n 
A 1 47  HIS 47  48  48  HIS HIS A . n 
A 1 48  ASP 48  49  49  ASP ASP A . n 
A 1 49  CYS 49  50  50  CYS CYS A . n 
A 1 50  CYS 50  51  51  CYS CYS A . n 
A 1 51  TYR 51  52  52  TYR TYR A . n 
A 1 52  GLY 52  53  53  GLY GLY A . n 
A 1 53  ASN 53  54  54  ASN ASN A . n 
A 1 54  LEU 54  55  55  LEU LEU A . n 
A 1 55  PRO 55  56  56  PRO PRO A . n 
A 1 56  ASP 56  59  59  ASP ASP A . n 
A 1 57  CYS 57  61  61  CYS CYS A . n 
A 1 58  ASN 58  67  67  ASN ASN A . n 
A 1 59  PRO 59  68  68  PRO PRO A . n 
A 1 60  LYS 60  69  69  LYS LYS A . n 
A 1 61  SER 61  70  70  SER SER A . n 
A 1 62  ASP 62  71  71  ASP ASP A . n 
A 1 63  ARG 63  72  72  ARG ARG A . n 
A 1 64  TYR 64  73  73  TYR TYR A . n 
A 1 65  LYS 65  74  74  LYS LYS A . n 
A 1 66  TYR 66  75  75  TYR TYR A . n 
A 1 67  LYS 67  76  76  LYS LYS A . n 
A 1 68  ARG 68  77  77  ARG ARG A . n 
A 1 69  VAL 69  78  78  VAL VAL A . n 
A 1 70  ASN 70  79  79  ASN ASN A . n 
A 1 71  GLY 71  80  80  GLY GLY A . n 
A 1 72  ALA 72  81  81  ALA ALA A . n 
A 1 73  ILE 73  82  82  ILE ILE A . n 
A 1 74  VAL 74  83  83  VAL VAL A . n 
A 1 75  CYS 75  84  84  CYS CYS A . n 
A 1 76  GLU 76  85  85  GLU GLU A . n 
A 1 77  LYS 77  86  86  LYS LYS A . n 
A 1 78  GLY 78  88  88  GLY GLY A . n 
A 1 79  THR 79  89  89  THR THR A . n 
A 1 80  SER 80  90  90  SER SER A . n 
A 1 81  CYS 81  91  91  CYS CYS A . n 
A 1 82  GLU 82  92  92  GLU GLU A . n 
A 1 83  ASN 83  93  93  ASN ASN A . n 
A 1 84  ARG 84  94  94  ARG ARG A . n 
A 1 85  ILE 85  95  95  ILE ILE A . n 
A 1 86  CYS 86  96  96  CYS CYS A . n 
A 1 87  GLU 87  97  97  GLU GLU A . n 
A 1 88  CYS 88  98  98  CYS CYS A . n 
A 1 89  ASP 89  99  99  ASP ASP A . n 
A 1 90  LYS 90  100 100 LYS LYS A . n 
A 1 91  ALA 91  101 101 ALA ALA A . n 
A 1 92  ALA 92  102 102 ALA ALA A . n 
A 1 93  ALA 93  103 103 ALA ALA A . n 
A 1 94  ILE 94  104 104 ILE ILE A . n 
A 1 95  CYS 95  105 105 CYS CYS A . n 
A 1 96  PHE 96  106 106 PHE PHE A . n 
A 1 97  ARG 97  107 107 ARG ARG A . n 
A 1 98  GLN 98  108 108 GLN GLN A . n 
A 1 99  ASN 99  109 109 ASN ASN A . n 
A 1 100 LEU 100 110 110 LEU LEU A . n 
A 1 101 ASN 101 111 111 ASN ASN A . n 
A 1 102 THR 102 112 112 THR THR A . n 
A 1 103 TYR 103 113 113 TYR TYR A . n 
A 1 104 SER 104 114 114 SER SER A . n 
A 1 105 LYS 105 115 115 LYS LYS A . n 
A 1 106 LYS 106 116 116 LYS LYS A . n 
A 1 107 TYR 107 117 117 TYR TYR A . n 
A 1 108 MET 108 118 118 MET MET A . n 
A 1 109 LEU 109 119 119 LEU LEU A . n 
A 1 110 TYR 110 120 120 TYR TYR A . n 
A 1 111 PRO 111 121 121 PRO PRO A . n 
A 1 112 ASP 112 122 122 ASP ASP A . n 
A 1 113 PHE 113 124 124 PHE PHE A . n 
A 1 114 LEU 114 125 125 LEU LEU A . n 
A 1 115 CYS 115 126 126 CYS CYS A . n 
A 1 116 LYS 116 127 127 LYS LYS A . n 
A 1 117 GLY 117 128 128 GLY GLY A . n 
A 1 118 GLU 118 129 129 GLU GLU A . n 
A 1 119 LEU 119 130 130 LEU LEU A . n 
A 1 120 LYS 120 131 131 LYS LYS A . n 
A 1 121 CYS 121 133 133 CYS CYS A . n 
B 2 1   ALA 1   1   1   ALA ALA P . n 
B 2 2   VAL 2   2   2   VAL VAL P . n 
B 2 3   TYR 3   3   3   TYR TYR P . n 
B 2 4   SER 4   4   4   SER SER P . n 
# 
loop_
_pdbx_nonpoly_scheme.asym_id 
_pdbx_nonpoly_scheme.entity_id 
_pdbx_nonpoly_scheme.mon_id 
_pdbx_nonpoly_scheme.ndb_seq_num 
_pdbx_nonpoly_scheme.pdb_seq_num 
_pdbx_nonpoly_scheme.auth_seq_num 
_pdbx_nonpoly_scheme.pdb_mon_id 
_pdbx_nonpoly_scheme.auth_mon_id 
_pdbx_nonpoly_scheme.pdb_strand_id 
_pdbx_nonpoly_scheme.pdb_ins_code 
C 3 ACT 1  1209 1209 ACT ACT A . 
D 3 ACT 1  1210 1210 ACT ACT A . 
E 4 HOH 1  1211 1    HOH HOH A . 
E 4 HOH 2  1212 2    HOH HOH A . 
E 4 HOH 3  1213 3    HOH HOH A . 
E 4 HOH 4  1214 4    HOH HOH A . 
E 4 HOH 5  1215 5    HOH HOH A . 
E 4 HOH 6  1216 6    HOH HOH A . 
E 4 HOH 7  1217 7    HOH HOH A . 
E 4 HOH 8  1218 8    HOH HOH A . 
E 4 HOH 9  1219 9    HOH HOH A . 
E 4 HOH 10 1220 10   HOH HOH A . 
E 4 HOH 11 1221 11   HOH HOH A . 
E 4 HOH 12 1222 12   HOH HOH A . 
E 4 HOH 13 1223 13   HOH HOH A . 
E 4 HOH 14 1224 14   HOH HOH A . 
E 4 HOH 15 1225 15   HOH HOH A . 
E 4 HOH 16 1226 16   HOH HOH A . 
E 4 HOH 17 1227 17   HOH HOH A . 
E 4 HOH 18 1228 18   HOH HOH A . 
E 4 HOH 19 1229 19   HOH HOH A . 
E 4 HOH 20 1230 20   HOH HOH A . 
E 4 HOH 21 1231 21   HOH HOH A . 
E 4 HOH 22 1232 22   HOH HOH A . 
E 4 HOH 23 1233 23   HOH HOH A . 
E 4 HOH 24 1234 25   HOH HOH A . 
E 4 HOH 25 1235 26   HOH HOH A . 
E 4 HOH 26 1236 27   HOH HOH A . 
E 4 HOH 27 1237 28   HOH HOH A . 
E 4 HOH 28 1238 29   HOH HOH A . 
E 4 HOH 29 1239 30   HOH HOH A . 
E 4 HOH 30 1240 31   HOH HOH A . 
E 4 HOH 31 1241 32   HOH HOH A . 
E 4 HOH 32 1242 33   HOH HOH A . 
E 4 HOH 33 1243 34   HOH HOH A . 
E 4 HOH 34 1244 35   HOH HOH A . 
E 4 HOH 35 1245 36   HOH HOH A . 
E 4 HOH 36 1246 37   HOH HOH A . 
E 4 HOH 37 1247 38   HOH HOH A . 
E 4 HOH 38 1248 39   HOH HOH A . 
E 4 HOH 39 1249 40   HOH HOH A . 
E 4 HOH 40 1250 41   HOH HOH A . 
E 4 HOH 41 1251 42   HOH HOH A . 
E 4 HOH 42 1252 43   HOH HOH A . 
E 4 HOH 43 1253 44   HOH HOH A . 
E 4 HOH 44 1254 45   HOH HOH A . 
E 4 HOH 45 1255 46   HOH HOH A . 
E 4 HOH 46 1256 47   HOH HOH A . 
E 4 HOH 47 1257 48   HOH HOH A . 
E 4 HOH 48 1258 49   HOH HOH A . 
E 4 HOH 49 1259 50   HOH HOH A . 
E 4 HOH 50 1260 51   HOH HOH A . 
E 4 HOH 51 1261 52   HOH HOH A . 
E 4 HOH 52 1262 53   HOH HOH A . 
E 4 HOH 53 1263 54   HOH HOH A . 
E 4 HOH 54 1264 55   HOH HOH A . 
E 4 HOH 55 1265 56   HOH HOH A . 
E 4 HOH 56 1266 57   HOH HOH A . 
E 4 HOH 57 1267 58   HOH HOH A . 
E 4 HOH 58 1268 59   HOH HOH A . 
E 4 HOH 59 1269 60   HOH HOH A . 
E 4 HOH 60 1270 61   HOH HOH A . 
E 4 HOH 61 1271 62   HOH HOH A . 
E 4 HOH 62 1272 63   HOH HOH A . 
E 4 HOH 63 1273 64   HOH HOH A . 
E 4 HOH 64 1274 65   HOH HOH A . 
E 4 HOH 65 1275 66   HOH HOH A . 
E 4 HOH 66 1276 67   HOH HOH A . 
E 4 HOH 67 1277 68   HOH HOH A . 
E 4 HOH 68 1278 69   HOH HOH A . 
E 4 HOH 69 1279 70   HOH HOH A . 
E 4 HOH 70 1280 71   HOH HOH A . 
E 4 HOH 71 1281 73   HOH HOH A . 
E 4 HOH 72 1282 74   HOH HOH A . 
E 4 HOH 73 1283 75   HOH HOH A . 
E 4 HOH 74 1284 76   HOH HOH A . 
E 4 HOH 75 1285 77   HOH HOH A . 
E 4 HOH 76 1286 78   HOH HOH A . 
E 4 HOH 77 1287 79   HOH HOH A . 
E 4 HOH 78 1288 80   HOH HOH A . 
E 4 HOH 79 1289 81   HOH HOH A . 
E 4 HOH 80 1290 82   HOH HOH A . 
E 4 HOH 81 1291 83   HOH HOH A . 
E 4 HOH 82 1292 84   HOH HOH A . 
E 4 HOH 83 1293 85   HOH HOH A . 
E 4 HOH 84 1294 86   HOH HOH A . 
E 4 HOH 85 1295 87   HOH HOH A . 
E 4 HOH 86 1296 88   HOH HOH A . 
E 4 HOH 87 1297 89   HOH HOH A . 
E 4 HOH 88 1298 90   HOH HOH A . 
E 4 HOH 89 1299 91   HOH HOH A . 
E 4 HOH 90 1300 92   HOH HOH A . 
E 4 HOH 91 1301 93   HOH HOH A . 
E 4 HOH 92 1302 94   HOH HOH A . 
E 4 HOH 93 1303 95   HOH HOH A . 
F 4 HOH 1  24   24   HOH HOH P . 
F 4 HOH 2  72   72   HOH HOH P . 
F 4 HOH 3  96   96   HOH HOH P . 
F 4 HOH 4  97   97   HOH HOH P . 
# 
loop_
_software.name 
_software.classification 
_software.version 
_software.citation_id 
_software.pdbx_ordinal 
REFMAC    refinement        5.0    ? 1 
MAR345    'data collection' 345DTB ? 2 
DENZO     'data reduction'  .      ? 3 
SCALEPACK 'data scaling'    .      ? 4 
AMoRE     phasing           .      ? 5 
# 
_cell.entry_id           2PB8 
_cell.length_a           53.087 
_cell.length_b           53.087 
_cell.length_c           48.364 
_cell.angle_alpha        90.00 
_cell.angle_beta         90.00 
_cell.angle_gamma        90.00 
_cell.Z_PDB              4 
_cell.pdbx_unique_axis   ? 
_cell.length_a_esd       ? 
_cell.length_b_esd       ? 
_cell.length_c_esd       ? 
_cell.angle_alpha_esd    ? 
_cell.angle_beta_esd     ? 
_cell.angle_gamma_esd    ? 
# 
_symmetry.entry_id                         2PB8 
_symmetry.space_group_name_H-M             'P 43' 
_symmetry.pdbx_full_space_group_name_H-M   ? 
_symmetry.cell_setting                     ? 
_symmetry.Int_Tables_number                78 
_symmetry.space_group_name_Hall            ? 
# 
_exptl.entry_id          2PB8 
_exptl.method            'X-RAY DIFFRACTION' 
_exptl.crystals_number   1 
# 
_exptl_crystal.id                    1 
_exptl_crystal.density_meas          ? 
_exptl_crystal.density_Matthews      2.42 
_exptl_crystal.density_percent_sol   49.20 
_exptl_crystal.description           ? 
_exptl_crystal.F_000                 ? 
_exptl_crystal.preparation           ? 
# 
_exptl_crystal_grow.crystal_id      1 
_exptl_crystal_grow.method          'VAPOR DIFFUSION, HANGING DROP' 
_exptl_crystal_grow.temp            298 
_exptl_crystal_grow.temp_details    ? 
_exptl_crystal_grow.pH              5.8 
_exptl_crystal_grow.pdbx_details    'Acetate, 30% PEG4000, pH 5.8, VAPOR DIFFUSION, HANGING DROP, temperature 298K' 
_exptl_crystal_grow.pdbx_pH_range   . 
# 
_diffrn.id                     1 
_diffrn.ambient_temp           292 
_diffrn.ambient_temp_details   ? 
_diffrn.crystal_id             1 
# 
_diffrn_detector.diffrn_id              1 
_diffrn_detector.detector               'IMAGE PLATE' 
_diffrn_detector.type                   'MAR scanner 345 mm plate' 
_diffrn_detector.pdbx_collection_date   2007-03-10 
_diffrn_detector.details                Mirror 
# 
_diffrn_radiation.diffrn_id                        1 
_diffrn_radiation.wavelength_id                    1 
_diffrn_radiation.pdbx_monochromatic_or_laue_m_l   M 
_diffrn_radiation.monochromator                    graphite 
_diffrn_radiation.pdbx_diffrn_protocol             'SINGLE WAVELENGTH' 
_diffrn_radiation.pdbx_scattering_type             x-ray 
# 
_diffrn_radiation_wavelength.id           1 
_diffrn_radiation_wavelength.wavelength   1.54132 
_diffrn_radiation_wavelength.wt           1.0 
# 
_diffrn_source.diffrn_id                   1 
_diffrn_source.source                      'ROTATING ANODE' 
_diffrn_source.type                        'RIGAKU RU300' 
_diffrn_source.pdbx_synchrotron_site       ? 
_diffrn_source.pdbx_synchrotron_beamline   ? 
_diffrn_source.pdbx_wavelength             ? 
_diffrn_source.pdbx_wavelength_list        1.54132 
# 
_reflns.entry_id                     2PB8 
_reflns.observed_criterion_sigma_F   0 
_reflns.observed_criterion_sigma_I   0 
_reflns.d_resolution_high            2.0 
_reflns.d_resolution_low             53.45 
_reflns.number_all                   8734 
_reflns.number_obs                   8317 
_reflns.percent_possible_obs         98.3 
_reflns.pdbx_Rmerge_I_obs            ? 
_reflns.pdbx_Rsym_value              ? 
_reflns.pdbx_netI_over_sigmaI        ? 
_reflns.B_iso_Wilson_estimate        ? 
_reflns.pdbx_redundancy              ? 
_reflns.R_free_details               ? 
_reflns.limit_h_max                  ? 
_reflns.limit_h_min                  ? 
_reflns.limit_k_max                  ? 
_reflns.limit_k_min                  ? 
_reflns.limit_l_max                  ? 
_reflns.limit_l_min                  ? 
_reflns.observed_criterion_F_max     ? 
_reflns.observed_criterion_F_min     ? 
_reflns.pdbx_chi_squared             ? 
_reflns.pdbx_scaling_rejects         ? 
_reflns.pdbx_diffrn_id               1 
_reflns.pdbx_ordinal                 1 
# 
_reflns_shell.d_res_high             2.0 
_reflns_shell.d_res_low              2.07 
_reflns_shell.percent_possible_all   90.2 
_reflns_shell.Rmerge_I_obs           ? 
_reflns_shell.pdbx_Rsym_value        ? 
_reflns_shell.meanI_over_sigI_obs    ? 
_reflns_shell.pdbx_redundancy        ? 
_reflns_shell.percent_possible_obs   ? 
_reflns_shell.number_unique_all      ? 
_reflns_shell.number_measured_all    ? 
_reflns_shell.number_measured_obs    ? 
_reflns_shell.number_unique_obs      ? 
_reflns_shell.pdbx_chi_squared       ? 
_reflns_shell.pdbx_diffrn_id         ? 
_reflns_shell.pdbx_ordinal           1 
# 
_refine.entry_id                                 2PB8 
_refine.ls_number_reflns_obs                     8317 
_refine.ls_number_reflns_all                     8734 
_refine.pdbx_ls_sigma_I                          0 
_refine.pdbx_ls_sigma_F                          0 
_refine.pdbx_data_cutoff_high_absF               ? 
_refine.pdbx_data_cutoff_low_absF                ? 
_refine.pdbx_data_cutoff_high_rms_absF           ? 
_refine.ls_d_res_low                             53.45 
_refine.ls_d_res_high                            2.00 
_refine.ls_percent_reflns_obs                    94.84 
_refine.ls_R_factor_obs                          0.17924 
_refine.ls_R_factor_all                          0.19 
_refine.ls_R_factor_R_work                       0.17716 
_refine.ls_R_factor_R_free                       0.21804 
_refine.ls_R_factor_R_free_error                 ? 
_refine.ls_R_factor_R_free_error_details         ? 
_refine.ls_percent_reflns_R_free                 4.8 
_refine.ls_number_reflns_R_free                  415 
_refine.ls_number_parameters                     ? 
_refine.ls_number_restraints                     ? 
_refine.occupancy_min                            ? 
_refine.occupancy_max                            ? 
_refine.correlation_coeff_Fo_to_Fc               0.952 
_refine.correlation_coeff_Fo_to_Fc_free          0.935 
_refine.B_iso_mean                               31.964 
_refine.aniso_B[1][1]                            0.45 
_refine.aniso_B[2][2]                            0.45 
_refine.aniso_B[3][3]                            -0.90 
_refine.aniso_B[1][2]                            0.00 
_refine.aniso_B[1][3]                            0.00 
_refine.aniso_B[2][3]                            0.00 
_refine.solvent_model_details                    'BABINET MODEL WITH MASK' 
_refine.solvent_model_param_ksol                 ? 
_refine.solvent_model_param_bsol                 ? 
_refine.pdbx_solvent_vdw_probe_radii             1.40 
_refine.pdbx_solvent_ion_probe_radii             0.80 
_refine.pdbx_solvent_shrinkage_radii             0.80 
_refine.pdbx_ls_cross_valid_method               THROUGHOUT 
_refine.details                                  'HYDROGENS HAVE BEEN ADDED IN THE RIDING POSITIONS' 
_refine.pdbx_starting_model                      1SV3 
_refine.pdbx_method_to_determine_struct          'MOLECULAR REPLACEMENT' 
_refine.pdbx_isotropic_thermal_model             ? 
_refine.pdbx_stereochemistry_target_values       'MAXIMUM LIKELIHOOD' 
_refine.pdbx_stereochem_target_val_spec_case     ? 
_refine.pdbx_R_Free_selection_details            RANDOM 
_refine.pdbx_overall_ESU_R                       0.190 
_refine.pdbx_overall_ESU_R_Free                  0.166 
_refine.overall_SU_ML                            0.126 
_refine.overall_SU_B                             4.484 
_refine.ls_redundancy_reflns_obs                 ? 
_refine.B_iso_min                                ? 
_refine.B_iso_max                                ? 
_refine.overall_SU_R_Cruickshank_DPI             ? 
_refine.overall_SU_R_free                        ? 
_refine.ls_wR_factor_R_free                      ? 
_refine.ls_wR_factor_R_work                      ? 
_refine.overall_FOM_free_R_set                   ? 
_refine.overall_FOM_work_R_set                   ? 
_refine.pdbx_refine_id                           'X-RAY DIFFRACTION' 
_refine.pdbx_diffrn_id                           1 
_refine.pdbx_TLS_residual_ADP_flag               ? 
_refine.pdbx_overall_phase_error                 ? 
_refine.pdbx_overall_SU_R_free_Cruickshank_DPI   ? 
_refine.pdbx_overall_SU_R_Blow_DPI               ? 
_refine.pdbx_overall_SU_R_free_Blow_DPI          ? 
# 
_refine_hist.pdbx_refine_id                   'X-RAY DIFFRACTION' 
_refine_hist.cycle_id                         LAST 
_refine_hist.pdbx_number_atoms_protein        974 
_refine_hist.pdbx_number_atoms_nucleic_acid   0 
_refine_hist.pdbx_number_atoms_ligand         8 
_refine_hist.number_atoms_solvent             97 
_refine_hist.number_atoms_total               1079 
_refine_hist.d_res_high                       2.00 
_refine_hist.d_res_low                        53.45 
# 
loop_
_refine_ls_restr.type 
_refine_ls_restr.dev_ideal 
_refine_ls_restr.dev_ideal_target 
_refine_ls_restr.weight 
_refine_ls_restr.number 
_refine_ls_restr.pdbx_refine_id 
_refine_ls_restr.pdbx_restraint_function 
r_bond_refined_d             0.015  0.021  ? 1000 'X-RAY DIFFRACTION' ? 
r_bond_other_d               ?      ?      ? ?    'X-RAY DIFFRACTION' ? 
r_angle_refined_deg          1.849  1.993  ? 1332 'X-RAY DIFFRACTION' ? 
r_angle_other_deg            ?      ?      ? ?    'X-RAY DIFFRACTION' ? 
r_dihedral_angle_1_deg       4.417  3.000  ? 116  'X-RAY DIFFRACTION' ? 
r_dihedral_angle_2_deg       ?      ?      ? ?    'X-RAY DIFFRACTION' ? 
r_dihedral_angle_3_deg       19.765 15.000 ? 183  'X-RAY DIFFRACTION' ? 
r_dihedral_angle_4_deg       ?      ?      ? ?    'X-RAY DIFFRACTION' ? 
r_chiral_restr               0.103  0.200  ? 137  'X-RAY DIFFRACTION' ? 
r_gen_planes_refined         0.007  0.020  ? 729  'X-RAY DIFFRACTION' ? 
r_gen_planes_other           ?      ?      ? ?    'X-RAY DIFFRACTION' ? 
r_nbd_refined                0.354  0.300  ? 481  'X-RAY DIFFRACTION' ? 
r_nbd_other                  ?      ?      ? ?    'X-RAY DIFFRACTION' ? 
r_nbtor_refined              ?      ?      ? ?    'X-RAY DIFFRACTION' ? 
r_nbtor_other                ?      ?      ? ?    'X-RAY DIFFRACTION' ? 
r_xyhbond_nbd_refined        0.212  0.500  ? 102  'X-RAY DIFFRACTION' ? 
r_xyhbond_nbd_other          ?      ?      ? ?    'X-RAY DIFFRACTION' ? 
r_metal_ion_refined          ?      ?      ? ?    'X-RAY DIFFRACTION' ? 
r_metal_ion_other            ?      ?      ? ?    'X-RAY DIFFRACTION' ? 
r_symmetry_vdw_refined       0.271  0.300  ? 37   'X-RAY DIFFRACTION' ? 
r_symmetry_vdw_other         ?      ?      ? ?    'X-RAY DIFFRACTION' ? 
r_symmetry_hbond_refined     0.210  0.500  ? 10   'X-RAY DIFFRACTION' ? 
r_symmetry_hbond_other       ?      ?      ? ?    'X-RAY DIFFRACTION' ? 
r_symmetry_metal_ion_refined ?      ?      ? ?    'X-RAY DIFFRACTION' ? 
r_symmetry_metal_ion_other   ?      ?      ? ?    'X-RAY DIFFRACTION' ? 
r_mcbond_it                  1.066  1.500  ? 617  'X-RAY DIFFRACTION' ? 
r_mcbond_other               ?      ?      ? ?    'X-RAY DIFFRACTION' ? 
r_mcangle_it                 1.980  2.000  ? 967  'X-RAY DIFFRACTION' ? 
r_scbond_it                  2.748  3.000  ? 383  'X-RAY DIFFRACTION' ? 
r_scangle_it                 4.425  4.500  ? 365  'X-RAY DIFFRACTION' ? 
r_rigid_bond_restr           ?      ?      ? ?    'X-RAY DIFFRACTION' ? 
r_sphericity_free            ?      ?      ? ?    'X-RAY DIFFRACTION' ? 
r_sphericity_bonded          ?      ?      ? ?    'X-RAY DIFFRACTION' ? 
# 
_refine_ls_shell.pdbx_total_number_of_bins_used   20 
_refine_ls_shell.d_res_high                       2.000 
_refine_ls_shell.d_res_low                        2.052 
_refine_ls_shell.number_reflns_R_work             547 
_refine_ls_shell.R_factor_R_work                  0.245 
_refine_ls_shell.percent_reflns_obs               ? 
_refine_ls_shell.R_factor_R_free                  0.27 
_refine_ls_shell.R_factor_R_free_error            ? 
_refine_ls_shell.percent_reflns_R_free            ? 
_refine_ls_shell.number_reflns_R_free             23 
_refine_ls_shell.number_reflns_all                ? 
_refine_ls_shell.R_factor_all                     ? 
_refine_ls_shell.number_reflns_obs                ? 
_refine_ls_shell.redundancy_reflns_obs            ? 
_refine_ls_shell.pdbx_refine_id                   'X-RAY DIFFRACTION' 
# 
_struct.entry_id                  2PB8 
_struct.title                     
'Crystal structure of the complex formed between phospholipase A2 and peptide Ala-Val-Tyr-Ser at 2.0 A resolution' 
_struct.pdbx_model_details        ? 
_struct.pdbx_CASP_flag            ? 
_struct.pdbx_model_type_details   ? 
# 
_struct_keywords.entry_id        2PB8 
_struct_keywords.pdbx_keywords   HYDROLASE 
_struct_keywords.text            'Inhibitor, HYDROLASE' 
# 
loop_
_struct_asym.id 
_struct_asym.pdbx_blank_PDB_chainid_flag 
_struct_asym.pdbx_modified 
_struct_asym.entity_id 
_struct_asym.details 
A N N 1 ? 
B N N 2 ? 
C N N 3 ? 
D N N 3 ? 
E N N 4 ? 
F N N 4 ? 
# 
loop_
_struct_ref.id 
_struct_ref.db_name 
_struct_ref.db_code 
_struct_ref.pdbx_db_accession 
_struct_ref.entity_id 
_struct_ref.pdbx_seq_one_letter_code 
_struct_ref.pdbx_align_begin 
_struct_ref.pdbx_db_isoform 
1 UNP PA28_DABRP P59071 1 
;SLLEFGKMILEETGKLAIPSYSSYGCYCGWGGKGTPKDATDRCCFVHDCCYGNLPDCNPKSDRYKYKRVNGAIVCEKGTS
CENRICECDKAAAICFRQNLNTYSKKYMLYPDFLCKGELKC
;
1 ? 
2 PDB 2PB8       2PB8   2 ? ? ? 
# 
loop_
_struct_ref_seq.align_id 
_struct_ref_seq.ref_id 
_struct_ref_seq.pdbx_PDB_id_code 
_struct_ref_seq.pdbx_strand_id 
_struct_ref_seq.seq_align_beg 
_struct_ref_seq.pdbx_seq_align_beg_ins_code 
_struct_ref_seq.seq_align_end 
_struct_ref_seq.pdbx_seq_align_end_ins_code 
_struct_ref_seq.pdbx_db_accession 
_struct_ref_seq.db_align_beg 
_struct_ref_seq.pdbx_db_align_beg_ins_code 
_struct_ref_seq.db_align_end 
_struct_ref_seq.pdbx_db_align_end_ins_code 
_struct_ref_seq.pdbx_auth_seq_align_beg 
_struct_ref_seq.pdbx_auth_seq_align_end 
1 1 2PB8 A 1 ? 121 ? P59071 1 ? 121 ? 1 133 
2 2 2PB8 P 1 ? 4   ? 2PB8   1 ? 4   ? 1 4   
# 
_pdbx_struct_assembly.id                   1 
_pdbx_struct_assembly.details              author_and_software_defined_assembly 
_pdbx_struct_assembly.method_details       PISA 
_pdbx_struct_assembly.oligomeric_details   dimeric 
_pdbx_struct_assembly.oligomeric_count     2 
# 
loop_
_pdbx_struct_assembly_prop.biol_id 
_pdbx_struct_assembly_prop.type 
_pdbx_struct_assembly_prop.value 
_pdbx_struct_assembly_prop.details 
1 'ABSA (A^2)' 920  ? 
1 MORE         -8   ? 
1 'SSA (A^2)'  7480 ? 
# 
_pdbx_struct_assembly_gen.assembly_id       1 
_pdbx_struct_assembly_gen.oper_expression   1 
_pdbx_struct_assembly_gen.asym_id_list      A,B,C,D,E,F 
# 
_pdbx_struct_oper_list.id                   1 
_pdbx_struct_oper_list.type                 'identity operation' 
_pdbx_struct_oper_list.name                 1_555 
_pdbx_struct_oper_list.symmetry_operation   x,y,z 
_pdbx_struct_oper_list.matrix[1][1]         1.0000000000 
_pdbx_struct_oper_list.matrix[1][2]         0.0000000000 
_pdbx_struct_oper_list.matrix[1][3]         0.0000000000 
_pdbx_struct_oper_list.vector[1]            0.0000000000 
_pdbx_struct_oper_list.matrix[2][1]         0.0000000000 
_pdbx_struct_oper_list.matrix[2][2]         1.0000000000 
_pdbx_struct_oper_list.matrix[2][3]         0.0000000000 
_pdbx_struct_oper_list.vector[2]            0.0000000000 
_pdbx_struct_oper_list.matrix[3][1]         0.0000000000 
_pdbx_struct_oper_list.matrix[3][2]         0.0000000000 
_pdbx_struct_oper_list.matrix[3][3]         1.0000000000 
_pdbx_struct_oper_list.vector[3]            0.0000000000 
# 
loop_
_struct_conf.conf_type_id 
_struct_conf.id 
_struct_conf.pdbx_PDB_helix_id 
_struct_conf.beg_label_comp_id 
_struct_conf.beg_label_asym_id 
_struct_conf.beg_label_seq_id 
_struct_conf.pdbx_beg_PDB_ins_code 
_struct_conf.end_label_comp_id 
_struct_conf.end_label_asym_id 
_struct_conf.end_label_seq_id 
_struct_conf.pdbx_end_PDB_ins_code 
_struct_conf.beg_auth_comp_id 
_struct_conf.beg_auth_asym_id 
_struct_conf.beg_auth_seq_id 
_struct_conf.end_auth_comp_id 
_struct_conf.end_auth_asym_id 
_struct_conf.end_auth_seq_id 
_struct_conf.pdbx_PDB_helix_class 
_struct_conf.details 
_struct_conf.pdbx_PDB_helix_length 
HELX_P HELX_P1 1 SER A 1   ? GLY A 14  ? SER A 1   GLY A 14  1 ? 14 
HELX_P HELX_P2 2 LEU A 16  ? TYR A 21  ? LEU A 17  TYR A 22  1 ? 6  
HELX_P HELX_P3 3 ASP A 38  ? ASN A 53  ? ASP A 39  ASN A 54  1 ? 16 
HELX_P HELX_P4 4 THR A 79  ? LEU A 100 ? THR A 89  LEU A 110 1 ? 22 
HELX_P HELX_P5 5 ASN A 101 ? TYR A 103 ? ASN A 111 TYR A 113 5 ? 3  
HELX_P HELX_P6 6 SER A 104 ? MET A 108 ? SER A 114 MET A 118 5 ? 5  
HELX_P HELX_P7 7 PRO A 111 ? CYS A 115 ? PRO A 121 CYS A 126 5 ? 5  
# 
_struct_conf_type.id          HELX_P 
_struct_conf_type.criteria    ? 
_struct_conf_type.reference   ? 
# 
loop_
_struct_conn.id 
_struct_conn.conn_type_id 
_struct_conn.pdbx_leaving_atom_flag 
_struct_conn.pdbx_PDB_id 
_struct_conn.ptnr1_label_asym_id 
_struct_conn.ptnr1_label_comp_id 
_struct_conn.ptnr1_label_seq_id 
_struct_conn.ptnr1_label_atom_id 
_struct_conn.pdbx_ptnr1_label_alt_id 
_struct_conn.pdbx_ptnr1_PDB_ins_code 
_struct_conn.pdbx_ptnr1_standard_comp_id 
_struct_conn.ptnr1_symmetry 
_struct_conn.ptnr2_label_asym_id 
_struct_conn.ptnr2_label_comp_id 
_struct_conn.ptnr2_label_seq_id 
_struct_conn.ptnr2_label_atom_id 
_struct_conn.pdbx_ptnr2_label_alt_id 
_struct_conn.pdbx_ptnr2_PDB_ins_code 
_struct_conn.ptnr1_auth_asym_id 
_struct_conn.ptnr1_auth_comp_id 
_struct_conn.ptnr1_auth_seq_id 
_struct_conn.ptnr2_auth_asym_id 
_struct_conn.ptnr2_auth_comp_id 
_struct_conn.ptnr2_auth_seq_id 
_struct_conn.ptnr2_symmetry 
_struct_conn.pdbx_ptnr3_label_atom_id 
_struct_conn.pdbx_ptnr3_label_seq_id 
_struct_conn.pdbx_ptnr3_label_comp_id 
_struct_conn.pdbx_ptnr3_label_asym_id 
_struct_conn.pdbx_ptnr3_label_alt_id 
_struct_conn.pdbx_ptnr3_PDB_ins_code 
_struct_conn.details 
_struct_conn.pdbx_dist_value 
_struct_conn.pdbx_value_order 
_struct_conn.pdbx_role 
disulf1 disulf ? ? A CYS 26 SG ? ? ? 1_555 A CYS 115 SG ? ? A CYS 27 A CYS 126 1_555 ? ? ? ? ? ? ? 2.042 ? ? 
disulf2 disulf ? ? A CYS 28 SG ? ? ? 1_555 A CYS 44  SG ? ? A CYS 29 A CYS 45  1_555 ? ? ? ? ? ? ? 1.923 ? ? 
disulf3 disulf ? ? A CYS 43 SG ? ? ? 1_555 A CYS 95  SG ? ? A CYS 44 A CYS 105 1_555 ? ? ? ? ? ? ? 2.026 ? ? 
disulf4 disulf ? ? A CYS 49 SG ? ? ? 1_555 A CYS 121 SG ? ? A CYS 50 A CYS 133 1_555 ? ? ? ? ? ? ? 2.009 ? ? 
disulf5 disulf ? ? A CYS 50 SG ? ? ? 1_555 A CYS 88  SG ? ? A CYS 51 A CYS 98  1_555 ? ? ? ? ? ? ? 2.013 ? ? 
disulf6 disulf ? ? A CYS 57 SG ? ? ? 1_555 A CYS 81  SG ? ? A CYS 61 A CYS 91  1_555 ? ? ? ? ? ? ? 2.013 ? ? 
disulf7 disulf ? ? A CYS 75 SG ? ? ? 1_555 A CYS 86  SG ? ? A CYS 84 A CYS 96  1_555 ? ? ? ? ? ? ? 2.033 ? ? 
# 
_struct_conn_type.id          disulf 
_struct_conn_type.criteria    ? 
_struct_conn_type.reference   ? 
# 
loop_
_pdbx_modification_feature.ordinal 
_pdbx_modification_feature.label_comp_id 
_pdbx_modification_feature.label_asym_id 
_pdbx_modification_feature.label_seq_id 
_pdbx_modification_feature.label_alt_id 
_pdbx_modification_feature.modified_residue_label_comp_id 
_pdbx_modification_feature.modified_residue_label_asym_id 
_pdbx_modification_feature.modified_residue_label_seq_id 
_pdbx_modification_feature.modified_residue_label_alt_id 
_pdbx_modification_feature.auth_comp_id 
_pdbx_modification_feature.auth_asym_id 
_pdbx_modification_feature.auth_seq_id 
_pdbx_modification_feature.PDB_ins_code 
_pdbx_modification_feature.symmetry 
_pdbx_modification_feature.modified_residue_auth_comp_id 
_pdbx_modification_feature.modified_residue_auth_asym_id 
_pdbx_modification_feature.modified_residue_auth_seq_id 
_pdbx_modification_feature.modified_residue_PDB_ins_code 
_pdbx_modification_feature.modified_residue_symmetry 
_pdbx_modification_feature.comp_id_linking_atom 
_pdbx_modification_feature.modified_residue_id_linking_atom 
_pdbx_modification_feature.modified_residue_id 
_pdbx_modification_feature.ref_pcm_id 
_pdbx_modification_feature.ref_comp_id 
_pdbx_modification_feature.type 
_pdbx_modification_feature.category 
1 CYS A 26 ? CYS A 115 ? CYS A 27 ? 1_555 CYS A 126 ? 1_555 SG SG . . . None 'Disulfide bridge' 
2 CYS A 28 ? CYS A 44  ? CYS A 29 ? 1_555 CYS A 45  ? 1_555 SG SG . . . None 'Disulfide bridge' 
3 CYS A 43 ? CYS A 95  ? CYS A 44 ? 1_555 CYS A 105 ? 1_555 SG SG . . . None 'Disulfide bridge' 
4 CYS A 49 ? CYS A 121 ? CYS A 50 ? 1_555 CYS A 133 ? 1_555 SG SG . . . None 'Disulfide bridge' 
5 CYS A 50 ? CYS A 88  ? CYS A 51 ? 1_555 CYS A 98  ? 1_555 SG SG . . . None 'Disulfide bridge' 
6 CYS A 57 ? CYS A 81  ? CYS A 61 ? 1_555 CYS A 91  ? 1_555 SG SG . . . None 'Disulfide bridge' 
7 CYS A 75 ? CYS A 86  ? CYS A 84 ? 1_555 CYS A 96  ? 1_555 SG SG . . . None 'Disulfide bridge' 
# 
_struct_mon_prot_cis.pdbx_id                1 
_struct_mon_prot_cis.label_comp_id          ILE 
_struct_mon_prot_cis.label_seq_id           18 
_struct_mon_prot_cis.label_asym_id          A 
_struct_mon_prot_cis.label_alt_id           . 
_struct_mon_prot_cis.pdbx_PDB_ins_code      ? 
_struct_mon_prot_cis.auth_comp_id           ILE 
_struct_mon_prot_cis.auth_seq_id            19 
_struct_mon_prot_cis.auth_asym_id           A 
_struct_mon_prot_cis.pdbx_label_comp_id_2   PRO 
_struct_mon_prot_cis.pdbx_label_seq_id_2    19 
_struct_mon_prot_cis.pdbx_label_asym_id_2   A 
_struct_mon_prot_cis.pdbx_PDB_ins_code_2    ? 
_struct_mon_prot_cis.pdbx_auth_comp_id_2    PRO 
_struct_mon_prot_cis.pdbx_auth_seq_id_2     20 
_struct_mon_prot_cis.pdbx_auth_asym_id_2    A 
_struct_mon_prot_cis.pdbx_PDB_model_num     1 
_struct_mon_prot_cis.pdbx_omega_angle       7.17 
# 
_struct_sheet.id               A 
_struct_sheet.type             ? 
_struct_sheet.number_strands   2 
_struct_sheet.details          ? 
# 
_struct_sheet_order.sheet_id     A 
_struct_sheet_order.range_id_1   1 
_struct_sheet_order.range_id_2   2 
_struct_sheet_order.offset       ? 
_struct_sheet_order.sense        anti-parallel 
# 
loop_
_struct_sheet_range.sheet_id 
_struct_sheet_range.id 
_struct_sheet_range.beg_label_comp_id 
_struct_sheet_range.beg_label_asym_id 
_struct_sheet_range.beg_label_seq_id 
_struct_sheet_range.pdbx_beg_PDB_ins_code 
_struct_sheet_range.end_label_comp_id 
_struct_sheet_range.end_label_asym_id 
_struct_sheet_range.end_label_seq_id 
_struct_sheet_range.pdbx_end_PDB_ins_code 
_struct_sheet_range.beg_auth_comp_id 
_struct_sheet_range.beg_auth_asym_id 
_struct_sheet_range.beg_auth_seq_id 
_struct_sheet_range.end_auth_comp_id 
_struct_sheet_range.end_auth_asym_id 
_struct_sheet_range.end_auth_seq_id 
A 1 TYR A 66 ? VAL A 69 ? TYR A 75 VAL A 78 
A 2 ALA A 72 ? CYS A 75 ? ALA A 81 CYS A 84 
# 
_pdbx_struct_sheet_hbond.sheet_id                A 
_pdbx_struct_sheet_hbond.range_id_1              1 
_pdbx_struct_sheet_hbond.range_id_2              2 
_pdbx_struct_sheet_hbond.range_1_label_atom_id   N 
_pdbx_struct_sheet_hbond.range_1_label_comp_id   LYS 
_pdbx_struct_sheet_hbond.range_1_label_asym_id   A 
_pdbx_struct_sheet_hbond.range_1_label_seq_id    67 
_pdbx_struct_sheet_hbond.range_1_PDB_ins_code    ? 
_pdbx_struct_sheet_hbond.range_1_auth_atom_id    N 
_pdbx_struct_sheet_hbond.range_1_auth_comp_id    LYS 
_pdbx_struct_sheet_hbond.range_1_auth_asym_id    A 
_pdbx_struct_sheet_hbond.range_1_auth_seq_id     76 
_pdbx_struct_sheet_hbond.range_2_label_atom_id   O 
_pdbx_struct_sheet_hbond.range_2_label_comp_id   VAL 
_pdbx_struct_sheet_hbond.range_2_label_asym_id   A 
_pdbx_struct_sheet_hbond.range_2_label_seq_id    74 
_pdbx_struct_sheet_hbond.range_2_PDB_ins_code    ? 
_pdbx_struct_sheet_hbond.range_2_auth_atom_id    O 
_pdbx_struct_sheet_hbond.range_2_auth_comp_id    VAL 
_pdbx_struct_sheet_hbond.range_2_auth_asym_id    A 
_pdbx_struct_sheet_hbond.range_2_auth_seq_id     83 
# 
loop_
_struct_site.id 
_struct_site.pdbx_evidence_code 
_struct_site.pdbx_auth_asym_id 
_struct_site.pdbx_auth_comp_id 
_struct_site.pdbx_auth_seq_id 
_struct_site.pdbx_auth_ins_code 
_struct_site.pdbx_num_residues 
_struct_site.details 
AC1 Software A ACT 1209 ? 1 'BINDING SITE FOR RESIDUE ACT A 1209' 
AC2 Software A ACT 1210 ? 3 'BINDING SITE FOR RESIDUE ACT A 1210' 
# 
loop_
_struct_site_gen.id 
_struct_site_gen.site_id 
_struct_site_gen.pdbx_num_res 
_struct_site_gen.label_comp_id 
_struct_site_gen.label_asym_id 
_struct_site_gen.label_seq_id 
_struct_site_gen.pdbx_auth_ins_code 
_struct_site_gen.auth_comp_id 
_struct_site_gen.auth_asym_id 
_struct_site_gen.auth_seq_id 
_struct_site_gen.label_atom_id 
_struct_site_gen.label_alt_id 
_struct_site_gen.symmetry 
_struct_site_gen.details 
1 AC1 1 ARG A 63  ? ARG A 72   . ? 1_555 ? 
2 AC2 3 SER A 104 ? SER A 114  . ? 3_664 ? 
3 AC2 3 LYS A 120 ? LYS A 131  . ? 1_555 ? 
4 AC2 3 HOH E .   ? HOH A 1264 . ? 1_555 ? 
# 
_pdbx_entry_details.entry_id                   2PB8 
_pdbx_entry_details.compound_details           ? 
_pdbx_entry_details.source_details             ? 
_pdbx_entry_details.nonpolymer_details         ? 
_pdbx_entry_details.sequence_details           ? 
_pdbx_entry_details.has_ligand_of_interest     ? 
_pdbx_entry_details.has_protein_modification   Y 
# 
loop_
_pdbx_validate_rmsd_bond.id 
_pdbx_validate_rmsd_bond.PDB_model_num 
_pdbx_validate_rmsd_bond.auth_atom_id_1 
_pdbx_validate_rmsd_bond.auth_asym_id_1 
_pdbx_validate_rmsd_bond.auth_comp_id_1 
_pdbx_validate_rmsd_bond.auth_seq_id_1 
_pdbx_validate_rmsd_bond.PDB_ins_code_1 
_pdbx_validate_rmsd_bond.label_alt_id_1 
_pdbx_validate_rmsd_bond.auth_atom_id_2 
_pdbx_validate_rmsd_bond.auth_asym_id_2 
_pdbx_validate_rmsd_bond.auth_comp_id_2 
_pdbx_validate_rmsd_bond.auth_seq_id_2 
_pdbx_validate_rmsd_bond.PDB_ins_code_2 
_pdbx_validate_rmsd_bond.label_alt_id_2 
_pdbx_validate_rmsd_bond.bond_value 
_pdbx_validate_rmsd_bond.bond_target_value 
_pdbx_validate_rmsd_bond.bond_deviation 
_pdbx_validate_rmsd_bond.bond_standard_deviation 
_pdbx_validate_rmsd_bond.linker_flag 
1 1 C A LYS 86  ? ? N A GLY 88  ? ? 1.588 1.336 0.252 0.023 Y 
2 1 C A LYS 131 ? ? N A CYS 133 ? ? 1.478 1.336 0.142 0.023 Y 
# 
loop_
_pdbx_validate_rmsd_angle.id 
_pdbx_validate_rmsd_angle.PDB_model_num 
_pdbx_validate_rmsd_angle.auth_atom_id_1 
_pdbx_validate_rmsd_angle.auth_asym_id_1 
_pdbx_validate_rmsd_angle.auth_comp_id_1 
_pdbx_validate_rmsd_angle.auth_seq_id_1 
_pdbx_validate_rmsd_angle.PDB_ins_code_1 
_pdbx_validate_rmsd_angle.label_alt_id_1 
_pdbx_validate_rmsd_angle.auth_atom_id_2 
_pdbx_validate_rmsd_angle.auth_asym_id_2 
_pdbx_validate_rmsd_angle.auth_comp_id_2 
_pdbx_validate_rmsd_angle.auth_seq_id_2 
_pdbx_validate_rmsd_angle.PDB_ins_code_2 
_pdbx_validate_rmsd_angle.label_alt_id_2 
_pdbx_validate_rmsd_angle.auth_atom_id_3 
_pdbx_validate_rmsd_angle.auth_asym_id_3 
_pdbx_validate_rmsd_angle.auth_comp_id_3 
_pdbx_validate_rmsd_angle.auth_seq_id_3 
_pdbx_validate_rmsd_angle.PDB_ins_code_3 
_pdbx_validate_rmsd_angle.label_alt_id_3 
_pdbx_validate_rmsd_angle.angle_value 
_pdbx_validate_rmsd_angle.angle_target_value 
_pdbx_validate_rmsd_angle.angle_deviation 
_pdbx_validate_rmsd_angle.angle_standard_deviation 
_pdbx_validate_rmsd_angle.linker_flag 
1 1 C  A LEU 55 ? ? N  A PRO 56 ? ? CD A PRO 56 ? ? 112.44 128.40 -15.96 2.10 Y 
2 1 O  A CYS 61 ? ? C  A CYS 61 ? ? N  A ASN 67 ? ? 109.85 122.70 -12.85 1.60 Y 
3 1 C  A CYS 61 ? ? N  A ASN 67 ? ? CA A ASN 67 ? ? 138.66 121.70 16.96  2.50 Y 
4 1 C  A ASN 67 ? ? N  A PRO 68 ? ? CD A PRO 68 ? ? 115.02 128.40 -13.38 2.10 Y 
5 1 O  A LYS 86 ? ? C  A LYS 86 ? ? N  A GLY 88 ? ? 104.86 123.20 -18.34 1.70 Y 
6 1 CA P TYR 3  ? ? CB P TYR 3  ? ? CG P TYR 3  ? ? 126.49 113.40 13.09  1.90 N 
# 
loop_
_pdbx_validate_torsion.id 
_pdbx_validate_torsion.PDB_model_num 
_pdbx_validate_torsion.auth_comp_id 
_pdbx_validate_torsion.auth_asym_id 
_pdbx_validate_torsion.auth_seq_id 
_pdbx_validate_torsion.PDB_ins_code 
_pdbx_validate_torsion.label_alt_id 
_pdbx_validate_torsion.phi 
_pdbx_validate_torsion.psi 
1 1 TRP A 31 ? ? -27.73  -51.60 
2 1 VAL P 2  ? ? -167.32 89.77  
3 1 TYR P 3  ? ? -67.56  3.11   
# 
_pdbx_validate_main_chain_plane.id                       1 
_pdbx_validate_main_chain_plane.PDB_model_num            1 
_pdbx_validate_main_chain_plane.auth_comp_id             LYS 
_pdbx_validate_main_chain_plane.auth_asym_id             A 
_pdbx_validate_main_chain_plane.auth_seq_id              86 
_pdbx_validate_main_chain_plane.PDB_ins_code             ? 
_pdbx_validate_main_chain_plane.label_alt_id             ? 
_pdbx_validate_main_chain_plane.improper_torsion_angle   20.77 
# 
_pdbx_validate_polymer_linkage.id               1 
_pdbx_validate_polymer_linkage.PDB_model_num    1 
_pdbx_validate_polymer_linkage.auth_atom_id_1   C 
_pdbx_validate_polymer_linkage.auth_asym_id_1   A 
_pdbx_validate_polymer_linkage.auth_comp_id_1   ASP 
_pdbx_validate_polymer_linkage.auth_seq_id_1    122 
_pdbx_validate_polymer_linkage.PDB_ins_code_1   ? 
_pdbx_validate_polymer_linkage.label_alt_id_1   ? 
_pdbx_validate_polymer_linkage.auth_atom_id_2   N 
_pdbx_validate_polymer_linkage.auth_asym_id_2   A 
_pdbx_validate_polymer_linkage.auth_comp_id_2   PHE 
_pdbx_validate_polymer_linkage.auth_seq_id_2    124 
_pdbx_validate_polymer_linkage.PDB_ins_code_2   ? 
_pdbx_validate_polymer_linkage.label_alt_id_2   ? 
_pdbx_validate_polymer_linkage.dist             1.68 
# 
loop_
_chem_comp_atom.comp_id 
_chem_comp_atom.atom_id 
_chem_comp_atom.type_symbol 
_chem_comp_atom.pdbx_aromatic_flag 
_chem_comp_atom.pdbx_stereo_config 
_chem_comp_atom.pdbx_ordinal 
ACT C    C N N 1   
ACT O    O N N 2   
ACT OXT  O N N 3   
ACT CH3  C N N 4   
ACT H1   H N N 5   
ACT H2   H N N 6   
ACT H3   H N N 7   
ALA N    N N N 8   
ALA CA   C N S 9   
ALA C    C N N 10  
ALA O    O N N 11  
ALA CB   C N N 12  
ALA OXT  O N N 13  
ALA H    H N N 14  
ALA H2   H N N 15  
ALA HA   H N N 16  
ALA HB1  H N N 17  
ALA HB2  H N N 18  
ALA HB3  H N N 19  
ALA HXT  H N N 20  
ARG N    N N N 21  
ARG CA   C N S 22  
ARG C    C N N 23  
ARG O    O N N 24  
ARG CB   C N N 25  
ARG CG   C N N 26  
ARG CD   C N N 27  
ARG NE   N N N 28  
ARG CZ   C N N 29  
ARG NH1  N N N 30  
ARG NH2  N N N 31  
ARG OXT  O N N 32  
ARG H    H N N 33  
ARG H2   H N N 34  
ARG HA   H N N 35  
ARG HB2  H N N 36  
ARG HB3  H N N 37  
ARG HG2  H N N 38  
ARG HG3  H N N 39  
ARG HD2  H N N 40  
ARG HD3  H N N 41  
ARG HE   H N N 42  
ARG HH11 H N N 43  
ARG HH12 H N N 44  
ARG HH21 H N N 45  
ARG HH22 H N N 46  
ARG HXT  H N N 47  
ASN N    N N N 48  
ASN CA   C N S 49  
ASN C    C N N 50  
ASN O    O N N 51  
ASN CB   C N N 52  
ASN CG   C N N 53  
ASN OD1  O N N 54  
ASN ND2  N N N 55  
ASN OXT  O N N 56  
ASN H    H N N 57  
ASN H2   H N N 58  
ASN HA   H N N 59  
ASN HB2  H N N 60  
ASN HB3  H N N 61  
ASN HD21 H N N 62  
ASN HD22 H N N 63  
ASN HXT  H N N 64  
ASP N    N N N 65  
ASP CA   C N S 66  
ASP C    C N N 67  
ASP O    O N N 68  
ASP CB   C N N 69  
ASP CG   C N N 70  
ASP OD1  O N N 71  
ASP OD2  O N N 72  
ASP OXT  O N N 73  
ASP H    H N N 74  
ASP H2   H N N 75  
ASP HA   H N N 76  
ASP HB2  H N N 77  
ASP HB3  H N N 78  
ASP HD2  H N N 79  
ASP HXT  H N N 80  
CYS N    N N N 81  
CYS CA   C N R 82  
CYS C    C N N 83  
CYS O    O N N 84  
CYS CB   C N N 85  
CYS SG   S N N 86  
CYS OXT  O N N 87  
CYS H    H N N 88  
CYS H2   H N N 89  
CYS HA   H N N 90  
CYS HB2  H N N 91  
CYS HB3  H N N 92  
CYS HG   H N N 93  
CYS HXT  H N N 94  
GLN N    N N N 95  
GLN CA   C N S 96  
GLN C    C N N 97  
GLN O    O N N 98  
GLN CB   C N N 99  
GLN CG   C N N 100 
GLN CD   C N N 101 
GLN OE1  O N N 102 
GLN NE2  N N N 103 
GLN OXT  O N N 104 
GLN H    H N N 105 
GLN H2   H N N 106 
GLN HA   H N N 107 
GLN HB2  H N N 108 
GLN HB3  H N N 109 
GLN HG2  H N N 110 
GLN HG3  H N N 111 
GLN HE21 H N N 112 
GLN HE22 H N N 113 
GLN HXT  H N N 114 
GLU N    N N N 115 
GLU CA   C N S 116 
GLU C    C N N 117 
GLU O    O N N 118 
GLU CB   C N N 119 
GLU CG   C N N 120 
GLU CD   C N N 121 
GLU OE1  O N N 122 
GLU OE2  O N N 123 
GLU OXT  O N N 124 
GLU H    H N N 125 
GLU H2   H N N 126 
GLU HA   H N N 127 
GLU HB2  H N N 128 
GLU HB3  H N N 129 
GLU HG2  H N N 130 
GLU HG3  H N N 131 
GLU HE2  H N N 132 
GLU HXT  H N N 133 
GLY N    N N N 134 
GLY CA   C N N 135 
GLY C    C N N 136 
GLY O    O N N 137 
GLY OXT  O N N 138 
GLY H    H N N 139 
GLY H2   H N N 140 
GLY HA2  H N N 141 
GLY HA3  H N N 142 
GLY HXT  H N N 143 
HIS N    N N N 144 
HIS CA   C N S 145 
HIS C    C N N 146 
HIS O    O N N 147 
HIS CB   C N N 148 
HIS CG   C Y N 149 
HIS ND1  N Y N 150 
HIS CD2  C Y N 151 
HIS CE1  C Y N 152 
HIS NE2  N Y N 153 
HIS OXT  O N N 154 
HIS H    H N N 155 
HIS H2   H N N 156 
HIS HA   H N N 157 
HIS HB2  H N N 158 
HIS HB3  H N N 159 
HIS HD1  H N N 160 
HIS HD2  H N N 161 
HIS HE1  H N N 162 
HIS HE2  H N N 163 
HIS HXT  H N N 164 
HOH O    O N N 165 
HOH H1   H N N 166 
HOH H2   H N N 167 
ILE N    N N N 168 
ILE CA   C N S 169 
ILE C    C N N 170 
ILE O    O N N 171 
ILE CB   C N S 172 
ILE CG1  C N N 173 
ILE CG2  C N N 174 
ILE CD1  C N N 175 
ILE OXT  O N N 176 
ILE H    H N N 177 
ILE H2   H N N 178 
ILE HA   H N N 179 
ILE HB   H N N 180 
ILE HG12 H N N 181 
ILE HG13 H N N 182 
ILE HG21 H N N 183 
ILE HG22 H N N 184 
ILE HG23 H N N 185 
ILE HD11 H N N 186 
ILE HD12 H N N 187 
ILE HD13 H N N 188 
ILE HXT  H N N 189 
LEU N    N N N 190 
LEU CA   C N S 191 
LEU C    C N N 192 
LEU O    O N N 193 
LEU CB   C N N 194 
LEU CG   C N N 195 
LEU CD1  C N N 196 
LEU CD2  C N N 197 
LEU OXT  O N N 198 
LEU H    H N N 199 
LEU H2   H N N 200 
LEU HA   H N N 201 
LEU HB2  H N N 202 
LEU HB3  H N N 203 
LEU HG   H N N 204 
LEU HD11 H N N 205 
LEU HD12 H N N 206 
LEU HD13 H N N 207 
LEU HD21 H N N 208 
LEU HD22 H N N 209 
LEU HD23 H N N 210 
LEU HXT  H N N 211 
LYS N    N N N 212 
LYS CA   C N S 213 
LYS C    C N N 214 
LYS O    O N N 215 
LYS CB   C N N 216 
LYS CG   C N N 217 
LYS CD   C N N 218 
LYS CE   C N N 219 
LYS NZ   N N N 220 
LYS OXT  O N N 221 
LYS H    H N N 222 
LYS H2   H N N 223 
LYS HA   H N N 224 
LYS HB2  H N N 225 
LYS HB3  H N N 226 
LYS HG2  H N N 227 
LYS HG3  H N N 228 
LYS HD2  H N N 229 
LYS HD3  H N N 230 
LYS HE2  H N N 231 
LYS HE3  H N N 232 
LYS HZ1  H N N 233 
LYS HZ2  H N N 234 
LYS HZ3  H N N 235 
LYS HXT  H N N 236 
MET N    N N N 237 
MET CA   C N S 238 
MET C    C N N 239 
MET O    O N N 240 
MET CB   C N N 241 
MET CG   C N N 242 
MET SD   S N N 243 
MET CE   C N N 244 
MET OXT  O N N 245 
MET H    H N N 246 
MET H2   H N N 247 
MET HA   H N N 248 
MET HB2  H N N 249 
MET HB3  H N N 250 
MET HG2  H N N 251 
MET HG3  H N N 252 
MET HE1  H N N 253 
MET HE2  H N N 254 
MET HE3  H N N 255 
MET HXT  H N N 256 
PHE N    N N N 257 
PHE CA   C N S 258 
PHE C    C N N 259 
PHE O    O N N 260 
PHE CB   C N N 261 
PHE CG   C Y N 262 
PHE CD1  C Y N 263 
PHE CD2  C Y N 264 
PHE CE1  C Y N 265 
PHE CE2  C Y N 266 
PHE CZ   C Y N 267 
PHE OXT  O N N 268 
PHE H    H N N 269 
PHE H2   H N N 270 
PHE HA   H N N 271 
PHE HB2  H N N 272 
PHE HB3  H N N 273 
PHE HD1  H N N 274 
PHE HD2  H N N 275 
PHE HE1  H N N 276 
PHE HE2  H N N 277 
PHE HZ   H N N 278 
PHE HXT  H N N 279 
PRO N    N N N 280 
PRO CA   C N S 281 
PRO C    C N N 282 
PRO O    O N N 283 
PRO CB   C N N 284 
PRO CG   C N N 285 
PRO CD   C N N 286 
PRO OXT  O N N 287 
PRO H    H N N 288 
PRO HA   H N N 289 
PRO HB2  H N N 290 
PRO HB3  H N N 291 
PRO HG2  H N N 292 
PRO HG3  H N N 293 
PRO HD2  H N N 294 
PRO HD3  H N N 295 
PRO HXT  H N N 296 
SER N    N N N 297 
SER CA   C N S 298 
SER C    C N N 299 
SER O    O N N 300 
SER CB   C N N 301 
SER OG   O N N 302 
SER OXT  O N N 303 
SER H    H N N 304 
SER H2   H N N 305 
SER HA   H N N 306 
SER HB2  H N N 307 
SER HB3  H N N 308 
SER HG   H N N 309 
SER HXT  H N N 310 
THR N    N N N 311 
THR CA   C N S 312 
THR C    C N N 313 
THR O    O N N 314 
THR CB   C N R 315 
THR OG1  O N N 316 
THR CG2  C N N 317 
THR OXT  O N N 318 
THR H    H N N 319 
THR H2   H N N 320 
THR HA   H N N 321 
THR HB   H N N 322 
THR HG1  H N N 323 
THR HG21 H N N 324 
THR HG22 H N N 325 
THR HG23 H N N 326 
THR HXT  H N N 327 
TRP N    N N N 328 
TRP CA   C N S 329 
TRP C    C N N 330 
TRP O    O N N 331 
TRP CB   C N N 332 
TRP CG   C Y N 333 
TRP CD1  C Y N 334 
TRP CD2  C Y N 335 
TRP NE1  N Y N 336 
TRP CE2  C Y N 337 
TRP CE3  C Y N 338 
TRP CZ2  C Y N 339 
TRP CZ3  C Y N 340 
TRP CH2  C Y N 341 
TRP OXT  O N N 342 
TRP H    H N N 343 
TRP H2   H N N 344 
TRP HA   H N N 345 
TRP HB2  H N N 346 
TRP HB3  H N N 347 
TRP HD1  H N N 348 
TRP HE1  H N N 349 
TRP HE3  H N N 350 
TRP HZ2  H N N 351 
TRP HZ3  H N N 352 
TRP HH2  H N N 353 
TRP HXT  H N N 354 
TYR N    N N N 355 
TYR CA   C N S 356 
TYR C    C N N 357 
TYR O    O N N 358 
TYR CB   C N N 359 
TYR CG   C Y N 360 
TYR CD1  C Y N 361 
TYR CD2  C Y N 362 
TYR CE1  C Y N 363 
TYR CE2  C Y N 364 
TYR CZ   C Y N 365 
TYR OH   O N N 366 
TYR OXT  O N N 367 
TYR H    H N N 368 
TYR H2   H N N 369 
TYR HA   H N N 370 
TYR HB2  H N N 371 
TYR HB3  H N N 372 
TYR HD1  H N N 373 
TYR HD2  H N N 374 
TYR HE1  H N N 375 
TYR HE2  H N N 376 
TYR HH   H N N 377 
TYR HXT  H N N 378 
VAL N    N N N 379 
VAL CA   C N S 380 
VAL C    C N N 381 
VAL O    O N N 382 
VAL CB   C N N 383 
VAL CG1  C N N 384 
VAL CG2  C N N 385 
VAL OXT  O N N 386 
VAL H    H N N 387 
VAL H2   H N N 388 
VAL HA   H N N 389 
VAL HB   H N N 390 
VAL HG11 H N N 391 
VAL HG12 H N N 392 
VAL HG13 H N N 393 
VAL HG21 H N N 394 
VAL HG22 H N N 395 
VAL HG23 H N N 396 
VAL HXT  H N N 397 
# 
loop_
_chem_comp_bond.comp_id 
_chem_comp_bond.atom_id_1 
_chem_comp_bond.atom_id_2 
_chem_comp_bond.value_order 
_chem_comp_bond.pdbx_aromatic_flag 
_chem_comp_bond.pdbx_stereo_config 
_chem_comp_bond.pdbx_ordinal 
ACT C   O    doub N N 1   
ACT C   OXT  sing N N 2   
ACT C   CH3  sing N N 3   
ACT CH3 H1   sing N N 4   
ACT CH3 H2   sing N N 5   
ACT CH3 H3   sing N N 6   
ALA N   CA   sing N N 7   
ALA N   H    sing N N 8   
ALA N   H2   sing N N 9   
ALA CA  C    sing N N 10  
ALA CA  CB   sing N N 11  
ALA CA  HA   sing N N 12  
ALA C   O    doub N N 13  
ALA C   OXT  sing N N 14  
ALA CB  HB1  sing N N 15  
ALA CB  HB2  sing N N 16  
ALA CB  HB3  sing N N 17  
ALA OXT HXT  sing N N 18  
ARG N   CA   sing N N 19  
ARG N   H    sing N N 20  
ARG N   H2   sing N N 21  
ARG CA  C    sing N N 22  
ARG CA  CB   sing N N 23  
ARG CA  HA   sing N N 24  
ARG C   O    doub N N 25  
ARG C   OXT  sing N N 26  
ARG CB  CG   sing N N 27  
ARG CB  HB2  sing N N 28  
ARG CB  HB3  sing N N 29  
ARG CG  CD   sing N N 30  
ARG CG  HG2  sing N N 31  
ARG CG  HG3  sing N N 32  
ARG CD  NE   sing N N 33  
ARG CD  HD2  sing N N 34  
ARG CD  HD3  sing N N 35  
ARG NE  CZ   sing N N 36  
ARG NE  HE   sing N N 37  
ARG CZ  NH1  sing N N 38  
ARG CZ  NH2  doub N N 39  
ARG NH1 HH11 sing N N 40  
ARG NH1 HH12 sing N N 41  
ARG NH2 HH21 sing N N 42  
ARG NH2 HH22 sing N N 43  
ARG OXT HXT  sing N N 44  
ASN N   CA   sing N N 45  
ASN N   H    sing N N 46  
ASN N   H2   sing N N 47  
ASN CA  C    sing N N 48  
ASN CA  CB   sing N N 49  
ASN CA  HA   sing N N 50  
ASN C   O    doub N N 51  
ASN C   OXT  sing N N 52  
ASN CB  CG   sing N N 53  
ASN CB  HB2  sing N N 54  
ASN CB  HB3  sing N N 55  
ASN CG  OD1  doub N N 56  
ASN CG  ND2  sing N N 57  
ASN ND2 HD21 sing N N 58  
ASN ND2 HD22 sing N N 59  
ASN OXT HXT  sing N N 60  
ASP N   CA   sing N N 61  
ASP N   H    sing N N 62  
ASP N   H2   sing N N 63  
ASP CA  C    sing N N 64  
ASP CA  CB   sing N N 65  
ASP CA  HA   sing N N 66  
ASP C   O    doub N N 67  
ASP C   OXT  sing N N 68  
ASP CB  CG   sing N N 69  
ASP CB  HB2  sing N N 70  
ASP CB  HB3  sing N N 71  
ASP CG  OD1  doub N N 72  
ASP CG  OD2  sing N N 73  
ASP OD2 HD2  sing N N 74  
ASP OXT HXT  sing N N 75  
CYS N   CA   sing N N 76  
CYS N   H    sing N N 77  
CYS N   H2   sing N N 78  
CYS CA  C    sing N N 79  
CYS CA  CB   sing N N 80  
CYS CA  HA   sing N N 81  
CYS C   O    doub N N 82  
CYS C   OXT  sing N N 83  
CYS CB  SG   sing N N 84  
CYS CB  HB2  sing N N 85  
CYS CB  HB3  sing N N 86  
CYS SG  HG   sing N N 87  
CYS OXT HXT  sing N N 88  
GLN N   CA   sing N N 89  
GLN N   H    sing N N 90  
GLN N   H2   sing N N 91  
GLN CA  C    sing N N 92  
GLN CA  CB   sing N N 93  
GLN CA  HA   sing N N 94  
GLN C   O    doub N N 95  
GLN C   OXT  sing N N 96  
GLN CB  CG   sing N N 97  
GLN CB  HB2  sing N N 98  
GLN CB  HB3  sing N N 99  
GLN CG  CD   sing N N 100 
GLN CG  HG2  sing N N 101 
GLN CG  HG3  sing N N 102 
GLN CD  OE1  doub N N 103 
GLN CD  NE2  sing N N 104 
GLN NE2 HE21 sing N N 105 
GLN NE2 HE22 sing N N 106 
GLN OXT HXT  sing N N 107 
GLU N   CA   sing N N 108 
GLU N   H    sing N N 109 
GLU N   H2   sing N N 110 
GLU CA  C    sing N N 111 
GLU CA  CB   sing N N 112 
GLU CA  HA   sing N N 113 
GLU C   O    doub N N 114 
GLU C   OXT  sing N N 115 
GLU CB  CG   sing N N 116 
GLU CB  HB2  sing N N 117 
GLU CB  HB3  sing N N 118 
GLU CG  CD   sing N N 119 
GLU CG  HG2  sing N N 120 
GLU CG  HG3  sing N N 121 
GLU CD  OE1  doub N N 122 
GLU CD  OE2  sing N N 123 
GLU OE2 HE2  sing N N 124 
GLU OXT HXT  sing N N 125 
GLY N   CA   sing N N 126 
GLY N   H    sing N N 127 
GLY N   H2   sing N N 128 
GLY CA  C    sing N N 129 
GLY CA  HA2  sing N N 130 
GLY CA  HA3  sing N N 131 
GLY C   O    doub N N 132 
GLY C   OXT  sing N N 133 
GLY OXT HXT  sing N N 134 
HIS N   CA   sing N N 135 
HIS N   H    sing N N 136 
HIS N   H2   sing N N 137 
HIS CA  C    sing N N 138 
HIS CA  CB   sing N N 139 
HIS CA  HA   sing N N 140 
HIS C   O    doub N N 141 
HIS C   OXT  sing N N 142 
HIS CB  CG   sing N N 143 
HIS CB  HB2  sing N N 144 
HIS CB  HB3  sing N N 145 
HIS CG  ND1  sing Y N 146 
HIS CG  CD2  doub Y N 147 
HIS ND1 CE1  doub Y N 148 
HIS ND1 HD1  sing N N 149 
HIS CD2 NE2  sing Y N 150 
HIS CD2 HD2  sing N N 151 
HIS CE1 NE2  sing Y N 152 
HIS CE1 HE1  sing N N 153 
HIS NE2 HE2  sing N N 154 
HIS OXT HXT  sing N N 155 
HOH O   H1   sing N N 156 
HOH O   H2   sing N N 157 
ILE N   CA   sing N N 158 
ILE N   H    sing N N 159 
ILE N   H2   sing N N 160 
ILE CA  C    sing N N 161 
ILE CA  CB   sing N N 162 
ILE CA  HA   sing N N 163 
ILE C   O    doub N N 164 
ILE C   OXT  sing N N 165 
ILE CB  CG1  sing N N 166 
ILE CB  CG2  sing N N 167 
ILE CB  HB   sing N N 168 
ILE CG1 CD1  sing N N 169 
ILE CG1 HG12 sing N N 170 
ILE CG1 HG13 sing N N 171 
ILE CG2 HG21 sing N N 172 
ILE CG2 HG22 sing N N 173 
ILE CG2 HG23 sing N N 174 
ILE CD1 HD11 sing N N 175 
ILE CD1 HD12 sing N N 176 
ILE CD1 HD13 sing N N 177 
ILE OXT HXT  sing N N 178 
LEU N   CA   sing N N 179 
LEU N   H    sing N N 180 
LEU N   H2   sing N N 181 
LEU CA  C    sing N N 182 
LEU CA  CB   sing N N 183 
LEU CA  HA   sing N N 184 
LEU C   O    doub N N 185 
LEU C   OXT  sing N N 186 
LEU CB  CG   sing N N 187 
LEU CB  HB2  sing N N 188 
LEU CB  HB3  sing N N 189 
LEU CG  CD1  sing N N 190 
LEU CG  CD2  sing N N 191 
LEU CG  HG   sing N N 192 
LEU CD1 HD11 sing N N 193 
LEU CD1 HD12 sing N N 194 
LEU CD1 HD13 sing N N 195 
LEU CD2 HD21 sing N N 196 
LEU CD2 HD22 sing N N 197 
LEU CD2 HD23 sing N N 198 
LEU OXT HXT  sing N N 199 
LYS N   CA   sing N N 200 
LYS N   H    sing N N 201 
LYS N   H2   sing N N 202 
LYS CA  C    sing N N 203 
LYS CA  CB   sing N N 204 
LYS CA  HA   sing N N 205 
LYS C   O    doub N N 206 
LYS C   OXT  sing N N 207 
LYS CB  CG   sing N N 208 
LYS CB  HB2  sing N N 209 
LYS CB  HB3  sing N N 210 
LYS CG  CD   sing N N 211 
LYS CG  HG2  sing N N 212 
LYS CG  HG3  sing N N 213 
LYS CD  CE   sing N N 214 
LYS CD  HD2  sing N N 215 
LYS CD  HD3  sing N N 216 
LYS CE  NZ   sing N N 217 
LYS CE  HE2  sing N N 218 
LYS CE  HE3  sing N N 219 
LYS NZ  HZ1  sing N N 220 
LYS NZ  HZ2  sing N N 221 
LYS NZ  HZ3  sing N N 222 
LYS OXT HXT  sing N N 223 
MET N   CA   sing N N 224 
MET N   H    sing N N 225 
MET N   H2   sing N N 226 
MET CA  C    sing N N 227 
MET CA  CB   sing N N 228 
MET CA  HA   sing N N 229 
MET C   O    doub N N 230 
MET C   OXT  sing N N 231 
MET CB  CG   sing N N 232 
MET CB  HB2  sing N N 233 
MET CB  HB3  sing N N 234 
MET CG  SD   sing N N 235 
MET CG  HG2  sing N N 236 
MET CG  HG3  sing N N 237 
MET SD  CE   sing N N 238 
MET CE  HE1  sing N N 239 
MET CE  HE2  sing N N 240 
MET CE  HE3  sing N N 241 
MET OXT HXT  sing N N 242 
PHE N   CA   sing N N 243 
PHE N   H    sing N N 244 
PHE N   H2   sing N N 245 
PHE CA  C    sing N N 246 
PHE CA  CB   sing N N 247 
PHE CA  HA   sing N N 248 
PHE C   O    doub N N 249 
PHE C   OXT  sing N N 250 
PHE CB  CG   sing N N 251 
PHE CB  HB2  sing N N 252 
PHE CB  HB3  sing N N 253 
PHE CG  CD1  doub Y N 254 
PHE CG  CD2  sing Y N 255 
PHE CD1 CE1  sing Y N 256 
PHE CD1 HD1  sing N N 257 
PHE CD2 CE2  doub Y N 258 
PHE CD2 HD2  sing N N 259 
PHE CE1 CZ   doub Y N 260 
PHE CE1 HE1  sing N N 261 
PHE CE2 CZ   sing Y N 262 
PHE CE2 HE2  sing N N 263 
PHE CZ  HZ   sing N N 264 
PHE OXT HXT  sing N N 265 
PRO N   CA   sing N N 266 
PRO N   CD   sing N N 267 
PRO N   H    sing N N 268 
PRO CA  C    sing N N 269 
PRO CA  CB   sing N N 270 
PRO CA  HA   sing N N 271 
PRO C   O    doub N N 272 
PRO C   OXT  sing N N 273 
PRO CB  CG   sing N N 274 
PRO CB  HB2  sing N N 275 
PRO CB  HB3  sing N N 276 
PRO CG  CD   sing N N 277 
PRO CG  HG2  sing N N 278 
PRO CG  HG3  sing N N 279 
PRO CD  HD2  sing N N 280 
PRO CD  HD3  sing N N 281 
PRO OXT HXT  sing N N 282 
SER N   CA   sing N N 283 
SER N   H    sing N N 284 
SER N   H2   sing N N 285 
SER CA  C    sing N N 286 
SER CA  CB   sing N N 287 
SER CA  HA   sing N N 288 
SER C   O    doub N N 289 
SER C   OXT  sing N N 290 
SER CB  OG   sing N N 291 
SER CB  HB2  sing N N 292 
SER CB  HB3  sing N N 293 
SER OG  HG   sing N N 294 
SER OXT HXT  sing N N 295 
THR N   CA   sing N N 296 
THR N   H    sing N N 297 
THR N   H2   sing N N 298 
THR CA  C    sing N N 299 
THR CA  CB   sing N N 300 
THR CA  HA   sing N N 301 
THR C   O    doub N N 302 
THR C   OXT  sing N N 303 
THR CB  OG1  sing N N 304 
THR CB  CG2  sing N N 305 
THR CB  HB   sing N N 306 
THR OG1 HG1  sing N N 307 
THR CG2 HG21 sing N N 308 
THR CG2 HG22 sing N N 309 
THR CG2 HG23 sing N N 310 
THR OXT HXT  sing N N 311 
TRP N   CA   sing N N 312 
TRP N   H    sing N N 313 
TRP N   H2   sing N N 314 
TRP CA  C    sing N N 315 
TRP CA  CB   sing N N 316 
TRP CA  HA   sing N N 317 
TRP C   O    doub N N 318 
TRP C   OXT  sing N N 319 
TRP CB  CG   sing N N 320 
TRP CB  HB2  sing N N 321 
TRP CB  HB3  sing N N 322 
TRP CG  CD1  doub Y N 323 
TRP CG  CD2  sing Y N 324 
TRP CD1 NE1  sing Y N 325 
TRP CD1 HD1  sing N N 326 
TRP CD2 CE2  doub Y N 327 
TRP CD2 CE3  sing Y N 328 
TRP NE1 CE2  sing Y N 329 
TRP NE1 HE1  sing N N 330 
TRP CE2 CZ2  sing Y N 331 
TRP CE3 CZ3  doub Y N 332 
TRP CE3 HE3  sing N N 333 
TRP CZ2 CH2  doub Y N 334 
TRP CZ2 HZ2  sing N N 335 
TRP CZ3 CH2  sing Y N 336 
TRP CZ3 HZ3  sing N N 337 
TRP CH2 HH2  sing N N 338 
TRP OXT HXT  sing N N 339 
TYR N   CA   sing N N 340 
TYR N   H    sing N N 341 
TYR N   H2   sing N N 342 
TYR CA  C    sing N N 343 
TYR CA  CB   sing N N 344 
TYR CA  HA   sing N N 345 
TYR C   O    doub N N 346 
TYR C   OXT  sing N N 347 
TYR CB  CG   sing N N 348 
TYR CB  HB2  sing N N 349 
TYR CB  HB3  sing N N 350 
TYR CG  CD1  doub Y N 351 
TYR CG  CD2  sing Y N 352 
TYR CD1 CE1  sing Y N 353 
TYR CD1 HD1  sing N N 354 
TYR CD2 CE2  doub Y N 355 
TYR CD2 HD2  sing N N 356 
TYR CE1 CZ   doub Y N 357 
TYR CE1 HE1  sing N N 358 
TYR CE2 CZ   sing Y N 359 
TYR CE2 HE2  sing N N 360 
TYR CZ  OH   sing N N 361 
TYR OH  HH   sing N N 362 
TYR OXT HXT  sing N N 363 
VAL N   CA   sing N N 364 
VAL N   H    sing N N 365 
VAL N   H2   sing N N 366 
VAL CA  C    sing N N 367 
VAL CA  CB   sing N N 368 
VAL CA  HA   sing N N 369 
VAL C   O    doub N N 370 
VAL C   OXT  sing N N 371 
VAL CB  CG1  sing N N 372 
VAL CB  CG2  sing N N 373 
VAL CB  HB   sing N N 374 
VAL CG1 HG11 sing N N 375 
VAL CG1 HG12 sing N N 376 
VAL CG1 HG13 sing N N 377 
VAL CG2 HG21 sing N N 378 
VAL CG2 HG22 sing N N 379 
VAL CG2 HG23 sing N N 380 
VAL OXT HXT  sing N N 381 
# 
_pdbx_initial_refinement_model.id               1 
_pdbx_initial_refinement_model.entity_id_list   ? 
_pdbx_initial_refinement_model.type             'experimental model' 
_pdbx_initial_refinement_model.source_name      PDB 
_pdbx_initial_refinement_model.accession_code   1SV3 
_pdbx_initial_refinement_model.details          ? 
# 
_atom_sites.entry_id                    2PB8 
_atom_sites.fract_transf_matrix[1][1]   -0.01226553 
_atom_sites.fract_transf_matrix[1][2]   0.01403304 
_atom_sites.fract_transf_matrix[1][3]   0.00273185 
_atom_sites.fract_transf_matrix[2][1]   0.00399929 
_atom_sites.fract_transf_matrix[2][2]   -0.00008784 
_atom_sites.fract_transf_matrix[2][3]   0.01840735 
_atom_sites.fract_transf_matrix[3][1]   0.01506643 
_atom_sites.fract_transf_matrix[3][2]   0.01379319 
_atom_sites.fract_transf_matrix[3][3]   -0.00320760 
_atom_sites.fract_transf_vector[1]      0.160527 
_atom_sites.fract_transf_vector[2]      0.467449 
_atom_sites.fract_transf_vector[3]      -0.019821 
# 
loop_
_atom_type.symbol 
C 
N 
O 
S 
# 
loop_
_atom_site.group_PDB 
_atom_site.id 
_atom_site.type_symbol 
_atom_site.label_atom_id 
_atom_site.label_alt_id 
_atom_site.label_comp_id 
_atom_site.label_asym_id 
_atom_site.label_entity_id 
_atom_site.label_seq_id 
_atom_site.pdbx_PDB_ins_code 
_atom_site.Cartn_x 
_atom_site.Cartn_y 
_atom_site.Cartn_z 
_atom_site.occupancy 
_atom_site.B_iso_or_equiv 
_atom_site.pdbx_formal_charge 
_atom_site.auth_seq_id 
_atom_site.auth_comp_id 
_atom_site.auth_asym_id 
_atom_site.auth_atom_id 
_atom_site.pdbx_PDB_model_num 
ATOM   1    N N   . SER A 1 1   ? -7.877  1.926   -7.885  1.00 20.03 ? 1    SER A N   1 
ATOM   2    C CA  . SER A 1 1   ? -8.060  0.460   -7.714  1.00 23.32 ? 1    SER A CA  1 
ATOM   3    C C   . SER A 1 1   ? -6.771  -0.335  -7.541  1.00 24.66 ? 1    SER A C   1 
ATOM   4    O O   . SER A 1 1   ? -5.671  0.184   -7.806  1.00 23.42 ? 1    SER A O   1 
ATOM   5    C CB  . SER A 1 1   ? -8.875  -0.123  -8.883  1.00 23.47 ? 1    SER A CB  1 
ATOM   6    O OG  . SER A 1 1   ? -8.145  -0.086  -10.099 1.00 26.48 ? 1    SER A OG  1 
ATOM   7    N N   . LEU A 1 2   ? -6.921  -1.595  -7.130  1.00 26.34 ? 2    LEU A N   1 
ATOM   8    C CA  . LEU A 1 2   ? -5.771  -2.473  -6.967  1.00 29.17 ? 2    LEU A CA  1 
ATOM   9    C C   . LEU A 1 2   ? -4.973  -2.592  -8.286  1.00 29.36 ? 2    LEU A C   1 
ATOM   10   O O   . LEU A 1 2   ? -3.774  -2.917  -8.276  1.00 28.92 ? 2    LEU A O   1 
ATOM   11   C CB  . LEU A 1 2   ? -6.187  -3.830  -6.424  1.00 30.80 ? 2    LEU A CB  1 
ATOM   12   C CG  . LEU A 1 2   ? -5.906  -4.033  -4.927  1.00 34.83 ? 2    LEU A CG  1 
ATOM   13   C CD1 . LEU A 1 2   ? -5.682  -2.706  -4.232  1.00 39.12 ? 2    LEU A CD1 1 
ATOM   14   C CD2 . LEU A 1 2   ? -7.037  -4.815  -4.269  1.00 39.53 ? 2    LEU A CD2 1 
ATOM   15   N N   . LEU A 1 3   ? -5.656  -2.320  -9.403  1.00 29.97 ? 3    LEU A N   1 
ATOM   16   C CA  . LEU A 1 3   ? -5.019  -2.369  -10.718 1.00 30.73 ? 3    LEU A CA  1 
ATOM   17   C C   . LEU A 1 3   ? -4.004  -1.251  -10.853 1.00 29.99 ? 3    LEU A C   1 
ATOM   18   O O   . LEU A 1 3   ? -2.880  -1.502  -11.238 1.00 29.73 ? 3    LEU A O   1 
ATOM   19   C CB  . LEU A 1 3   ? -6.051  -2.212  -11.846 1.00 31.89 ? 3    LEU A CB  1 
ATOM   20   C CG  . LEU A 1 3   ? -6.837  -3.473  -12.181 1.00 34.91 ? 3    LEU A CG  1 
ATOM   21   C CD1 . LEU A 1 3   ? -7.673  -3.244  -13.448 1.00 40.12 ? 3    LEU A CD1 1 
ATOM   22   C CD2 . LEU A 1 3   ? -5.888  -4.672  -12.344 1.00 39.23 ? 3    LEU A CD2 1 
ATOM   23   N N   . GLU A 1 4   ? -4.421  -0.019  -10.552 1.00 29.13 ? 4    GLU A N   1 
ATOM   24   C CA  . GLU A 1 4   ? -3.518  1.119   -10.585 1.00 28.84 ? 4    GLU A CA  1 
ATOM   25   C C   . GLU A 1 4   ? -2.457  0.967   -9.500  1.00 28.48 ? 4    GLU A C   1 
ATOM   26   O O   . GLU A 1 4   ? -1.318  1.359   -9.713  1.00 29.11 ? 4    GLU A O   1 
ATOM   27   C CB  . GLU A 1 4   ? -4.229  2.441   -10.329 1.00 28.53 ? 4    GLU A CB  1 
ATOM   28   C CG  . GLU A 1 4   ? -5.093  2.971   -11.452 1.00 31.10 ? 4    GLU A CG  1 
ATOM   29   C CD  . GLU A 1 4   ? -6.443  2.287   -11.413 1.00 36.43 ? 4    GLU A CD  1 
ATOM   30   O OE1 . GLU A 1 4   ? -7.075  2.400   -10.352 1.00 32.64 ? 4    GLU A OE1 1 
ATOM   31   O OE2 . GLU A 1 4   ? -6.833  1.617   -12.400 1.00 37.73 ? 4    GLU A OE2 1 
ATOM   32   N N   . PHE A 1 5   ? -2.827  0.452   -8.330  1.00 27.00 ? 5    PHE A N   1 
ATOM   33   C CA  . PHE A 1 5   ? -1.911  0.406   -7.190  1.00 26.44 ? 5    PHE A CA  1 
ATOM   34   C C   . PHE A 1 5   ? -0.757  -0.588  -7.474  1.00 27.43 ? 5    PHE A C   1 
ATOM   35   O O   . PHE A 1 5   ? 0.396   -0.289  -7.219  1.00 26.10 ? 5    PHE A O   1 
ATOM   36   C CB  . PHE A 1 5   ? -2.649  0.043   -5.875  1.00 25.50 ? 5    PHE A CB  1 
ATOM   37   C CG  . PHE A 1 5   ? -1.776  0.154   -4.615  1.00 24.30 ? 5    PHE A CG  1 
ATOM   38   C CD1 . PHE A 1 5   ? -0.804  1.129   -4.503  1.00 22.08 ? 5    PHE A CD1 1 
ATOM   39   C CD2 . PHE A 1 5   ? -1.961  -0.692  -3.545  1.00 25.37 ? 5    PHE A CD2 1 
ATOM   40   C CE1 . PHE A 1 5   ? 0.017   1.213   -3.375  1.00 22.85 ? 5    PHE A CE1 1 
ATOM   41   C CE2 . PHE A 1 5   ? -1.179  -0.591  -2.405  1.00 25.92 ? 5    PHE A CE2 1 
ATOM   42   C CZ  . PHE A 1 5   ? -0.169  0.390   -2.325  1.00 25.55 ? 5    PHE A CZ  1 
ATOM   43   N N   . GLY A 1 6   ? -1.107  -1.771  -7.980  1.00 26.72 ? 6    GLY A N   1 
ATOM   44   C CA  . GLY A 1 6   ? -0.128  -2.765  -8.414  1.00 27.64 ? 6    GLY A CA  1 
ATOM   45   C C   . GLY A 1 6   ? 0.890   -2.264  -9.440  1.00 27.55 ? 6    GLY A C   1 
ATOM   46   O O   . GLY A 1 6   ? 2.094   -2.539  -9.333  1.00 27.65 ? 6    GLY A O   1 
ATOM   47   N N   . LYS A 1 7   ? 0.430   -1.502  -10.419 1.00 27.54 ? 7    LYS A N   1 
ATOM   48   C CA  . LYS A 1 7   ? 1.270   -0.985  -11.447 1.00 29.08 ? 7    LYS A CA  1 
ATOM   49   C C   . LYS A 1 7   ? 2.226   0.103   -10.888 1.00 28.83 ? 7    LYS A C   1 
ATOM   50   O O   . LYS A 1 7   ? 3.396   0.141   -11.264 1.00 28.64 ? 7    LYS A O   1 
ATOM   51   C CB  . LYS A 1 7   ? 0.388   -0.437  -12.583 1.00 30.00 ? 7    LYS A CB  1 
ATOM   52   C CG  . LYS A 1 7   ? 1.098   0.362   -13.660 1.00 33.95 ? 7    LYS A CG  1 
ATOM   53   C CD  . LYS A 1 7   ? 0.143   0.568   -14.845 1.00 38.69 ? 7    LYS A CD  1 
ATOM   54   C CE  . LYS A 1 7   ? 0.793   1.297   -16.022 1.00 43.76 ? 7    LYS A CE  1 
ATOM   55   N NZ  . LYS A 1 7   ? 0.903   2.797   -15.785 1.00 44.61 ? 7    LYS A NZ  1 
ATOM   56   N N   . MET A 1 8   ? 1.729   0.990   -10.024 1.00 27.10 ? 8    MET A N   1 
ATOM   57   C CA  . MET A 1 8   ? 2.587   1.950   -9.319  1.00 25.79 ? 8    MET A CA  1 
ATOM   58   C C   . MET A 1 8   ? 3.721   1.272   -8.561  1.00 24.88 ? 8    MET A C   1 
ATOM   59   O O   . MET A 1 8   ? 4.874   1.684   -8.652  1.00 25.41 ? 8    MET A O   1 
ATOM   60   C CB  . MET A 1 8   ? 1.781   2.690   -8.248  1.00 25.72 ? 8    MET A CB  1 
ATOM   61   C CG  . MET A 1 8   ? 1.517   4.105   -8.514  1.00 27.97 ? 8    MET A CG  1 
ATOM   62   S SD  . MET A 1 8   ? 0.764   4.929   -7.056  1.00 24.48 ? 8    MET A SD  1 
ATOM   63   C CE  . MET A 1 8   ? -0.441  5.814   -7.965  1.00 24.46 ? 8    MET A CE  1 
ATOM   64   N N   . ILE A 1 9   ? 3.352   0.319   -7.712  1.00 22.49 ? 9    ILE A N   1 
ATOM   65   C CA  . ILE A 1 9   ? 4.305   -0.440  -6.935  1.00 22.72 ? 9    ILE A CA  1 
ATOM   66   C C   . ILE A 1 9   ? 5.371   -1.083  -7.838  1.00 23.73 ? 9    ILE A C   1 
ATOM   67   O O   . ILE A 1 9   ? 6.558   -0.919  -7.598  1.00 23.32 ? 9    ILE A O   1 
ATOM   68   C CB  . ILE A 1 9   ? 3.584   -1.472  -6.124  1.00 22.27 ? 9    ILE A CB  1 
ATOM   69   C CG1 . ILE A 1 9   ? 2.681   -0.832  -5.035  1.00 22.97 ? 9    ILE A CG1 1 
ATOM   70   C CG2 . ILE A 1 9   ? 4.604   -2.475  -5.476  1.00 21.15 ? 9    ILE A CG2 1 
ATOM   71   C CD1 . ILE A 1 9   ? 1.878   -1.942  -4.257  1.00 25.68 ? 9    ILE A CD1 1 
ATOM   72   N N   . LEU A 1 10  ? 4.934   -1.779  -8.887  1.00 24.49 ? 10   LEU A N   1 
ATOM   73   C CA  . LEU A 1 10  ? 5.881   -2.389  -9.838  1.00 25.91 ? 10   LEU A CA  1 
ATOM   74   C C   . LEU A 1 10  ? 6.804   -1.314  -10.415 1.00 25.94 ? 10   LEU A C   1 
ATOM   75   O O   . LEU A 1 10  ? 8.016   -1.488  -10.418 1.00 26.59 ? 10   LEU A O   1 
ATOM   76   C CB  . LEU A 1 10  ? 5.144   -3.157  -10.953 1.00 25.64 ? 10   LEU A CB  1 
ATOM   77   C CG  . LEU A 1 10  ? 6.038   -3.758  -12.055 1.00 27.99 ? 10   LEU A CG  1 
ATOM   78   C CD1 . LEU A 1 10  ? 7.050   -4.732  -11.430 1.00 30.22 ? 10   LEU A CD1 1 
ATOM   79   C CD2 . LEU A 1 10  ? 5.224   -4.445  -13.160 1.00 29.62 ? 10   LEU A CD2 1 
ATOM   80   N N   . GLU A 1 11  ? 6.241   -0.198  -10.877 1.00 26.55 ? 11   GLU A N   1 
ATOM   81   C CA  . GLU A 1 11  ? 7.026   0.878   -11.477 1.00 27.09 ? 11   GLU A CA  1 
ATOM   82   C C   . GLU A 1 11  ? 8.048   1.439   -10.519 1.00 27.02 ? 11   GLU A C   1 
ATOM   83   O O   . GLU A 1 11  ? 9.197   1.727   -10.870 1.00 26.14 ? 11   GLU A O   1 
ATOM   84   C CB  . GLU A 1 11  ? 6.127   2.033   -11.912 1.00 27.85 ? 11   GLU A CB  1 
ATOM   85   C CG  . GLU A 1 11  ? 5.286   1.727   -13.125 1.00 29.52 ? 11   GLU A CG  1 
ATOM   86   C CD  . GLU A 1 11  ? 4.315   2.848   -13.473 1.00 30.37 ? 11   GLU A CD  1 
ATOM   87   O OE1 . GLU A 1 11  ? 4.067   3.743   -12.648 1.00 26.64 ? 11   GLU A OE1 1 
ATOM   88   O OE2 . GLU A 1 11  ? 3.829   2.848   -14.611 1.00 30.52 ? 11   GLU A OE2 1 
ATOM   89   N N   . GLU A 1 12  ? 7.615   1.565   -9.285  1.00 27.28 ? 12   GLU A N   1 
ATOM   90   C CA  . GLU A 1 12  ? 8.402   2.226   -8.278  1.00 27.56 ? 12   GLU A CA  1 
ATOM   91   C C   . GLU A 1 12  ? 9.540   1.360   -7.799  1.00 27.09 ? 12   GLU A C   1 
ATOM   92   O O   . GLU A 1 12  ? 10.680  1.840   -7.712  1.00 27.72 ? 12   GLU A O   1 
ATOM   93   C CB  . GLU A 1 12  ? 7.463   2.554   -7.128  1.00 27.88 ? 12   GLU A CB  1 
ATOM   94   C CG  . GLU A 1 12  ? 7.803   3.747   -6.305  1.00 30.94 ? 12   GLU A CG  1 
ATOM   95   C CD  . GLU A 1 12  ? 8.008   5.026   -7.071  1.00 29.39 ? 12   GLU A CD  1 
ATOM   96   O OE1 . GLU A 1 12  ? 8.843   5.754   -6.596  1.00 36.46 ? 12   GLU A OE1 1 
ATOM   97   O OE2 . GLU A 1 12  ? 7.383   5.327   -8.091  1.00 28.33 ? 12   GLU A OE2 1 
ATOM   98   N N   . THR A 1 13  ? 9.240   0.094   -7.513  1.00 26.05 ? 13   THR A N   1 
ATOM   99   C CA  . THR A 1 13  ? 10.167  -0.798  -6.843  1.00 26.68 ? 13   THR A CA  1 
ATOM   100  C C   . THR A 1 13  ? 10.758  -1.925  -7.670  1.00 27.22 ? 13   THR A C   1 
ATOM   101  O O   . THR A 1 13  ? 11.644  -2.614  -7.212  1.00 26.64 ? 13   THR A O   1 
ATOM   102  C CB  . THR A 1 13  ? 9.477   -1.518  -5.655  1.00 26.44 ? 13   THR A CB  1 
ATOM   103  O OG1 . THR A 1 13  ? 8.470   -2.415  -6.155  1.00 25.21 ? 13   THR A OG1 1 
ATOM   104  C CG2 . THR A 1 13  ? 8.760   -0.553  -4.763  1.00 25.68 ? 13   THR A CG2 1 
ATOM   105  N N   . GLY A 1 14  ? 10.144  -2.107  -8.790  1.00 28.49 ? 14   GLY A N   1 
ATOM   106  C CA  . GLY A 1 14  ? 10.417  -3.188  -9.643  1.00 30.55 ? 14   GLY A CA  1 
ATOM   107  C C   . GLY A 1 14  ? 9.948   -4.542  -9.073  1.00 32.36 ? 14   GLY A C   1 
ATOM   108  O O   . GLY A 1 14  ? 10.270  -5.569  -9.674  1.00 33.68 ? 14   GLY A O   1 
ATOM   109  N N   . LYS A 1 15  ? 9.214   -4.636  -7.947  1.00 31.17 ? 16   LYS A N   1 
ATOM   110  C CA  . LYS A 1 15  ? 8.669   -5.929  -7.438  1.00 31.76 ? 16   LYS A CA  1 
ATOM   111  C C   . LYS A 1 15  ? 7.187   -5.984  -7.804  1.00 32.01 ? 16   LYS A C   1 
ATOM   112  O O   . LYS A 1 15  ? 6.524   -4.956  -7.890  1.00 32.28 ? 16   LYS A O   1 
ATOM   113  C CB  . LYS A 1 15  ? 8.797   -6.078  -5.923  1.00 30.98 ? 16   LYS A CB  1 
ATOM   114  C CG  . LYS A 1 15  ? 10.224  -5.990  -5.387  1.00 31.84 ? 16   LYS A CG  1 
ATOM   115  C CD  . LYS A 1 15  ? 10.233  -5.989  -3.861  1.00 33.18 ? 16   LYS A CD  1 
ATOM   116  C CE  . LYS A 1 15  ? 11.622  -6.262  -3.333  1.00 35.86 ? 16   LYS A CE  1 
ATOM   117  N NZ  . LYS A 1 15  ? 11.921  -7.715  -3.286  1.00 37.59 ? 16   LYS A NZ  1 
ATOM   118  N N   . LEU A 1 16  ? 6.672   -7.182  -8.019  1.00 32.22 ? 17   LEU A N   1 
ATOM   119  C CA  . LEU A 1 16  ? 5.262   -7.383  -8.264  1.00 32.74 ? 17   LEU A CA  1 
ATOM   120  C C   . LEU A 1 16  ? 4.525   -7.326  -6.922  1.00 31.89 ? 17   LEU A C   1 
ATOM   121  O O   . LEU A 1 16  ? 4.964   -7.937  -5.935  1.00 30.81 ? 17   LEU A O   1 
ATOM   122  C CB  . LEU A 1 16  ? 5.062   -8.742  -8.946  1.00 33.42 ? 17   LEU A CB  1 
ATOM   123  C CG  . LEU A 1 16  ? 5.687   -8.747  -10.350 1.00 36.44 ? 17   LEU A CG  1 
ATOM   124  C CD1 . LEU A 1 16  ? 6.335   -10.107 -10.690 1.00 38.92 ? 17   LEU A CD1 1 
ATOM   125  C CD2 . LEU A 1 16  ? 4.678   -8.332  -11.423 1.00 38.18 ? 17   LEU A CD2 1 
ATOM   126  N N   . ALA A 1 17  ? 3.413   -6.590  -6.904  1.00 31.45 ? 18   ALA A N   1 
ATOM   127  C CA  . ALA A 1 17  ? 2.604   -6.403  -5.706  1.00 31.64 ? 18   ALA A CA  1 
ATOM   128  C C   . ALA A 1 17  ? 2.246   -7.718  -5.061  1.00 32.48 ? 18   ALA A C   1 
ATOM   129  O O   . ALA A 1 17  ? 2.394   -7.881  -3.851  1.00 32.40 ? 18   ALA A O   1 
ATOM   130  C CB  . ALA A 1 17  ? 1.346   -5.628  -6.039  1.00 32.22 ? 18   ALA A CB  1 
ATOM   131  N N   . ILE A 1 18  ? 1.709   -8.640  -5.857  1.00 33.26 ? 19   ILE A N   1 
ATOM   132  C CA  . ILE A 1 18  ? 1.482   -9.999  -5.398  1.00 34.87 ? 19   ILE A CA  1 
ATOM   133  C C   . ILE A 1 18  ? 2.638   -10.672 -6.115  1.00 35.30 ? 19   ILE A C   1 
ATOM   134  O O   . ILE A 1 18  ? 2.697   -10.575 -7.340  1.00 36.02 ? 19   ILE A O   1 
ATOM   135  C CB  . ILE A 1 18  ? 0.184   -10.552 -6.033  1.00 35.62 ? 19   ILE A CB  1 
ATOM   136  C CG1 . ILE A 1 18  ? -1.044  -9.746  -5.630  1.00 37.05 ? 19   ILE A CG1 1 
ATOM   137  C CG2 . ILE A 1 18  ? 0.023   -12.055 -5.720  1.00 35.93 ? 19   ILE A CG2 1 
ATOM   138  C CD1 . ILE A 1 18  ? -2.221  -9.987  -6.550  1.00 40.79 ? 19   ILE A CD1 1 
ATOM   139  N N   . PRO A 1 19  ? 3.541   -11.393 -5.467  1.00 35.13 ? 20   PRO A N   1 
ATOM   140  C CA  . PRO A 1 19  ? 3.553   -11.801 -4.062  1.00 35.01 ? 20   PRO A CA  1 
ATOM   141  C C   . PRO A 1 19  ? 4.441   -11.014 -3.095  1.00 34.09 ? 20   PRO A C   1 
ATOM   142  O O   . PRO A 1 19  ? 4.595   -11.403 -1.931  1.00 34.76 ? 20   PRO A O   1 
ATOM   143  C CB  . PRO A 1 19  ? 4.180   -13.183 -4.187  1.00 35.68 ? 20   PRO A CB  1 
ATOM   144  C CG  . PRO A 1 19  ? 5.278   -12.942 -5.239  1.00 36.14 ? 20   PRO A CG  1 
ATOM   145  C CD  . PRO A 1 19  ? 4.712   -11.913 -6.199  1.00 35.53 ? 20   PRO A CD  1 
ATOM   146  N N   . SER A 1 20  ? 5.032   -9.930  -3.536  1.00 32.85 ? 21   SER A N   1 
ATOM   147  C CA  . SER A 1 20  ? 5.971   -9.241  -2.656  1.00 31.29 ? 21   SER A CA  1 
ATOM   148  C C   . SER A 1 20  ? 5.359   -8.448  -1.537  1.00 30.46 ? 21   SER A C   1 
ATOM   149  O O   . SER A 1 20  ? 5.949   -8.339  -0.448  1.00 29.58 ? 21   SER A O   1 
ATOM   150  C CB  . SER A 1 20  ? 6.839   -8.314  -3.478  1.00 31.18 ? 21   SER A CB  1 
ATOM   151  O OG  . SER A 1 20  ? 7.663   -9.080  -4.314  1.00 31.36 ? 21   SER A OG  1 
ATOM   152  N N   . TYR A 1 21  ? 4.192   -7.871  -1.802  1.00 29.61 ? 22   TYR A N   1 
ATOM   153  C CA  . TYR A 1 21  ? 3.563   -6.988  -0.832  1.00 29.44 ? 22   TYR A CA  1 
ATOM   154  C C   . TYR A 1 21  ? 2.138   -7.412  -0.438  1.00 30.29 ? 22   TYR A C   1 
ATOM   155  O O   . TYR A 1 21  ? 1.482   -6.702  0.310   1.00 30.93 ? 22   TYR A O   1 
ATOM   156  C CB  . TYR A 1 21  ? 3.551   -5.535  -1.334  1.00 28.24 ? 22   TYR A CB  1 
ATOM   157  C CG  . TYR A 1 21  ? 4.921   -4.878  -1.476  1.00 26.90 ? 22   TYR A CG  1 
ATOM   158  C CD1 . TYR A 1 21  ? 5.587   -4.331  -0.369  1.00 27.16 ? 22   TYR A CD1 1 
ATOM   159  C CD2 . TYR A 1 21  ? 5.535   -4.805  -2.711  1.00 21.18 ? 22   TYR A CD2 1 
ATOM   160  C CE1 . TYR A 1 21  ? 6.856   -3.724  -0.498  1.00 23.38 ? 22   TYR A CE1 1 
ATOM   161  C CE2 . TYR A 1 21  ? 6.800   -4.200  -2.863  1.00 25.97 ? 22   TYR A CE2 1 
ATOM   162  C CZ  . TYR A 1 21  ? 7.436   -3.662  -1.740  1.00 23.80 ? 22   TYR A CZ  1 
ATOM   163  O OH  . TYR A 1 21  ? 8.650   -3.087  -1.889  1.00 25.06 ? 22   TYR A OH  1 
ATOM   164  N N   . SER A 1 22  ? 1.666   -8.562  -0.910  1.00 29.59 ? 23   SER A N   1 
ATOM   165  C CA  . SER A 1 22  ? 0.308   -8.994  -0.574  1.00 29.39 ? 23   SER A CA  1 
ATOM   166  C C   . SER A 1 22  ? 0.238   -9.835  0.709   1.00 28.76 ? 23   SER A C   1 
ATOM   167  O O   . SER A 1 22  ? -0.828  -10.018 1.247   1.00 27.60 ? 23   SER A O   1 
ATOM   168  C CB  . SER A 1 22  ? -0.298  -9.783  -1.744  1.00 29.30 ? 23   SER A CB  1 
ATOM   169  O OG  . SER A 1 22  ? 0.573   -10.872 -2.066  1.00 30.94 ? 23   SER A OG  1 
ATOM   170  N N   . SER A 1 23  ? 1.357   -10.390 1.176   1.00 28.49 ? 24   SER A N   1 
ATOM   171  C CA  . SER A 1 23  ? 1.306   -11.164 2.424   1.00 29.46 ? 24   SER A CA  1 
ATOM   172  C C   . SER A 1 23  ? 2.483   -10.850 3.338   1.00 28.65 ? 24   SER A C   1 
ATOM   173  O O   . SER A 1 23  ? 3.002   -11.728 4.055   1.00 28.70 ? 24   SER A O   1 
ATOM   174  C CB  . SER A 1 23  ? 1.301   -12.667 2.130   1.00 30.01 ? 24   SER A CB  1 
ATOM   175  O OG  . SER A 1 23  ? 2.507   -13.016 1.471   1.00 33.77 ? 24   SER A OG  1 
ATOM   176  N N   . TYR A 1 24  ? 2.883   -9.587  3.351   1.00 26.49 ? 25   TYR A N   1 
ATOM   177  C CA  . TYR A 1 24  ? 4.077   -9.204  4.082   1.00 25.19 ? 25   TYR A CA  1 
ATOM   178  C C   . TYR A 1 24  ? 3.748   -8.618  5.453   1.00 25.22 ? 25   TYR A C   1 
ATOM   179  O O   . TYR A 1 24  ? 2.889   -7.752  5.584   1.00 24.16 ? 25   TYR A O   1 
ATOM   180  C CB  . TYR A 1 24  ? 4.860   -8.214  3.204   1.00 25.27 ? 25   TYR A CB  1 
ATOM   181  C CG  . TYR A 1 24  ? 6.208   -7.801  3.687   1.00 24.54 ? 25   TYR A CG  1 
ATOM   182  C CD1 . TYR A 1 24  ? 6.345   -6.916  4.758   1.00 23.55 ? 25   TYR A CD1 1 
ATOM   183  C CD2 . TYR A 1 24  ? 7.363   -8.247  3.038   1.00 26.04 ? 25   TYR A CD2 1 
ATOM   184  C CE1 . TYR A 1 24  ? 7.621   -6.520  5.199   1.00 23.71 ? 25   TYR A CE1 1 
ATOM   185  C CE2 . TYR A 1 24  ? 8.644   -7.851  3.465   1.00 24.27 ? 25   TYR A CE2 1 
ATOM   186  C CZ  . TYR A 1 24  ? 8.748   -6.988  4.545   1.00 24.88 ? 25   TYR A CZ  1 
ATOM   187  O OH  . TYR A 1 24  ? 9.984   -6.579  4.989   1.00 25.65 ? 25   TYR A OH  1 
ATOM   188  N N   . GLY A 1 25  ? 4.436   -9.108  6.481   1.00 24.37 ? 26   GLY A N   1 
ATOM   189  C CA  . GLY A 1 25  ? 4.284   -8.696  7.872   1.00 24.45 ? 26   GLY A CA  1 
ATOM   190  C C   . GLY A 1 25  ? 2.839   -8.688  8.326   1.00 24.86 ? 26   GLY A C   1 
ATOM   191  O O   . GLY A 1 25  ? 2.016   -9.461  7.841   1.00 24.91 ? 26   GLY A O   1 
ATOM   192  N N   . CYS A 1 26  ? 2.507   -7.789  9.235   1.00 24.08 ? 27   CYS A N   1 
ATOM   193  C CA  . CYS A 1 26  ? 1.173   -7.709  9.719   1.00 24.49 ? 27   CYS A CA  1 
ATOM   194  C C   . CYS A 1 26  ? 0.261   -6.756  8.901   1.00 24.08 ? 27   CYS A C   1 
ATOM   195  O O   . CYS A 1 26  ? -0.950  -6.849  9.079   1.00 24.32 ? 27   CYS A O   1 
ATOM   196  C CB  . CYS A 1 26  ? 1.148   -7.263  11.165  1.00 25.33 ? 27   CYS A CB  1 
ATOM   197  S SG  . CYS A 1 26  ? 2.439   -8.017  12.208  1.00 28.20 ? 27   CYS A SG  1 
ATOM   198  N N   . TYR A 1 27  ? 0.751   -5.870  8.031   1.00 23.91 ? 28   TYR A N   1 
ATOM   199  C CA  . TYR A 1 27  ? -0.298  -4.996  7.448   1.00 23.69 ? 28   TYR A CA  1 
ATOM   200  C C   . TYR A 1 27  ? -0.430  -5.057  5.890   1.00 24.46 ? 28   TYR A C   1 
ATOM   201  O O   . TYR A 1 27  ? -1.514  -4.774  5.366   1.00 24.95 ? 28   TYR A O   1 
ATOM   202  C CB  . TYR A 1 27  ? -0.128  -3.557  7.954   1.00 23.52 ? 28   TYR A CB  1 
ATOM   203  C CG  . TYR A 1 27  ? -0.651  -3.402  9.366   1.00 23.78 ? 28   TYR A CG  1 
ATOM   204  C CD1 . TYR A 1 27  ? 0.211   -3.402  10.472  1.00 22.78 ? 28   TYR A CD1 1 
ATOM   205  C CD2 . TYR A 1 27  ? -2.004  -3.301  9.630   1.00 24.37 ? 28   TYR A CD2 1 
ATOM   206  C CE1 . TYR A 1 27  ? -0.260  -3.299  11.771  1.00 23.17 ? 28   TYR A CE1 1 
ATOM   207  C CE2 . TYR A 1 27  ? -2.486  -3.200  10.932  1.00 25.69 ? 28   TYR A CE2 1 
ATOM   208  C CZ  . TYR A 1 27  ? -1.621  -3.216  11.990  1.00 25.98 ? 28   TYR A CZ  1 
ATOM   209  O OH  . TYR A 1 27  ? -2.122  -3.139  13.265  1.00 25.01 ? 28   TYR A OH  1 
ATOM   210  N N   . CYS A 1 28  ? 0.645   -5.400  5.145   1.00 24.34 ? 29   CYS A N   1 
ATOM   211  C CA  . CYS A 1 28  ? 0.529   -5.512  3.703   1.00 27.90 ? 29   CYS A CA  1 
ATOM   212  C C   . CYS A 1 28  ? -0.432  -6.665  3.399   1.00 31.39 ? 29   CYS A C   1 
ATOM   213  O O   . CYS A 1 28  ? -0.100  -7.816  3.655   1.00 32.68 ? 29   CYS A O   1 
ATOM   214  C CB  . CYS A 1 28  ? 1.907   -5.728  3.056   1.00 26.24 ? 29   CYS A CB  1 
ATOM   215  S SG  . CYS A 1 28  ? 3.118   -4.412  3.400   1.00 23.03 ? 29   CYS A SG  1 
ATOM   216  N N   . GLY A 1 29  ? -1.584  -6.329  2.898   1.00 34.79 ? 30   GLY A N   1 
ATOM   217  C CA  . GLY A 1 29  ? -2.570  -7.288  2.551   1.00 40.02 ? 30   GLY A CA  1 
ATOM   218  C C   . GLY A 1 29  ? -3.765  -7.259  3.448   1.00 43.16 ? 30   GLY A C   1 
ATOM   219  O O   . GLY A 1 29  ? -4.007  -6.368  4.256   1.00 43.59 ? 30   GLY A O   1 
ATOM   220  N N   . TRP A 1 30  ? -4.498  -8.318  3.220   1.00 46.20 ? 31   TRP A N   1 
ATOM   221  C CA  . TRP A 1 30  ? -5.680  -8.621  3.969   1.00 49.02 ? 31   TRP A CA  1 
ATOM   222  C C   . TRP A 1 30  ? -5.612  -8.044  5.380   1.00 49.23 ? 31   TRP A C   1 
ATOM   223  O O   . TRP A 1 30  ? -6.537  -7.348  5.817   1.00 49.59 ? 31   TRP A O   1 
ATOM   224  C CB  . TRP A 1 30  ? -5.840  -10.161 3.966   1.00 50.08 ? 31   TRP A CB  1 
ATOM   225  C CG  . TRP A 1 30  ? -6.627  -10.877 5.040   1.00 54.67 ? 31   TRP A CG  1 
ATOM   226  C CD1 . TRP A 1 30  ? -7.983  -11.166 5.029   1.00 57.82 ? 31   TRP A CD1 1 
ATOM   227  C CD2 . TRP A 1 30  ? -6.123  -11.423 6.270   1.00 57.92 ? 31   TRP A CD2 1 
ATOM   228  N NE1 . TRP A 1 30  ? -8.337  -11.830 6.184   1.00 58.81 ? 31   TRP A NE1 1 
ATOM   229  C CE2 . TRP A 1 30  ? -7.219  -12.000 6.963   1.00 59.37 ? 31   TRP A CE2 1 
ATOM   230  C CE3 . TRP A 1 30  ? -4.852  -11.463 6.873   1.00 58.98 ? 31   TRP A CE3 1 
ATOM   231  C CZ2 . TRP A 1 30  ? -7.078  -12.620 8.213   1.00 59.55 ? 31   TRP A CZ2 1 
ATOM   232  C CZ3 . TRP A 1 30  ? -4.718  -12.076 8.115   1.00 58.99 ? 31   TRP A CZ3 1 
ATOM   233  C CH2 . TRP A 1 30  ? -5.825  -12.641 8.769   1.00 59.68 ? 31   TRP A CH2 1 
ATOM   234  N N   . GLY A 1 31  ? -4.517  -8.329  6.091   1.00 49.55 ? 32   GLY A N   1 
ATOM   235  C CA  . GLY A 1 31  ? -4.309  -8.003  7.496   1.00 49.61 ? 32   GLY A CA  1 
ATOM   236  C C   . GLY A 1 31  ? -4.647  -6.633  8.086   1.00 49.27 ? 32   GLY A C   1 
ATOM   237  O O   . GLY A 1 31  ? -4.882  -5.662  7.362   1.00 49.73 ? 32   GLY A O   1 
ATOM   238  N N   . GLY A 1 32  ? -4.685  -6.594  9.413   1.00 48.94 ? 33   GLY A N   1 
ATOM   239  C CA  . GLY A 1 32  ? -4.927  -5.374  10.146  1.00 48.04 ? 33   GLY A CA  1 
ATOM   240  C C   . GLY A 1 32  ? -4.876  -5.581  11.643  1.00 47.40 ? 33   GLY A C   1 
ATOM   241  O O   . GLY A 1 32  ? -5.810  -5.200  12.340  1.00 48.24 ? 33   GLY A O   1 
ATOM   242  N N   . LYS A 1 33  ? -3.794  -6.168  12.153  1.00 45.74 ? 34   LYS A N   1 
ATOM   243  C CA  . LYS A 1 33  ? -3.660  -6.384  13.597  1.00 44.55 ? 34   LYS A CA  1 
ATOM   244  C C   . LYS A 1 33  ? -2.212  -6.260  14.044  1.00 42.09 ? 34   LYS A C   1 
ATOM   245  O O   . LYS A 1 33  ? -1.293  -6.564  13.294  1.00 40.79 ? 34   LYS A O   1 
ATOM   246  C CB  . LYS A 1 33  ? -4.192  -7.784  14.024  1.00 45.37 ? 34   LYS A CB  1 
ATOM   247  C CG  . LYS A 1 33  ? -5.680  -7.880  14.341  1.00 48.30 ? 34   LYS A CG  1 
ATOM   248  C CD  . LYS A 1 33  ? -6.086  -6.884  15.431  1.00 53.20 ? 34   LYS A CD  1 
ATOM   249  C CE  . LYS A 1 33  ? -7.519  -6.382  15.269  1.00 54.68 ? 34   LYS A CE  1 
ATOM   250  N NZ  . LYS A 1 33  ? -7.622  -4.889  15.544  1.00 55.12 ? 34   LYS A NZ  1 
ATOM   251  N N   . GLY A 1 34  ? -2.025  -5.813  15.279  1.00 40.44 ? 35   GLY A N   1 
ATOM   252  C CA  . GLY A 1 34  ? -0.711  -5.782  15.899  1.00 38.65 ? 35   GLY A CA  1 
ATOM   253  C C   . GLY A 1 34  ? 0.256   -4.653  15.578  1.00 36.91 ? 35   GLY A C   1 
ATOM   254  O O   . GLY A 1 34  ? -0.107  -3.637  15.013  1.00 36.30 ? 35   GLY A O   1 
ATOM   255  N N   . THR A 1 35  ? 1.509   -4.855  15.967  1.00 35.80 ? 36   THR A N   1 
ATOM   256  C CA  . THR A 1 35  ? 2.588   -3.899  15.728  1.00 35.24 ? 36   THR A CA  1 
ATOM   257  C C   . THR A 1 35  ? 3.247   -4.151  14.375  1.00 32.85 ? 36   THR A C   1 
ATOM   258  O O   . THR A 1 35  ? 3.659   -5.268  14.121  1.00 32.76 ? 36   THR A O   1 
ATOM   259  C CB  . THR A 1 35  ? 3.631   -4.101  16.808  1.00 35.48 ? 36   THR A CB  1 
ATOM   260  O OG1 . THR A 1 35  ? 3.005   -3.939  18.083  1.00 39.04 ? 36   THR A OG1 1 
ATOM   261  C CG2 . THR A 1 35  ? 4.692   -2.990  16.746  1.00 37.43 ? 36   THR A CG2 1 
ATOM   262  N N   . PRO A 1 36  ? 3.379   -3.144  13.504  1.00 31.05 ? 37   PRO A N   1 
ATOM   263  C CA  . PRO A 1 36  ? 4.023   -3.382  12.201  1.00 29.63 ? 37   PRO A CA  1 
ATOM   264  C C   . PRO A 1 36  ? 5.437   -3.868  12.439  1.00 29.40 ? 37   PRO A C   1 
ATOM   265  O O   . PRO A 1 36  ? 6.085   -3.355  13.356  1.00 28.05 ? 37   PRO A O   1 
ATOM   266  C CB  . PRO A 1 36  ? 4.018   -1.993  11.530  1.00 29.44 ? 37   PRO A CB  1 
ATOM   267  C CG  . PRO A 1 36  ? 2.912   -1.247  12.219  1.00 29.61 ? 37   PRO A CG  1 
ATOM   268  C CD  . PRO A 1 36  ? 2.909   -1.753  13.649  1.00 30.81 ? 37   PRO A CD  1 
ATOM   269  N N   . LYS A 1 37  ? 5.897   -4.834  11.661  1.00 28.81 ? 38   LYS A N   1 
ATOM   270  C CA  . LYS A 1 37  ? 7.201   -5.477  11.866  1.00 29.08 ? 38   LYS A CA  1 
ATOM   271  C C   . LYS A 1 37  ? 8.463   -4.703  11.465  1.00 28.95 ? 38   LYS A C   1 
ATOM   272  O O   . LYS A 1 37  ? 9.508   -4.860  12.093  1.00 28.74 ? 38   LYS A O   1 
ATOM   273  C CB  . LYS A 1 37  ? 7.214   -6.818  11.138  1.00 29.75 ? 38   LYS A CB  1 
ATOM   274  C CG  . LYS A 1 37  ? 5.961   -7.675  11.344  1.00 31.45 ? 38   LYS A CG  1 
ATOM   275  C CD  . LYS A 1 37  ? 6.144   -8.601  12.541  1.00 35.54 ? 38   LYS A CD  1 
ATOM   276  C CE  . LYS A 1 37  ? 6.250   -7.813  13.841  1.00 38.67 ? 38   LYS A CE  1 
ATOM   277  N NZ  . LYS A 1 37  ? 7.090   -8.514  14.852  1.00 38.58 ? 38   LYS A NZ  1 
ATOM   278  N N   . ASP A 1 38  ? 8.341   -3.881  10.427  1.00 27.32 ? 39   ASP A N   1 
ATOM   279  C CA  . ASP A 1 38  ? 9.461   -3.108  9.930   1.00 25.54 ? 39   ASP A CA  1 
ATOM   280  C C   . ASP A 1 38  ? 8.955   -1.932  9.108   1.00 24.14 ? 39   ASP A C   1 
ATOM   281  O O   . ASP A 1 38  ? 7.745   -1.775  8.892   1.00 22.40 ? 39   ASP A O   1 
ATOM   282  C CB  . ASP A 1 38  ? 10.415  -3.994  9.116   1.00 25.29 ? 39   ASP A CB  1 
ATOM   283  C CG  . ASP A 1 38  ? 9.802   -4.436  7.797   1.00 26.44 ? 39   ASP A CG  1 
ATOM   284  O OD1 . ASP A 1 38  ? 8.568   -4.272  7.643   1.00 25.69 ? 39   ASP A OD1 1 
ATOM   285  O OD2 . ASP A 1 38  ? 10.550  -4.923  6.928   1.00 26.70 ? 39   ASP A OD2 1 
ATOM   286  N N   . ALA A 1 39  ? 9.865   -1.103  8.625   1.00 22.96 ? 40   ALA A N   1 
ATOM   287  C CA  . ALA A 1 39  ? 9.471   0.106   7.845   1.00 21.99 ? 40   ALA A CA  1 
ATOM   288  C C   . ALA A 1 39  ? 8.471   -0.185  6.737   1.00 21.97 ? 40   ALA A C   1 
ATOM   289  O O   . ALA A 1 39  ? 7.460   0.516   6.601   1.00 20.84 ? 40   ALA A O   1 
ATOM   290  C CB  . ALA A 1 39  ? 10.704  0.790   7.277   1.00 21.41 ? 40   ALA A CB  1 
ATOM   291  N N   . THR A 1 40  ? 8.733   -1.215  5.955   1.00 21.87 ? 41   THR A N   1 
ATOM   292  C CA  . THR A 1 40  ? 7.816   -1.608  4.873   1.00 21.40 ? 41   THR A CA  1 
ATOM   293  C C   . THR A 1 40  ? 6.406   -1.897  5.368   1.00 20.97 ? 41   THR A C   1 
ATOM   294  O O   . THR A 1 40  ? 5.387   -1.390  4.842   1.00 21.16 ? 41   THR A O   1 
ATOM   295  C CB  . THR A 1 40  ? 8.381   -2.812  4.150   1.00 21.73 ? 41   THR A CB  1 
ATOM   296  O OG1 . THR A 1 40  ? 9.460   -2.357  3.330   1.00 24.59 ? 41   THR A OG1 1 
ATOM   297  C CG2 . THR A 1 40  ? 7.286   -3.377  3.159   1.00 20.55 ? 41   THR A CG2 1 
ATOM   298  N N   . ASP A 1 41  ? 6.346   -2.680  6.439   1.00 19.70 ? 42   ASP A N   1 
ATOM   299  C CA  . ASP A 1 41  ? 5.078   -3.009  7.090   1.00 20.32 ? 42   ASP A CA  1 
ATOM   300  C C   . ASP A 1 41  ? 4.404   -1.724  7.587   1.00 19.83 ? 42   ASP A C   1 
ATOM   301  O O   . ASP A 1 41  ? 3.168   -1.616  7.606   1.00 17.31 ? 42   ASP A O   1 
ATOM   302  C CB  . ASP A 1 41  ? 5.304   -3.972  8.251   1.00 18.63 ? 42   ASP A CB  1 
ATOM   303  C CG  . ASP A 1 41  ? 4.064   -4.806  8.618   1.00 22.13 ? 42   ASP A CG  1 
ATOM   304  O OD1 . ASP A 1 41  ? 3.012   -4.825  7.895   1.00 20.10 ? 42   ASP A OD1 1 
ATOM   305  O OD2 . ASP A 1 41  ? 4.075   -5.501  9.662   1.00 19.99 ? 42   ASP A OD2 1 
ATOM   306  N N   . ARG A 1 42  ? 5.229   -0.779  8.043   1.00 20.38 ? 43   ARG A N   1 
ATOM   307  C CA  . ARG A 1 42  ? 4.686   0.532   8.441   1.00 20.84 ? 43   ARG A CA  1 
ATOM   308  C C   . ARG A 1 42  ? 4.060   1.291   7.271   1.00 19.28 ? 43   ARG A C   1 
ATOM   309  O O   . ARG A 1 42  ? 3.052   1.965   7.438   1.00 18.66 ? 43   ARG A O   1 
ATOM   310  C CB  . ARG A 1 42  ? 5.707   1.419   9.202   1.00 21.14 ? 43   ARG A CB  1 
ATOM   311  C CG  . ARG A 1 42  ? 5.908   1.031   10.662  1.00 26.43 ? 43   ARG A CG  1 
ATOM   312  C CD  . ARG A 1 42  ? 6.852   1.994   11.518  1.00 30.37 ? 43   ARG A CD  1 
ATOM   313  N NE  . ARG A 1 42  ? 8.256   1.995   11.075  1.00 33.12 ? 43   ARG A NE  1 
ATOM   314  C CZ  . ARG A 1 42  ? 9.217   1.166   11.524  1.00 36.67 ? 43   ARG A CZ  1 
ATOM   315  N NH1 . ARG A 1 42  ? 8.957   0.231   12.434  1.00 38.54 ? 43   ARG A NH1 1 
ATOM   316  N NH2 . ARG A 1 42  ? 10.450  1.264   11.055  1.00 36.33 ? 43   ARG A NH2 1 
ATOM   317  N N   . CYS A 1 43  ? 4.706   1.249   6.123   1.00 19.15 ? 44   CYS A N   1 
ATOM   318  C CA  . CYS A 1 43  ? 4.075   1.818   4.940   1.00 18.70 ? 44   CYS A CA  1 
ATOM   319  C C   . CYS A 1 43  ? 2.673   1.261   4.759   1.00 19.07 ? 44   CYS A C   1 
ATOM   320  O O   . CYS A 1 43  ? 1.739   2.014   4.468   1.00 18.85 ? 44   CYS A O   1 
ATOM   321  C CB  . CYS A 1 43  ? 4.865   1.528   3.671   1.00 18.90 ? 44   CYS A CB  1 
ATOM   322  S SG  . CYS A 1 43  ? 6.574   2.088   3.650   1.00 23.20 ? 44   CYS A SG  1 
ATOM   323  N N   . CYS A 1 44  ? 2.508   -0.061  4.878   1.00 18.73 ? 45   CYS A N   1 
ATOM   324  C CA  . CYS A 1 44  ? 1.200   -0.683  4.714   1.00 18.85 ? 45   CYS A CA  1 
ATOM   325  C C   . CYS A 1 44  ? 0.206   -0.229  5.789   1.00 19.32 ? 45   CYS A C   1 
ATOM   326  O O   . CYS A 1 44  ? -0.946  0.022   5.470   1.00 18.75 ? 45   CYS A O   1 
ATOM   327  C CB  . CYS A 1 44  ? 1.347   -2.210  4.705   1.00 19.01 ? 45   CYS A CB  1 
ATOM   328  S SG  . CYS A 1 44  ? 2.247   -2.707  3.219   1.00 20.77 ? 45   CYS A SG  1 
ATOM   329  N N   . PHE A 1 45  ? 0.669   -0.119  7.043   1.00 19.05 ? 46   PHE A N   1 
ATOM   330  C CA  . PHE A 1 45  ? -0.149  0.381   8.135   1.00 20.61 ? 46   PHE A CA  1 
ATOM   331  C C   . PHE A 1 45  ? -0.684  1.798   7.833   1.00 19.11 ? 46   PHE A C   1 
ATOM   332  O O   . PHE A 1 45  ? -1.878  2.041   7.923   1.00 19.56 ? 46   PHE A O   1 
ATOM   333  C CB  . PHE A 1 45  ? 0.647   0.387   9.451   1.00 19.84 ? 46   PHE A CB  1 
ATOM   334  C CG  . PHE A 1 45  ? -0.122  0.956   10.602  1.00 24.01 ? 46   PHE A CG  1 
ATOM   335  C CD1 . PHE A 1 45  ? -1.123  0.220   11.215  1.00 25.76 ? 46   PHE A CD1 1 
ATOM   336  C CD2 . PHE A 1 45  ? 0.133   2.247   11.060  1.00 25.88 ? 46   PHE A CD2 1 
ATOM   337  C CE1 . PHE A 1 45  ? -1.878  0.757   12.270  1.00 29.16 ? 46   PHE A CE1 1 
ATOM   338  C CE2 . PHE A 1 45  ? -0.613  2.775   12.127  1.00 27.87 ? 46   PHE A CE2 1 
ATOM   339  C CZ  . PHE A 1 45  ? -1.614  2.035   12.728  1.00 28.67 ? 46   PHE A CZ  1 
ATOM   340  N N   . VAL A 1 46  ? 0.208   2.714   7.442   1.00 19.35 ? 47   VAL A N   1 
ATOM   341  C CA  . VAL A 1 46  ? -0.198  4.082   7.129   1.00 18.70 ? 47   VAL A CA  1 
ATOM   342  C C   . VAL A 1 46  ? -1.144  4.095   5.906   1.00 18.72 ? 47   VAL A C   1 
ATOM   343  O O   . VAL A 1 46  ? -2.129  4.801   5.859   1.00 19.10 ? 47   VAL A O   1 
ATOM   344  C CB  . VAL A 1 46  ? 1.017   4.963   6.845   1.00 19.18 ? 47   VAL A CB  1 
ATOM   345  C CG1 . VAL A 1 46  ? 0.545   6.375   6.351   1.00 17.61 ? 47   VAL A CG1 1 
ATOM   346  C CG2 . VAL A 1 46  ? 1.881   5.053   8.095   1.00 18.21 ? 47   VAL A CG2 1 
ATOM   347  N N   . HIS A 1 47  ? -0.880  3.222   4.954   1.00 19.15 ? 48   HIS A N   1 
ATOM   348  C CA  . HIS A 1 47  ? -1.752  3.073   3.781   1.00 18.60 ? 48   HIS A CA  1 
ATOM   349  C C   . HIS A 1 47  ? -3.142  2.592   4.184   1.00 18.85 ? 48   HIS A C   1 
ATOM   350  O O   . HIS A 1 47  ? -4.161  3.106   3.662   1.00 19.76 ? 48   HIS A O   1 
ATOM   351  C CB  . HIS A 1 47  ? -1.122  2.081   2.760   1.00 18.93 ? 48   HIS A CB  1 
ATOM   352  C CG  . HIS A 1 47  ? -1.864  1.987   1.450   1.00 18.84 ? 48   HIS A CG  1 
ATOM   353  N ND1 . HIS A 1 47  ? -2.660  0.908   1.116   1.00 18.85 ? 48   HIS A ND1 1 
ATOM   354  C CD2 . HIS A 1 47  ? -1.989  2.873   0.426   1.00 15.70 ? 48   HIS A CD2 1 
ATOM   355  C CE1 . HIS A 1 47  ? -3.162  1.086   -0.100  1.00 18.16 ? 48   HIS A CE1 1 
ATOM   356  N NE2 . HIS A 1 47  ? -2.776  2.272   -0.540  1.00 19.72 ? 48   HIS A NE2 1 
ATOM   357  N N   . ASP A 1 48  ? -3.214  1.596   5.077   1.00 18.45 ? 49   ASP A N   1 
ATOM   358  C CA  . ASP A 1 48  ? -4.500  1.167   5.606   1.00 19.55 ? 49   ASP A CA  1 
ATOM   359  C C   . ASP A 1 48  ? -5.223  2.312   6.334   1.00 19.51 ? 49   ASP A C   1 
ATOM   360  O O   . ASP A 1 48  ? -6.442  2.442   6.196   1.00 20.25 ? 49   ASP A O   1 
ATOM   361  C CB  . ASP A 1 48  ? -4.349  0.034   6.599   1.00 20.24 ? 49   ASP A CB  1 
ATOM   362  C CG  . ASP A 1 48  ? -4.139  -1.332  5.933   1.00 26.34 ? 49   ASP A CG  1 
ATOM   363  O OD1 . ASP A 1 48  ? -4.006  -1.417  4.691   1.00 26.69 ? 49   ASP A OD1 1 
ATOM   364  O OD2 . ASP A 1 48  ? -4.053  -2.366  6.621   1.00 29.97 ? 49   ASP A OD2 1 
ATOM   365  N N   . CYS A 1 49  ? -4.477  3.119   7.108   1.00 19.31 ? 50   CYS A N   1 
ATOM   366  C CA  . CYS A 1 49  ? -5.057  4.258   7.835   1.00 19.97 ? 50   CYS A CA  1 
ATOM   367  C C   . CYS A 1 49  ? -5.586  5.303   6.840   1.00 20.13 ? 50   CYS A C   1 
ATOM   368  O O   . CYS A 1 49  ? -6.681  5.883   7.024   1.00 18.84 ? 50   CYS A O   1 
ATOM   369  C CB  . CYS A 1 49  ? -4.025  4.890   8.780   1.00 20.44 ? 50   CYS A CB  1 
ATOM   370  S SG  . CYS A 1 49  ? -3.589  3.822   10.158  1.00 22.41 ? 50   CYS A SG  1 
ATOM   371  N N   . CYS A 1 50  ? -4.818  5.486   5.770   1.00 18.87 ? 51   CYS A N   1 
ATOM   372  C CA  . CYS A 1 50  ? -5.177  6.408   4.726   1.00 19.67 ? 51   CYS A CA  1 
ATOM   373  C C   . CYS A 1 50  ? -6.562  6.056   4.098   1.00 20.14 ? 51   CYS A C   1 
ATOM   374  O O   . CYS A 1 50  ? -7.428  6.917   3.995   1.00 21.31 ? 51   CYS A O   1 
ATOM   375  C CB  . CYS A 1 50  ? -4.035  6.524   3.704   1.00 18.85 ? 51   CYS A CB  1 
ATOM   376  S SG  . CYS A 1 50  ? -4.098  7.994   2.658   1.00 17.36 ? 51   CYS A SG  1 
ATOM   377  N N   . TYR A 1 51  ? -6.744  4.804   3.704   1.00 20.09 ? 52   TYR A N   1 
ATOM   378  C CA  . TYR A 1 51  ? -8.005  4.260   3.218   1.00 21.10 ? 52   TYR A CA  1 
ATOM   379  C C   . TYR A 1 51  ? -9.082  4.431   4.303   1.00 22.02 ? 52   TYR A C   1 
ATOM   380  O O   . TYR A 1 51  ? -10.203 4.795   4.011   1.00 21.53 ? 52   TYR A O   1 
ATOM   381  C CB  . TYR A 1 51  ? -7.835  2.737   2.907   1.00 20.40 ? 52   TYR A CB  1 
ATOM   382  C CG  . TYR A 1 51  ? -7.243  2.435   1.545   1.00 21.17 ? 52   TYR A CG  1 
ATOM   383  C CD1 . TYR A 1 51  ? -6.771  3.461   0.718   1.00 20.33 ? 52   TYR A CD1 1 
ATOM   384  C CD2 . TYR A 1 51  ? -7.173  1.121   1.070   1.00 23.30 ? 52   TYR A CD2 1 
ATOM   385  C CE1 . TYR A 1 51  ? -6.210  3.172   -0.546  1.00 20.21 ? 52   TYR A CE1 1 
ATOM   386  C CE2 . TYR A 1 51  ? -6.632  0.831   -0.199  1.00 21.99 ? 52   TYR A CE2 1 
ATOM   387  C CZ  . TYR A 1 51  ? -6.161  1.851   -0.983  1.00 20.90 ? 52   TYR A CZ  1 
ATOM   388  O OH  . TYR A 1 51  ? -5.647  1.537   -2.227  1.00 22.29 ? 52   TYR A OH  1 
ATOM   389  N N   . GLY A 1 52  ? -8.714  4.152   5.550   1.00 22.71 ? 53   GLY A N   1 
ATOM   390  C CA  . GLY A 1 52  ? -9.618  4.339   6.674   1.00 23.91 ? 53   GLY A CA  1 
ATOM   391  C C   . GLY A 1 52  ? -10.172 5.745   6.814   1.00 24.82 ? 53   GLY A C   1 
ATOM   392  O O   . GLY A 1 52  ? -11.226 5.900   7.380   1.00 25.80 ? 53   GLY A O   1 
ATOM   393  N N   . ASN A 1 53  ? -9.471  6.762   6.277   1.00 25.58 ? 54   ASN A N   1 
ATOM   394  C CA  . ASN A 1 53  ? -9.949  8.139   6.305   1.00 26.90 ? 54   ASN A CA  1 
ATOM   395  C C   . ASN A 1 53  ? -11.056 8.385   5.258   1.00 26.49 ? 54   ASN A C   1 
ATOM   396  O O   . ASN A 1 53  ? -11.692 9.447   5.265   1.00 28.05 ? 54   ASN A O   1 
ATOM   397  C CB  . ASN A 1 53  ? -8.809  9.149   5.983   1.00 27.17 ? 54   ASN A CB  1 
ATOM   398  C CG  . ASN A 1 53  ? -7.774  9.364   7.093   1.00 32.58 ? 54   ASN A CG  1 
ATOM   399  O OD1 . ASN A 1 53  ? -8.049  9.228   8.290   1.00 33.63 ? 54   ASN A OD1 1 
ATOM   400  N ND2 . ASN A 1 53  ? -6.551  9.696   6.695   1.00 36.05 ? 54   ASN A ND2 1 
ATOM   401  N N   . LEU A 1 54  ? -11.274 7.423   4.395   1.00 26.07 ? 55   LEU A N   1 
ATOM   402  C CA  . LEU A 1 54  ? -12.267 7.502   3.381   1.00 27.48 ? 55   LEU A CA  1 
ATOM   403  C C   . LEU A 1 54  ? -13.339 6.432   3.605   1.00 27.27 ? 55   LEU A C   1 
ATOM   404  O O   . LEU A 1 54  ? -13.179 5.294   3.190   1.00 26.99 ? 55   LEU A O   1 
ATOM   405  C CB  . LEU A 1 54  ? -11.594 7.347   2.008   1.00 26.70 ? 55   LEU A CB  1 
ATOM   406  C CG  . LEU A 1 54  ? -10.221 7.994   1.871   1.00 26.72 ? 55   LEU A CG  1 
ATOM   407  C CD1 . LEU A 1 54  ? -9.598  7.631   0.527   1.00 27.02 ? 55   LEU A CD1 1 
ATOM   408  C CD2 . LEU A 1 54  ? -10.321 9.512   2.016   1.00 25.97 ? 55   LEU A CD2 1 
ATOM   409  N N   . PRO A 1 55  ? -14.418 6.825   4.266   1.00 27.89 ? 56   PRO A N   1 
ATOM   410  C CA  . PRO A 1 55  ? -15.567 5.905   4.474   1.00 28.69 ? 56   PRO A CA  1 
ATOM   411  C C   . PRO A 1 55  ? -16.307 5.503   3.238   1.00 28.53 ? 56   PRO A C   1 
ATOM   412  O O   . PRO A 1 55  ? -16.430 4.336   2.876   1.00 28.51 ? 56   PRO A O   1 
ATOM   413  C CB  . PRO A 1 55  ? -16.403 6.646   5.483   1.00 28.30 ? 56   PRO A CB  1 
ATOM   414  C CG  . PRO A 1 55  ? -15.380 7.284   6.358   1.00 29.23 ? 56   PRO A CG  1 
ATOM   415  C CD  . PRO A 1 55  ? -14.096 7.371   5.586   1.00 28.32 ? 56   PRO A CD  1 
ATOM   416  N N   . ASP A 1 56  ? -16.837 6.520   2.605   1.00 31.94 ? 59   ASP A N   1 
ATOM   417  C CA  . ASP A 1 56  ? -17.676 6.327   1.466   1.00 32.97 ? 59   ASP A CA  1 
ATOM   418  C C   . ASP A 1 56  ? -16.902 6.290   0.149   1.00 32.50 ? 59   ASP A C   1 
ATOM   419  O O   . ASP A 1 56  ? -17.438 6.592   -0.905  1.00 32.05 ? 59   ASP A O   1 
ATOM   420  C CB  . ASP A 1 56  ? -18.860 7.330   1.589   1.00 34.28 ? 59   ASP A CB  1 
ATOM   421  C CG  . ASP A 1 56  ? -19.578 7.268   2.956   1.00 35.60 ? 59   ASP A CG  1 
ATOM   422  O OD1 . ASP A 1 56  ? -20.047 8.347   3.408   1.00 41.31 ? 59   ASP A OD1 1 
ATOM   423  O OD2 . ASP A 1 56  ? -19.653 6.163   3.543   1.00 36.59 ? 59   ASP A OD2 1 
ATOM   424  N N   . CYS A 1 57  ? -15.607 5.920   0.226   1.00 18.35 ? 61   CYS A N   1 
ATOM   425  C CA  . CYS A 1 57  ? -14.969 5.652   -1.061  1.00 18.19 ? 61   CYS A CA  1 
ATOM   426  C C   . CYS A 1 57  ? -14.783 4.186   -1.167  1.00 18.26 ? 61   CYS A C   1 
ATOM   427  O O   . CYS A 1 57  ? -14.954 3.475   -0.171  1.00 20.52 ? 61   CYS A O   1 
ATOM   428  C CB  . CYS A 1 57  ? -13.639 6.349   -1.134  1.00 16.97 ? 61   CYS A CB  1 
ATOM   429  S SG  . CYS A 1 57  ? -13.779 8.080   -0.995  1.00 18.69 ? 61   CYS A SG  1 
ATOM   430  N N   . ASN A 1 58  ? -14.333 3.371   -2.284  1.00 21.88 ? 67   ASN A N   1 
ATOM   431  C CA  . ASN A 1 58  ? -14.151 1.990   -2.599  1.00 24.03 ? 67   ASN A CA  1 
ATOM   432  C C   . ASN A 1 58  ? -12.799 1.892   -3.304  1.00 24.20 ? 67   ASN A C   1 
ATOM   433  O O   . ASN A 1 58  ? -12.735 1.728   -4.505  1.00 23.07 ? 67   ASN A O   1 
ATOM   434  C CB  . ASN A 1 58  ? -15.332 1.531   -3.465  1.00 23.44 ? 67   ASN A CB  1 
ATOM   435  C CG  . ASN A 1 58  ? -16.654 1.690   -2.722  1.00 25.32 ? 67   ASN A CG  1 
ATOM   436  O OD1 . ASN A 1 58  ? -17.287 2.738   -2.757  1.00 25.59 ? 67   ASN A OD1 1 
ATOM   437  N ND2 . ASN A 1 58  ? -17.016 0.680   -1.981  1.00 24.11 ? 67   ASN A ND2 1 
ATOM   438  N N   . PRO A 1 59  ? -11.760 1.800   -2.484  1.00 25.48 ? 68   PRO A N   1 
ATOM   439  C CA  . PRO A 1 59  ? -10.335 1.715   -2.930  1.00 26.59 ? 68   PRO A CA  1 
ATOM   440  C C   . PRO A 1 59  ? -9.887  0.554   -3.781  1.00 27.48 ? 68   PRO A C   1 
ATOM   441  O O   . PRO A 1 59  ? -8.796  0.548   -4.362  1.00 27.88 ? 68   PRO A O   1 
ATOM   442  C CB  . PRO A 1 59  ? -9.593  1.718   -1.616  1.00 26.05 ? 68   PRO A CB  1 
ATOM   443  C CG  . PRO A 1 59  ? -10.404 2.670   -0.801  1.00 27.80 ? 68   PRO A CG  1 
ATOM   444  C CD  . PRO A 1 59  ? -11.788 2.717   -1.344  1.00 26.14 ? 68   PRO A CD  1 
ATOM   445  N N   . LYS A 1 60  ? -10.703 -0.446  -3.803  1.00 27.87 ? 69   LYS A N   1 
ATOM   446  C CA  . LYS A 1 60  ? -10.270 -1.670  -4.446  1.00 29.07 ? 69   LYS A CA  1 
ATOM   447  C C   . LYS A 1 60  ? -10.830 -1.734  -5.772  1.00 28.55 ? 69   LYS A C   1 
ATOM   448  O O   . LYS A 1 60  ? -10.421 -2.528  -6.636  1.00 28.01 ? 69   LYS A O   1 
ATOM   449  C CB  . LYS A 1 60  ? -10.701 -2.935  -3.670  1.00 29.99 ? 69   LYS A CB  1 
ATOM   450  C CG  . LYS A 1 60  ? -10.286 -2.932  -2.181  1.00 34.93 ? 69   LYS A CG  1 
ATOM   451  C CD  . LYS A 1 60  ? -10.091 -4.330  -1.593  1.00 43.98 ? 69   LYS A CD  1 
ATOM   452  C CE  . LYS A 1 60  ? -9.551  -4.272  -0.166  1.00 48.93 ? 69   LYS A CE  1 
ATOM   453  N NZ  . LYS A 1 60  ? -9.697  -5.574  0.541   1.00 52.71 ? 69   LYS A NZ  1 
ATOM   454  N N   . SER A 1 61  ? -11.826 -0.920  -6.006  1.00 27.43 ? 70   SER A N   1 
ATOM   455  C CA  . SER A 1 61  ? -12.518 -1.032  -7.280  1.00 27.06 ? 70   SER A CA  1 
ATOM   456  C C   . SER A 1 61  ? -12.607 0.277   -7.971  1.00 26.40 ? 70   SER A C   1 
ATOM   457  O O   . SER A 1 61  ? -12.753 0.395   -9.191  1.00 27.45 ? 70   SER A O   1 
ATOM   458  C CB  . SER A 1 61  ? -13.921 -1.581  -7.057  1.00 27.58 ? 70   SER A CB  1 
ATOM   459  O OG  . SER A 1 61  ? -14.619 -0.842  -6.070  1.00 30.48 ? 70   SER A OG  1 
ATOM   460  N N   . ASP A 1 62  ? -12.517 1.319   -7.168  1.00 24.41 ? 71   ASP A N   1 
ATOM   461  C CA  . ASP A 1 62  ? -12.604 2.639   -7.770  1.00 23.10 ? 71   ASP A CA  1 
ATOM   462  C C   . ASP A 1 62  ? -11.311 2.991   -8.562  1.00 22.97 ? 71   ASP A C   1 
ATOM   463  O O   . ASP A 1 62  ? -10.203 2.948   -8.031  1.00 22.39 ? 71   ASP A O   1 
ATOM   464  C CB  . ASP A 1 62  ? -12.934 3.691   -6.722  1.00 22.40 ? 71   ASP A CB  1 
ATOM   465  C CG  . ASP A 1 62  ? -13.487 4.969   -7.330  1.00 20.50 ? 71   ASP A CG  1 
ATOM   466  O OD1 . ASP A 1 62  ? -13.583 5.012   -8.586  1.00 16.95 ? 71   ASP A OD1 1 
ATOM   467  O OD2 . ASP A 1 62  ? -13.832 5.900   -6.569  1.00 19.01 ? 71   ASP A OD2 1 
ATOM   468  N N   . ARG A 1 63  ? -11.479 3.381   -9.868  1.00 23.16 ? 72   ARG A N   1 
ATOM   469  C CA  . ARG A 1 63  ? -10.370 3.628   -10.793 1.00 23.20 ? 72   ARG A CA  1 
ATOM   470  C C   . ARG A 1 63  ? -10.002 5.099   -10.956 1.00 23.12 ? 72   ARG A C   1 
ATOM   471  O O   . ARG A 1 63  ? -10.840 5.951   -11.239 1.00 22.54 ? 72   ARG A O   1 
ATOM   472  C CB  . ARG A 1 63  ? -10.695 2.860   -12.119 1.00 24.60 ? 72   ARG A CB  1 
ATOM   473  C CG  . ARG A 1 63  ? -10.167 1.384   -12.054 1.00 25.59 ? 72   ARG A CG  1 
ATOM   474  C CD  . ARG A 1 63  ? -10.747 0.370   -13.070 1.00 32.23 ? 72   ARG A CD  1 
ATOM   475  N NE  . ARG A 1 63  ? -9.935  0.344   -14.347 1.00 37.92 ? 72   ARG A NE  1 
ATOM   476  C CZ  . ARG A 1 63  ? -10.022 -0.520  -15.379 1.00 40.77 ? 72   ARG A CZ  1 
ATOM   477  N NH1 . ARG A 1 63  ? -10.881 -1.510  -15.335 1.00 40.77 ? 72   ARG A NH1 1 
ATOM   478  N NH2 . ARG A 1 63  ? -9.225  -0.359  -16.425 1.00 40.48 ? 72   ARG A NH2 1 
ATOM   479  N N   . TYR A 1 64  ? -8.716  5.381   -10.771 1.00 22.41 ? 73   TYR A N   1 
ATOM   480  C CA  . TYR A 1 64  ? -8.231  6.762   -10.956 1.00 21.98 ? 73   TYR A CA  1 
ATOM   481  C C   . TYR A 1 64  ? -7.158  6.823   -12.051 1.00 22.16 ? 73   TYR A C   1 
ATOM   482  O O   . TYR A 1 64  ? -6.675  5.792   -12.517 1.00 20.34 ? 73   TYR A O   1 
ATOM   483  C CB  . TYR A 1 64  ? -7.667  7.319   -9.634  1.00 21.58 ? 73   TYR A CB  1 
ATOM   484  C CG  . TYR A 1 64  ? -6.518  6.501   -9.062  1.00 21.62 ? 73   TYR A CG  1 
ATOM   485  C CD1 . TYR A 1 64  ? -5.198  6.591   -9.529  1.00 19.38 ? 73   TYR A CD1 1 
ATOM   486  C CD2 . TYR A 1 64  ? -6.736  5.598   -8.026  1.00 20.28 ? 73   TYR A CD2 1 
ATOM   487  C CE1 . TYR A 1 64  ? -4.139  5.845   -8.957  1.00 19.22 ? 73   TYR A CE1 1 
ATOM   488  C CE2 . TYR A 1 64  ? -5.708  4.856   -7.470  1.00 18.99 ? 73   TYR A CE2 1 
ATOM   489  C CZ  . TYR A 1 64  ? -4.393  4.977   -7.928  1.00 20.11 ? 73   TYR A CZ  1 
ATOM   490  O OH  . TYR A 1 64  ? -3.361  4.273   -7.336  1.00 21.83 ? 73   TYR A OH  1 
ATOM   491  N N   . LYS A 1 65  ? -6.783  8.020   -12.448 1.00 23.31 ? 74   LYS A N   1 
ATOM   492  C CA  . LYS A 1 65  ? -5.773  8.144   -13.476 1.00 25.23 ? 74   LYS A CA  1 
ATOM   493  C C   . LYS A 1 65  ? -4.592  8.868   -12.874 1.00 25.34 ? 74   LYS A C   1 
ATOM   494  O O   . LYS A 1 65  ? -4.782  9.762   -12.063 1.00 24.69 ? 74   LYS A O   1 
ATOM   495  C CB  . LYS A 1 65  ? -6.334  8.941   -14.646 1.00 26.31 ? 74   LYS A CB  1 
ATOM   496  C CG  . LYS A 1 65  ? -7.667  8.330   -15.143 1.00 30.04 ? 74   LYS A CG  1 
ATOM   497  C CD  . LYS A 1 65  ? -7.356  7.104   -16.004 1.00 37.97 ? 74   LYS A CD  1 
ATOM   498  C CE  . LYS A 1 65  ? -8.455  6.888   -17.048 1.00 42.40 ? 74   LYS A CE  1 
ATOM   499  N NZ  . LYS A 1 65  ? -7.932  5.976   -18.112 1.00 45.62 ? 74   LYS A NZ  1 
ATOM   500  N N   . TYR A 1 66  ? -3.386  8.483   -13.286 1.00 25.78 ? 75   TYR A N   1 
ATOM   501  C CA  . TYR A 1 66  ? -2.183  9.172   -12.852 1.00 26.85 ? 75   TYR A CA  1 
ATOM   502  C C   . TYR A 1 66  ? -1.180  9.132   -13.999 1.00 27.81 ? 75   TYR A C   1 
ATOM   503  O O   . TYR A 1 66  ? -1.282  8.276   -14.858 1.00 26.49 ? 75   TYR A O   1 
ATOM   504  C CB  . TYR A 1 66  ? -1.596  8.531   -11.583 1.00 26.21 ? 75   TYR A CB  1 
ATOM   505  C CG  . TYR A 1 66  ? -0.841  7.228   -11.785 1.00 27.12 ? 75   TYR A CG  1 
ATOM   506  C CD1 . TYR A 1 66  ? 0.544   7.222   -11.985 1.00 26.30 ? 75   TYR A CD1 1 
ATOM   507  C CD2 . TYR A 1 66  ? -1.499  6.013   -11.769 1.00 23.86 ? 75   TYR A CD2 1 
ATOM   508  C CE1 . TYR A 1 66  ? 1.249   6.021   -12.123 1.00 24.31 ? 75   TYR A CE1 1 
ATOM   509  C CE2 . TYR A 1 66  ? -0.810  4.828   -11.929 1.00 26.39 ? 75   TYR A CE2 1 
ATOM   510  C CZ  . TYR A 1 66  ? 0.566   4.839   -12.109 1.00 26.02 ? 75   TYR A CZ  1 
ATOM   511  O OH  . TYR A 1 66  ? 1.248   3.649   -12.254 1.00 25.88 ? 75   TYR A OH  1 
ATOM   512  N N   . LYS A 1 67  ? -0.237  10.073  -13.998 1.00 28.78 ? 76   LYS A N   1 
ATOM   513  C CA  . LYS A 1 67  ? 0.795   10.167  -15.012 1.00 31.14 ? 76   LYS A CA  1 
ATOM   514  C C   . LYS A 1 67  ? 2.130   10.352  -14.310 1.00 32.17 ? 76   LYS A C   1 
ATOM   515  O O   . LYS A 1 67  ? 2.171   10.620  -13.131 1.00 31.24 ? 76   LYS A O   1 
ATOM   516  C CB  . LYS A 1 67  ? 0.551   11.371  -15.920 1.00 31.52 ? 76   LYS A CB  1 
ATOM   517  C CG  . LYS A 1 67  ? 0.643   12.743  -15.191 1.00 32.95 ? 76   LYS A CG  1 
ATOM   518  C CD  . LYS A 1 67  ? 0.203   13.898  -16.095 1.00 39.25 ? 76   LYS A CD  1 
ATOM   519  C CE  . LYS A 1 67  ? 0.034   15.204  -15.319 1.00 41.42 ? 76   LYS A CE  1 
ATOM   520  N NZ  . LYS A 1 67  ? -0.064  16.433  -16.182 1.00 44.71 ? 76   LYS A NZ  1 
ATOM   521  N N   . ARG A 1 68  ? 3.211   10.147  -15.051 1.00 34.36 ? 77   ARG A N   1 
ATOM   522  C CA  . ARG A 1 68  ? 4.566   10.295  -14.548 1.00 36.39 ? 77   ARG A CA  1 
ATOM   523  C C   . ARG A 1 68  ? 5.098   11.552  -15.187 1.00 37.94 ? 77   ARG A C   1 
ATOM   524  O O   . ARG A 1 68  ? 4.912   11.774  -16.393 1.00 37.56 ? 77   ARG A O   1 
ATOM   525  C CB  . ARG A 1 68  ? 5.418   9.094   -14.948 1.00 36.28 ? 77   ARG A CB  1 
ATOM   526  C CG  . ARG A 1 68  ? 5.103   7.819   -14.210 1.00 36.47 ? 77   ARG A CG  1 
ATOM   527  C CD  . ARG A 1 68  ? 5.876   7.646   -12.906 1.00 35.31 ? 77   ARG A CD  1 
ATOM   528  N NE  . ARG A 1 68  ? 5.523   6.444   -12.176 1.00 32.26 ? 77   ARG A NE  1 
ATOM   529  C CZ  . ARG A 1 68  ? 6.008   6.151   -10.988 1.00 28.94 ? 77   ARG A CZ  1 
ATOM   530  N NH1 . ARG A 1 68  ? 6.877   6.968   -10.411 1.00 31.77 ? 77   ARG A NH1 1 
ATOM   531  N NH2 . ARG A 1 68  ? 5.626   5.067   -10.366 1.00 28.55 ? 77   ARG A NH2 1 
ATOM   532  N N   . VAL A 1 69  ? 5.672   12.425  -14.364 1.00 39.37 ? 78   VAL A N   1 
ATOM   533  C CA  . VAL A 1 69  ? 6.294   13.655  -14.860 1.00 41.27 ? 78   VAL A CA  1 
ATOM   534  C C   . VAL A 1 69  ? 7.746   13.546  -14.407 1.00 41.81 ? 78   VAL A C   1 
ATOM   535  O O   . VAL A 1 69  ? 8.087   13.893  -13.262 1.00 41.23 ? 78   VAL A O   1 
ATOM   536  C CB  . VAL A 1 69  ? 5.621   14.936  -14.319 1.00 41.28 ? 78   VAL A CB  1 
ATOM   537  C CG1 . VAL A 1 69  ? 6.307   16.182  -14.876 1.00 42.38 ? 78   VAL A CG1 1 
ATOM   538  C CG2 . VAL A 1 69  ? 4.165   14.964  -14.713 1.00 42.22 ? 78   VAL A CG2 1 
ATOM   539  N N   . ASN A 1 70  ? 8.569   13.018  -15.317 1.00 42.69 ? 79   ASN A N   1 
ATOM   540  C CA  . ASN A 1 70  ? 9.955   12.636  -15.033 1.00 43.72 ? 79   ASN A CA  1 
ATOM   541  C C   . ASN A 1 70  ? 10.065  11.822  -13.751 1.00 43.20 ? 79   ASN A C   1 
ATOM   542  O O   . ASN A 1 70  ? 10.617  12.295  -12.762 1.00 44.13 ? 79   ASN A O   1 
ATOM   543  C CB  . ASN A 1 70  ? 10.830  13.867  -14.889 1.00 44.38 ? 79   ASN A CB  1 
ATOM   544  C CG  . ASN A 1 70  ? 11.203  14.473  -16.216 1.00 46.97 ? 79   ASN A CG  1 
ATOM   545  O OD1 . ASN A 1 70  ? 12.184  15.212  -16.300 1.00 54.38 ? 79   ASN A OD1 1 
ATOM   546  N ND2 . ASN A 1 70  ? 10.433  14.173  -17.261 1.00 48.43 ? 79   ASN A ND2 1 
ATOM   547  N N   . GLY A 1 71  ? 9.540   10.614  -13.724 1.00 41.90 ? 80   GLY A N   1 
ATOM   548  C CA  . GLY A 1 71  ? 9.559   9.910   -12.446 1.00 39.73 ? 80   GLY A CA  1 
ATOM   549  C C   . GLY A 1 71  ? 8.498   10.329  -11.408 1.00 37.70 ? 80   GLY A C   1 
ATOM   550  O O   . GLY A 1 71  ? 7.960   9.465   -10.716 1.00 37.86 ? 80   GLY A O   1 
ATOM   551  N N   . ALA A 1 72  ? 8.203   11.621  -11.260 1.00 35.53 ? 81   ALA A N   1 
ATOM   552  C CA  . ALA A 1 72  ? 7.199   12.055  -10.273 1.00 34.07 ? 81   ALA A CA  1 
ATOM   553  C C   . ALA A 1 72  ? 5.772   11.491  -10.544 1.00 32.20 ? 81   ALA A C   1 
ATOM   554  O O   . ALA A 1 72  ? 5.343   11.441  -11.676 1.00 32.70 ? 81   ALA A O   1 
ATOM   555  C CB  . ALA A 1 72  ? 7.171   13.570  -10.153 1.00 33.97 ? 81   ALA A CB  1 
ATOM   556  N N   . ILE A 1 73  ? 5.062   11.056  -9.496  1.00 30.23 ? 82   ILE A N   1 
ATOM   557  C CA  . ILE A 1 73  ? 3.701   10.557  -9.621  1.00 27.01 ? 82   ILE A CA  1 
ATOM   558  C C   . ILE A 1 73  ? 2.783   11.758  -9.519  1.00 27.23 ? 82   ILE A C   1 
ATOM   559  O O   . ILE A 1 73  ? 2.902   12.592  -8.604  1.00 26.98 ? 82   ILE A O   1 
ATOM   560  C CB  . ILE A 1 73  ? 3.384   9.506   -8.510  1.00 26.40 ? 82   ILE A CB  1 
ATOM   561  C CG1 . ILE A 1 73  ? 4.264   8.268   -8.695  1.00 26.10 ? 82   ILE A CG1 1 
ATOM   562  C CG2 . ILE A 1 73  ? 1.905   9.025   -8.607  1.00 22.78 ? 82   ILE A CG2 1 
ATOM   563  C CD1 . ILE A 1 73  ? 4.177   7.271   -7.551  1.00 22.03 ? 82   ILE A CD1 1 
ATOM   564  N N   . VAL A 1 74  ? 1.920   11.946  -10.507 1.00 26.51 ? 83   VAL A N   1 
ATOM   565  C CA  . VAL A 1 74  ? 0.995   13.090  -10.465 1.00 26.76 ? 83   VAL A CA  1 
ATOM   566  C C   . VAL A 1 74  ? -0.446  12.548  -10.637 1.00 26.36 ? 83   VAL A C   1 
ATOM   567  O O   . VAL A 1 74  ? -0.773  11.975  -11.665 1.00 25.80 ? 83   VAL A O   1 
ATOM   568  C CB  . VAL A 1 74  ? 1.243   14.126  -11.555 1.00 27.28 ? 83   VAL A CB  1 
ATOM   569  C CG1 . VAL A 1 74  ? 0.252   15.224  -11.399 1.00 27.63 ? 83   VAL A CG1 1 
ATOM   570  C CG2 . VAL A 1 74  ? 2.671   14.677  -11.474 1.00 28.00 ? 83   VAL A CG2 1 
ATOM   571  N N   . CYS A 1 75  ? -1.277  12.726  -9.615  1.00 25.85 ? 84   CYS A N   1 
ATOM   572  C CA  . CYS A 1 75  ? -2.636  12.207  -9.612  1.00 26.09 ? 84   CYS A CA  1 
ATOM   573  C C   . CYS A 1 75  ? -3.486  13.118  -10.494 1.00 26.79 ? 84   CYS A C   1 
ATOM   574  O O   . CYS A 1 75  ? -3.490  14.321  -10.301 1.00 26.59 ? 84   CYS A O   1 
ATOM   575  C CB  . CYS A 1 75  ? -3.156  12.137  -8.161  1.00 24.42 ? 84   CYS A CB  1 
ATOM   576  S SG  . CYS A 1 75  ? -2.426  10.789  -7.165  1.00 24.52 ? 84   CYS A SG  1 
ATOM   577  N N   . GLU A 1 76  ? -4.168  12.560  -11.489 1.00 27.57 ? 85   GLU A N   1 
ATOM   578  C CA  . GLU A 1 76  ? -4.966  13.411  -12.385 1.00 29.18 ? 85   GLU A CA  1 
ATOM   579  C C   . GLU A 1 76  ? -6.357  13.656  -11.802 1.00 28.98 ? 85   GLU A C   1 
ATOM   580  O O   . GLU A 1 76  ? -6.833  12.879  -10.988 1.00 26.90 ? 85   GLU A O   1 
ATOM   581  C CB  . GLU A 1 76  ? -5.043  12.804  -13.782 1.00 29.58 ? 85   GLU A CB  1 
ATOM   582  C CG  . GLU A 1 76  ? -3.781  13.122  -14.576 1.00 35.61 ? 85   GLU A CG  1 
ATOM   583  C CD  . GLU A 1 76  ? -3.663  12.337  -15.858 1.00 41.45 ? 85   GLU A CD  1 
ATOM   584  O OE1 . GLU A 1 76  ? -3.863  11.108  -15.812 1.00 44.94 ? 85   GLU A OE1 1 
ATOM   585  O OE2 . GLU A 1 76  ? -3.350  12.944  -16.902 1.00 44.57 ? 85   GLU A OE2 1 
ATOM   586  N N   . LYS A 1 77  ? -6.998  14.732  -12.228 1.00 28.34 ? 86   LYS A N   1 
ATOM   587  C CA  . LYS A 1 77  ? -8.230  15.134  -11.587 1.00 29.85 ? 86   LYS A CA  1 
ATOM   588  C C   . LYS A 1 77  ? -9.441  14.300  -11.952 1.00 28.09 ? 86   LYS A C   1 
ATOM   589  O O   . LYS A 1 77  ? -9.535  13.744  -13.032 1.00 25.85 ? 86   LYS A O   1 
ATOM   590  C CB  . LYS A 1 77  ? -8.516  16.602  -11.845 1.00 31.38 ? 86   LYS A CB  1 
ATOM   591  C CG  . LYS A 1 77  ? -9.308  17.251  -10.703 1.00 36.45 ? 86   LYS A CG  1 
ATOM   592  C CD  . LYS A 1 77  ? -9.444  18.744  -10.957 1.00 43.40 ? 86   LYS A CD  1 
ATOM   593  C CE  . LYS A 1 77  ? -10.408 18.977  -12.128 1.00 47.77 ? 86   LYS A CE  1 
ATOM   594  N NZ  . LYS A 1 77  ? -11.752 18.336  -11.873 1.00 49.73 ? 86   LYS A NZ  1 
ATOM   595  N N   . GLY A 1 78  ? -10.178 13.331  -10.931 1.00 23.28 ? 88   GLY A N   1 
ATOM   596  C CA  . GLY A 1 78  ? -11.398 12.581  -11.140 1.00 23.18 ? 88   GLY A CA  1 
ATOM   597  C C   . GLY A 1 78  ? -12.356 12.998  -10.063 1.00 22.43 ? 88   GLY A C   1 
ATOM   598  O O   . GLY A 1 78  ? -12.451 14.170  -9.750  1.00 23.03 ? 88   GLY A O   1 
ATOM   599  N N   . THR A 1 79  ? -13.084 12.049  -9.513  1.00 21.97 ? 89   THR A N   1 
ATOM   600  C CA  . THR A 1 79  ? -13.997 12.384  -8.444  1.00 20.91 ? 89   THR A CA  1 
ATOM   601  C C   . THR A 1 79  ? -13.162 12.658  -7.180  1.00 21.33 ? 89   THR A C   1 
ATOM   602  O O   . THR A 1 79  ? -11.953 12.416  -7.142  1.00 18.37 ? 89   THR A O   1 
ATOM   603  C CB  . THR A 1 79  ? -14.949 11.228  -8.213  1.00 21.13 ? 89   THR A CB  1 
ATOM   604  O OG1 . THR A 1 79  ? -14.192 10.083  -7.809  1.00 17.45 ? 89   THR A OG1 1 
ATOM   605  C CG2 . THR A 1 79  ? -15.677 10.828  -9.576  1.00 18.95 ? 89   THR A CG2 1 
ATOM   606  N N   . SER A 1 80  ? -13.786 13.212  -6.157  1.00 20.84 ? 90   SER A N   1 
ATOM   607  C CA  . SER A 1 80  ? -12.992 13.477  -4.971  1.00 21.26 ? 90   SER A CA  1 
ATOM   608  C C   . SER A 1 80  ? -12.479 12.170  -4.342  1.00 19.67 ? 90   SER A C   1 
ATOM   609  O O   . SER A 1 80  ? -11.349 12.155  -3.848  1.00 17.68 ? 90   SER A O   1 
ATOM   610  C CB  . SER A 1 80  ? -13.750 14.381  -3.981  1.00 22.89 ? 90   SER A CB  1 
ATOM   611  O OG  . SER A 1 80  ? -14.655 13.580  -3.325  1.00 29.31 ? 90   SER A OG  1 
ATOM   612  N N   . CYS A 1 81  ? -13.273 11.083  -4.376  1.00 17.70 ? 91   CYS A N   1 
ATOM   613  C CA  . CYS A 1 81  ? -12.817 9.759   -3.903  1.00 18.06 ? 91   CYS A CA  1 
ATOM   614  C C   . CYS A 1 81  ? -11.573 9.254   -4.705  1.00 17.59 ? 91   CYS A C   1 
ATOM   615  O O   . CYS A 1 81  ? -10.551 8.836   -4.134  1.00 17.61 ? 91   CYS A O   1 
ATOM   616  C CB  . CYS A 1 81  ? -13.957 8.704   -3.974  1.00 18.35 ? 91   CYS A CB  1 
ATOM   617  S SG  . CYS A 1 81  ? -14.985 8.709   -2.480  1.00 19.07 ? 91   CYS A SG  1 
ATOM   618  N N   . GLU A 1 82  ? -11.659 9.370   -6.017  1.00 16.91 ? 92   GLU A N   1 
ATOM   619  C CA  . GLU A 1 82  ? -10.513 8.944   -6.858  1.00 18.18 ? 92   GLU A CA  1 
ATOM   620  C C   . GLU A 1 82  ? -9.255  9.783   -6.532  1.00 18.00 ? 92   GLU A C   1 
ATOM   621  O O   . GLU A 1 82  ? -8.163  9.228   -6.444  1.00 17.09 ? 92   GLU A O   1 
ATOM   622  C CB  . GLU A 1 82  ? -10.883 8.978   -8.338  1.00 17.89 ? 92   GLU A CB  1 
ATOM   623  C CG  . GLU A 1 82  ? -11.801 7.851   -8.806  1.00 19.05 ? 92   GLU A CG  1 
ATOM   624  C CD  . GLU A 1 82  ? -12.684 8.309   -9.947  1.00 19.98 ? 92   GLU A CD  1 
ATOM   625  O OE1 . GLU A 1 82  ? -12.367 9.346   -10.575 1.00 22.21 ? 92   GLU A OE1 1 
ATOM   626  O OE2 . GLU A 1 82  ? -13.704 7.633   -10.232 1.00 21.46 ? 92   GLU A OE2 1 
ATOM   627  N N   . ASN A 1 83  ? -9.414  11.085  -6.359  1.00 18.43 ? 93   ASN A N   1 
ATOM   628  C CA  . ASN A 1 83  ? -8.265  11.940  -6.033  1.00 19.40 ? 93   ASN A CA  1 
ATOM   629  C C   . ASN A 1 83  ? -7.605  11.526  -4.721  1.00 19.11 ? 93   ASN A C   1 
ATOM   630  O O   . ASN A 1 83  ? -6.401  11.405  -4.646  1.00 18.14 ? 93   ASN A O   1 
ATOM   631  C CB  . ASN A 1 83  ? -8.717  13.379  -5.856  1.00 20.61 ? 93   ASN A CB  1 
ATOM   632  C CG  . ASN A 1 83  ? -9.252  13.971  -7.147  1.00 24.70 ? 93   ASN A CG  1 
ATOM   633  O OD1 . ASN A 1 83  ? -9.018  13.430  -8.233  1.00 25.29 ? 93   ASN A OD1 1 
ATOM   634  N ND2 . ASN A 1 83  ? -10.024 15.056  -7.028  1.00 26.46 ? 93   ASN A ND2 1 
ATOM   635  N N   . ARG A 1 84  ? -8.416  11.295  -3.683  1.00 17.95 ? 94   ARG A N   1 
ATOM   636  C CA  . ARG A 1 84  ? -7.883  10.998  -2.384  1.00 18.78 ? 94   ARG A CA  1 
ATOM   637  C C   . ARG A 1 84  ? -7.325  9.566   -2.364  1.00 17.50 ? 94   ARG A C   1 
ATOM   638  O O   . ARG A 1 84  ? -6.377  9.309   -1.670  1.00 16.75 ? 94   ARG A O   1 
ATOM   639  C CB  . ARG A 1 84  ? -8.977  11.127  -1.327  1.00 19.54 ? 94   ARG A CB  1 
ATOM   640  C CG  . ARG A 1 84  ? -9.381  12.579  -1.206  1.00 21.70 ? 94   ARG A CG  1 
ATOM   641  C CD  . ARG A 1 84  ? -10.750 12.713  -0.593  1.00 28.69 ? 94   ARG A CD  1 
ATOM   642  N NE  . ARG A 1 84  ? -10.613 12.740  0.846   1.00 35.24 ? 94   ARG A NE  1 
ATOM   643  C CZ  . ARG A 1 84  ? -11.605 12.540  1.699   1.00 39.31 ? 94   ARG A CZ  1 
ATOM   644  N NH1 . ARG A 1 84  ? -12.838 12.277  1.247   1.00 37.18 ? 94   ARG A NH1 1 
ATOM   645  N NH2 . ARG A 1 84  ? -11.355 12.593  3.006   1.00 38.22 ? 94   ARG A NH2 1 
ATOM   646  N N   . ILE A 1 85  ? -7.958  8.631   -3.057  1.00 16.52 ? 95   ILE A N   1 
ATOM   647  C CA  . ILE A 1 85  ? -7.422  7.266   -3.144  1.00 16.43 ? 95   ILE A CA  1 
ATOM   648  C C   . ILE A 1 85  ? -6.045  7.287   -3.809  1.00 16.15 ? 95   ILE A C   1 
ATOM   649  O O   . ILE A 1 85  ? -5.105  6.609   -3.340  1.00 16.78 ? 95   ILE A O   1 
ATOM   650  C CB  . ILE A 1 85  ? -8.337  6.301   -3.940  1.00 16.45 ? 95   ILE A CB  1 
ATOM   651  C CG1 . ILE A 1 85  ? -9.665  6.058   -3.181  1.00 17.25 ? 95   ILE A CG1 1 
ATOM   652  C CG2 . ILE A 1 85  ? -7.620  4.953   -4.154  1.00 17.29 ? 95   ILE A CG2 1 
ATOM   653  C CD1 . ILE A 1 85  ? -10.806 5.505   -4.097  1.00 21.32 ? 95   ILE A CD1 1 
ATOM   654  N N   . CYS A 1 86  ? -5.913  8.014   -4.911  1.00 15.00 ? 96   CYS A N   1 
ATOM   655  C CA  . CYS A 1 86  ? -4.647  8.095   -5.611  1.00 15.88 ? 96   CYS A CA  1 
ATOM   656  C C   . CYS A 1 86  ? -3.523  8.653   -4.695  1.00 16.57 ? 96   CYS A C   1 
ATOM   657  O O   . CYS A 1 86  ? -2.401  8.161   -4.727  1.00 16.60 ? 96   CYS A O   1 
ATOM   658  C CB  . CYS A 1 86  ? -4.790  8.935   -6.904  1.00 16.25 ? 96   CYS A CB  1 
ATOM   659  S SG  . CYS A 1 86  ? -3.281  9.095   -7.897  1.00 21.43 ? 96   CYS A SG  1 
ATOM   660  N N   . GLU A 1 87  ? -3.819  9.692   -3.920  1.00 17.14 ? 97   GLU A N   1 
ATOM   661  C CA  . GLU A 1 87  ? -2.832  10.216  -2.983  1.00 18.54 ? 97   GLU A CA  1 
ATOM   662  C C   . GLU A 1 87  ? -2.394  9.210   -1.922  1.00 18.58 ? 97   GLU A C   1 
ATOM   663  O O   . GLU A 1 87  ? -1.246  9.224   -1.562  1.00 19.10 ? 97   GLU A O   1 
ATOM   664  C CB  . GLU A 1 87  ? -3.287  11.515  -2.293  1.00 18.36 ? 97   GLU A CB  1 
ATOM   665  C CG  . GLU A 1 87  ? -3.401  12.748  -3.236  1.00 23.33 ? 97   GLU A CG  1 
ATOM   666  C CD  . GLU A 1 87  ? -2.095  13.207  -3.838  1.00 26.19 ? 97   GLU A CD  1 
ATOM   667  O OE1 . GLU A 1 87  ? -1.035  13.003  -3.230  1.00 30.78 ? 97   GLU A OE1 1 
ATOM   668  O OE2 . GLU A 1 87  ? -2.123  13.788  -4.943  1.00 30.81 ? 97   GLU A OE2 1 
ATOM   669  N N   . CYS A 1 88  ? -3.306  8.403   -1.370  1.00 18.48 ? 98   CYS A N   1 
ATOM   670  C CA  . CYS A 1 88  ? -2.932  7.361   -0.438  1.00 18.28 ? 98   CYS A CA  1 
ATOM   671  C C   . CYS A 1 88  ? -1.949  6.337   -1.084  1.00 18.81 ? 98   CYS A C   1 
ATOM   672  O O   . CYS A 1 88  ? -0.968  5.889   -0.460  1.00 18.35 ? 98   CYS A O   1 
ATOM   673  C CB  . CYS A 1 88  ? -4.170  6.573   -0.012  1.00 17.79 ? 98   CYS A CB  1 
ATOM   674  S SG  . CYS A 1 88  ? -5.268  7.477   1.104   1.00 19.80 ? 98   CYS A SG  1 
ATOM   675  N N   . ASP A 1 89  ? -2.264  5.936   -2.303  1.00 17.45 ? 99   ASP A N   1 
ATOM   676  C CA  . ASP A 1 89  ? -1.492  4.937   -3.064  1.00 18.19 ? 99   ASP A CA  1 
ATOM   677  C C   . ASP A 1 89  ? -0.113  5.500   -3.422  1.00 18.38 ? 99   ASP A C   1 
ATOM   678  O O   . ASP A 1 89  ? 0.877   4.818   -3.255  1.00 19.20 ? 99   ASP A O   1 
ATOM   679  C CB  . ASP A 1 89  ? -2.239  4.513   -4.321  1.00 16.93 ? 99   ASP A CB  1 
ATOM   680  C CG  . ASP A 1 89  ? -3.408  3.598   -4.041  1.00 18.55 ? 99   ASP A CG  1 
ATOM   681  O OD1 . ASP A 1 89  ? -3.726  3.262   -2.859  1.00 19.48 ? 99   ASP A OD1 1 
ATOM   682  O OD2 . ASP A 1 89  ? -4.087  3.179   -5.002  1.00 18.66 ? 99   ASP A OD2 1 
ATOM   683  N N   . LYS A 1 90  ? -0.085  6.730   -3.928  1.00 18.50 ? 100  LYS A N   1 
ATOM   684  C CA  . LYS A 1 90  ? 1.161   7.420   -4.241  1.00 18.56 ? 100  LYS A CA  1 
ATOM   685  C C   . LYS A 1 90  ? 2.075   7.441   -3.019  1.00 17.80 ? 100  LYS A C   1 
ATOM   686  O O   . LYS A 1 90  ? 3.255   7.138   -3.144  1.00 18.90 ? 100  LYS A O   1 
ATOM   687  C CB  . LYS A 1 90  ? 0.882   8.845   -4.694  1.00 18.55 ? 100  LYS A CB  1 
ATOM   688  C CG  . LYS A 1 90  ? 2.120   9.709   -4.827  1.00 19.89 ? 100  LYS A CG  1 
ATOM   689  C CD  . LYS A 1 90  ? 1.723   11.175  -5.163  1.00 23.27 ? 100  LYS A CD  1 
ATOM   690  C CE  . LYS A 1 90  ? 2.947   12.008  -5.428  1.00 24.24 ? 100  LYS A CE  1 
ATOM   691  N NZ  . LYS A 1 90  ? 2.589   13.414  -5.785  1.00 30.83 ? 100  LYS A NZ  1 
ATOM   692  N N   . ALA A 1 91  ? 1.527   7.776   -1.847  1.00 16.44 ? 101  ALA A N   1 
ATOM   693  C CA  . ALA A 1 91  ? 2.350   7.838   -0.637  1.00 16.50 ? 101  ALA A CA  1 
ATOM   694  C C   . ALA A 1 91  ? 2.887   6.442   -0.316  1.00 16.79 ? 101  ALA A C   1 
ATOM   695  O O   . ALA A 1 91  ? 4.046   6.279   0.050   1.00 17.20 ? 101  ALA A O   1 
ATOM   696  C CB  . ALA A 1 91  ? 1.525   8.412   0.590   1.00 12.37 ? 101  ALA A CB  1 
ATOM   697  N N   . ALA A 1 92  ? 2.035   5.422   -0.418  1.00 16.20 ? 102  ALA A N   1 
ATOM   698  C CA  . ALA A 1 92  ? 2.500   4.052   -0.159  1.00 16.17 ? 102  ALA A CA  1 
ATOM   699  C C   . ALA A 1 92  ? 3.645   3.612   -1.132  1.00 16.60 ? 102  ALA A C   1 
ATOM   700  O O   . ALA A 1 92  ? 4.647   3.014   -0.699  1.00 15.36 ? 102  ALA A O   1 
ATOM   701  C CB  . ALA A 1 92  ? 1.307   3.047   -0.197  1.00 17.02 ? 102  ALA A CB  1 
ATOM   702  N N   . ALA A 1 93  ? 3.498   3.934   -2.422  1.00 16.78 ? 103  ALA A N   1 
ATOM   703  C CA  . ALA A 1 93  ? 4.470   3.517   -3.422  1.00 19.22 ? 103  ALA A CA  1 
ATOM   704  C C   . ALA A 1 93  ? 5.854   4.105   -3.120  1.00 20.10 ? 103  ALA A C   1 
ATOM   705  O O   . ALA A 1 93  ? 6.880   3.435   -3.260  1.00 20.47 ? 103  ALA A O   1 
ATOM   706  C CB  . ALA A 1 93  ? 4.029   3.902   -4.839  1.00 18.08 ? 103  ALA A CB  1 
ATOM   707  N N   . ILE A 1 94  ? 5.854   5.368   -2.738  1.00 20.74 ? 104  ILE A N   1 
ATOM   708  C CA  . ILE A 1 94  ? 7.076   6.071   -2.395  1.00 21.07 ? 104  ILE A CA  1 
ATOM   709  C C   . ILE A 1 94  ? 7.640   5.525   -1.090  1.00 21.15 ? 104  ILE A C   1 
ATOM   710  O O   . ILE A 1 94  ? 8.854   5.301   -0.946  1.00 20.50 ? 104  ILE A O   1 
ATOM   711  C CB  . ILE A 1 94  ? 6.776   7.553   -2.272  1.00 21.45 ? 104  ILE A CB  1 
ATOM   712  C CG1 . ILE A 1 94  ? 6.661   8.179   -3.652  1.00 23.54 ? 104  ILE A CG1 1 
ATOM   713  C CG2 . ILE A 1 94  ? 7.833   8.280   -1.428  1.00 21.25 ? 104  ILE A CG2 1 
ATOM   714  C CD1 . ILE A 1 94  ? 5.822   9.512   -3.641  1.00 29.98 ? 104  ILE A CD1 1 
ATOM   715  N N   . CYS A 1 95  ? 6.754   5.321   -0.124  1.00 20.29 ? 105  CYS A N   1 
ATOM   716  C CA  . CYS A 1 95  ? 7.186   4.714   1.116   1.00 19.81 ? 105  CYS A CA  1 
ATOM   717  C C   . CYS A 1 95  ? 7.883   3.382   0.827   1.00 19.85 ? 105  CYS A C   1 
ATOM   718  O O   . CYS A 1 95  ? 8.986   3.100   1.373   1.00 18.92 ? 105  CYS A O   1 
ATOM   719  C CB  . CYS A 1 95  ? 6.028   4.590   2.099   1.00 18.59 ? 105  CYS A CB  1 
ATOM   720  S SG  . CYS A 1 95  ? 6.503   4.110   3.754   1.00 20.08 ? 105  CYS A SG  1 
ATOM   721  N N   . PHE A 1 96  ? 7.267   2.546   -0.007  1.00 20.38 ? 106  PHE A N   1 
ATOM   722  C CA  . PHE A 1 96  ? 7.910   1.294   -0.402  1.00 20.98 ? 106  PHE A CA  1 
ATOM   723  C C   . PHE A 1 96  ? 9.303   1.510   -1.030  1.00 22.17 ? 106  PHE A C   1 
ATOM   724  O O   . PHE A 1 96  ? 10.276  0.824   -0.681  1.00 22.18 ? 106  PHE A O   1 
ATOM   725  C CB  . PHE A 1 96  ? 7.039   0.494   -1.406  1.00 20.52 ? 106  PHE A CB  1 
ATOM   726  C CG  . PHE A 1 96  ? 5.814   -0.110  -0.795  1.00 21.41 ? 106  PHE A CG  1 
ATOM   727  C CD1 . PHE A 1 96  ? 5.779   -0.446  0.554   1.00 20.76 ? 106  PHE A CD1 1 
ATOM   728  C CD2 . PHE A 1 96  ? 4.680   -0.309  -1.564  1.00 21.93 ? 106  PHE A CD2 1 
ATOM   729  C CE1 . PHE A 1 96  ? 4.630   -1.008  1.109   1.00 23.21 ? 106  PHE A CE1 1 
ATOM   730  C CE2 . PHE A 1 96  ? 3.559   -0.861  -1.013  1.00 22.32 ? 106  PHE A CE2 1 
ATOM   731  C CZ  . PHE A 1 96  ? 3.519   -1.196  0.308   1.00 24.04 ? 106  PHE A CZ  1 
ATOM   732  N N   . ARG A 1 97  ? 9.391   2.455   -1.964  1.00 23.04 ? 107  ARG A N   1 
ATOM   733  C CA  . ARG A 1 97  ? 10.654  2.753   -2.630  1.00 24.08 ? 107  ARG A CA  1 
ATOM   734  C C   . ARG A 1 97  ? 11.701  3.172   -1.605  1.00 24.59 ? 107  ARG A C   1 
ATOM   735  O O   . ARG A 1 97  ? 12.834  2.710   -1.666  1.00 24.08 ? 107  ARG A O   1 
ATOM   736  C CB  . ARG A 1 97  ? 10.478  3.856   -3.690  1.00 23.61 ? 107  ARG A CB  1 
ATOM   737  C CG  . ARG A 1 97  ? 11.758  4.263   -4.396  1.00 26.34 ? 107  ARG A CG  1 
ATOM   738  C CD  . ARG A 1 97  ? 12.460  3.101   -5.061  1.00 28.57 ? 107  ARG A CD  1 
ATOM   739  N NE  . ARG A 1 97  ? 13.685  3.517   -5.742  1.00 32.26 ? 107  ARG A NE  1 
ATOM   740  C CZ  . ARG A 1 97  ? 14.923  3.360   -5.247  1.00 36.22 ? 107  ARG A CZ  1 
ATOM   741  N NH1 . ARG A 1 97  ? 15.985  3.735   -5.969  1.00 34.46 ? 107  ARG A NH1 1 
ATOM   742  N NH2 . ARG A 1 97  ? 15.107  2.814   -4.041  1.00 33.14 ? 107  ARG A NH2 1 
ATOM   743  N N   . GLN A 1 98  ? 11.305  4.007   -0.648  1.00 25.40 ? 108  GLN A N   1 
ATOM   744  C CA  . GLN A 1 98  ? 12.205  4.510   0.404   1.00 26.09 ? 108  GLN A CA  1 
ATOM   745  C C   . GLN A 1 98  ? 12.741  3.401   1.313   1.00 26.07 ? 108  GLN A C   1 
ATOM   746  O O   . GLN A 1 98  ? 13.811  3.537   1.904   1.00 24.44 ? 108  GLN A O   1 
ATOM   747  C CB  . GLN A 1 98  ? 11.432  5.552   1.237   1.00 27.22 ? 108  GLN A CB  1 
ATOM   748  C CG  . GLN A 1 98  ? 12.249  6.456   2.156   1.00 32.83 ? 108  GLN A CG  1 
ATOM   749  C CD  . GLN A 1 98  ? 11.661  7.850   2.321   1.00 37.12 ? 108  GLN A CD  1 
ATOM   750  O OE1 . GLN A 1 98  ? 12.356  8.849   2.164   1.00 39.34 ? 108  GLN A OE1 1 
ATOM   751  N NE2 . GLN A 1 98  ? 10.411  8.164   2.644   1.00 39.05 ? 108  GLN A NE2 1 
ATOM   752  N N   . ASN A 1 99  ? 12.005  2.317   1.440   1.00 24.93 ? 109  ASN A N   1 
ATOM   753  C CA  . ASN A 1 99  ? 12.404  1.327   2.415   1.00 25.16 ? 109  ASN A CA  1 
ATOM   754  C C   . ASN A 1 99  ? 12.973  0.024   1.805   1.00 25.59 ? 109  ASN A C   1 
ATOM   755  O O   . ASN A 1 99  ? 13.354  -0.895  2.527   1.00 25.49 ? 109  ASN A O   1 
ATOM   756  C CB  . ASN A 1 99  ? 11.217  1.069   3.352   1.00 24.34 ? 109  ASN A CB  1 
ATOM   757  C CG  . ASN A 1 99  ? 10.922  2.259   4.235   1.00 25.22 ? 109  ASN A CG  1 
ATOM   758  O OD1 . ASN A 1 99  ? 11.696  2.557   5.134   1.00 24.48 ? 109  ASN A OD1 1 
ATOM   759  N ND2 . ASN A 1 99  ? 9.809   2.949   3.987   1.00 26.99 ? 109  ASN A ND2 1 
ATOM   760  N N   . LEU A 1 100 ? 13.037  -0.015  0.493   1.00 26.86 ? 110  LEU A N   1 
ATOM   761  C CA  . LEU A 1 100 ? 13.540  -1.193  -0.227  1.00 29.98 ? 110  LEU A CA  1 
ATOM   762  C C   . LEU A 1 100 ? 14.766  -1.798  0.408   1.00 31.66 ? 110  LEU A C   1 
ATOM   763  O O   . LEU A 1 100 ? 14.883  -3.012  0.504   1.00 32.13 ? 110  LEU A O   1 
ATOM   764  C CB  . LEU A 1 100 ? 13.851  -0.817  -1.671  1.00 29.55 ? 110  LEU A CB  1 
ATOM   765  C CG  . LEU A 1 100 ? 12.788  -1.195  -2.710  1.00 30.33 ? 110  LEU A CG  1 
ATOM   766  C CD1 . LEU A 1 100 ? 13.350  -1.017  -4.105  1.00 28.35 ? 110  LEU A CD1 1 
ATOM   767  C CD2 . LEU A 1 100 ? 12.297  -2.628  -2.506  1.00 28.22 ? 110  LEU A CD2 1 
ATOM   768  N N   . ASN A 1 101 ? 15.694  -0.965  0.856   1.00 33.01 ? 111  ASN A N   1 
ATOM   769  C CA  . ASN A 1 101 ? 16.914  -1.438  1.511   1.00 34.86 ? 111  ASN A CA  1 
ATOM   770  C C   . ASN A 1 101 ? 16.672  -2.392  2.668   1.00 34.87 ? 111  ASN A C   1 
ATOM   771  O O   . ASN A 1 101 ? 17.516  -3.249  2.933   1.00 35.74 ? 111  ASN A O   1 
ATOM   772  C CB  . ASN A 1 101 ? 17.831  -0.260  1.967   1.00 35.39 ? 111  ASN A CB  1 
ATOM   773  C CG  . ASN A 1 101 ? 17.114  0.776   2.867   1.00 39.46 ? 111  ASN A CG  1 
ATOM   774  O OD1 . ASN A 1 101 ? 17.761  1.420   3.715   1.00 44.75 ? 111  ASN A OD1 1 
ATOM   775  N ND2 . ASN A 1 101 ? 15.794  0.968   2.652   1.00 40.03 ? 111  ASN A ND2 1 
ATOM   776  N N   . THR A 1 102 ? 15.566  -2.231  3.388   1.00 33.27 ? 112  THR A N   1 
ATOM   777  C CA  . THR A 1 102 ? 15.334  -3.119  4.514   1.00 32.51 ? 112  THR A CA  1 
ATOM   778  C C   . THR A 1 102 ? 14.219  -4.132  4.298   1.00 31.78 ? 112  THR A C   1 
ATOM   779  O O   . THR A 1 102 ? 13.819  -4.795  5.238   1.00 31.63 ? 112  THR A O   1 
ATOM   780  C CB  . THR A 1 102 ? 15.085  -2.376  5.845   1.00 32.08 ? 112  THR A CB  1 
ATOM   781  O OG1 . THR A 1 102 ? 13.841  -1.652  5.781   1.00 32.60 ? 112  THR A OG1 1 
ATOM   782  C CG2 . THR A 1 102 ? 16.173  -1.316  6.123   1.00 31.99 ? 112  THR A CG2 1 
ATOM   783  N N   . TYR A 1 103 ? 13.709  -4.227  3.088   1.00 31.86 ? 113  TYR A N   1 
ATOM   784  C CA  . TYR A 1 103 ? 12.734  -5.270  2.756   1.00 32.16 ? 113  TYR A CA  1 
ATOM   785  C C   . TYR A 1 103 ? 13.385  -6.628  3.091   1.00 32.93 ? 113  TYR A C   1 
ATOM   786  O O   . TYR A 1 103 ? 14.530  -6.881  2.681   1.00 33.32 ? 113  TYR A O   1 
ATOM   787  C CB  . TYR A 1 103 ? 12.386  -5.196  1.249   1.00 31.35 ? 113  TYR A CB  1 
ATOM   788  C CG  . TYR A 1 103 ? 11.360  -6.220  0.787   1.00 30.88 ? 113  TYR A CG  1 
ATOM   789  C CD1 . TYR A 1 103 ? 11.731  -7.533  0.512   1.00 31.01 ? 113  TYR A CD1 1 
ATOM   790  C CD2 . TYR A 1 103 ? 10.012  -5.881  0.641   1.00 30.02 ? 113  TYR A CD2 1 
ATOM   791  C CE1 . TYR A 1 103 ? 10.784  -8.486  0.090   1.00 31.66 ? 113  TYR A CE1 1 
ATOM   792  C CE2 . TYR A 1 103 ? 9.040   -6.833  0.254   1.00 28.12 ? 113  TYR A CE2 1 
ATOM   793  C CZ  . TYR A 1 103 ? 9.438   -8.131  -0.017  1.00 31.71 ? 113  TYR A CZ  1 
ATOM   794  O OH  . TYR A 1 103 ? 8.508   -9.078  -0.422  1.00 32.45 ? 113  TYR A OH  1 
ATOM   795  N N   . SER A 1 104 ? 12.690  -7.478  3.852   1.00 33.46 ? 114  SER A N   1 
ATOM   796  C CA  . SER A 1 104 ? 13.190  -8.817  4.216   1.00 35.18 ? 114  SER A CA  1 
ATOM   797  C C   . SER A 1 104 ? 12.209  -9.955  3.869   1.00 35.21 ? 114  SER A C   1 
ATOM   798  O O   . SER A 1 104 ? 11.048  -9.955  4.292   1.00 32.89 ? 114  SER A O   1 
ATOM   799  C CB  . SER A 1 104 ? 13.414  -8.930  5.717   1.00 35.70 ? 114  SER A CB  1 
ATOM   800  O OG  . SER A 1 104 ? 14.455  -8.066  6.159   1.00 40.84 ? 114  SER A OG  1 
ATOM   801  N N   . LYS A 1 105 ? 12.722  -10.970 3.189   1.00 36.20 ? 115  LYS A N   1 
ATOM   802  C CA  . LYS A 1 105 ? 11.890  -12.086 2.785   1.00 38.00 ? 115  LYS A CA  1 
ATOM   803  C C   . LYS A 1 105 ? 11.351  -12.869 3.978   1.00 37.92 ? 115  LYS A C   1 
ATOM   804  O O   . LYS A 1 105 ? 10.357  -13.558 3.874   1.00 39.42 ? 115  LYS A O   1 
ATOM   805  C CB  . LYS A 1 105 ? 12.644  -12.982 1.803   1.00 38.79 ? 115  LYS A CB  1 
ATOM   806  C CG  . LYS A 1 105 ? 12.909  -12.252 0.497   1.00 42.35 ? 115  LYS A CG  1 
ATOM   807  C CD  . LYS A 1 105 ? 13.514  -13.148 -0.589  1.00 48.15 ? 115  LYS A CD  1 
ATOM   808  C CE  . LYS A 1 105 ? 12.665  -13.088 -1.848  1.00 51.52 ? 115  LYS A CE  1 
ATOM   809  N NZ  . LYS A 1 105 ? 13.469  -13.247 -3.094  1.00 54.69 ? 115  LYS A NZ  1 
ATOM   810  N N   . LYS A 1 106 ? 12.018  -12.740 5.106   1.00 37.85 ? 116  LYS A N   1 
ATOM   811  C CA  . LYS A 1 106 ? 11.600  -13.327 6.370   1.00 37.88 ? 116  LYS A CA  1 
ATOM   812  C C   . LYS A 1 106 ? 10.179  -12.910 6.775   1.00 37.23 ? 116  LYS A C   1 
ATOM   813  O O   . LYS A 1 106 ? 9.517   -13.597 7.546   1.00 36.34 ? 116  LYS A O   1 
ATOM   814  C CB  . LYS A 1 106 ? 12.635  -12.909 7.412   1.00 37.68 ? 116  LYS A CB  1 
ATOM   815  C CG  . LYS A 1 106 ? 12.249  -12.796 8.868   1.00 40.19 ? 116  LYS A CG  1 
ATOM   816  C CD  . LYS A 1 106 ? 13.524  -12.321 9.599   1.00 45.61 ? 116  LYS A CD  1 
ATOM   817  C CE  . LYS A 1 106 ? 13.318  -11.701 10.992  1.00 48.74 ? 116  LYS A CE  1 
ATOM   818  N NZ  . LYS A 1 106 ? 14.453  -10.694 11.272  1.00 50.06 ? 116  LYS A NZ  1 
ATOM   819  N N   . TYR A 1 107 ? 9.715   -11.784 6.231   1.00 36.41 ? 117  TYR A N   1 
ATOM   820  C CA  . TYR A 1 107 ? 8.393   -11.278 6.578   1.00 35.46 ? 117  TYR A CA  1 
ATOM   821  C C   . TYR A 1 107 ? 7.341   -11.653 5.538   1.00 34.40 ? 117  TYR A C   1 
ATOM   822  O O   . TYR A 1 107 ? 6.169   -11.400 5.737   1.00 34.04 ? 117  TYR A O   1 
ATOM   823  C CB  . TYR A 1 107 ? 8.440   -9.756  6.854   1.00 35.63 ? 117  TYR A CB  1 
ATOM   824  C CG  . TYR A 1 107 ? 9.176   -9.389  8.146   1.00 36.38 ? 117  TYR A CG  1 
ATOM   825  C CD1 . TYR A 1 107 ? 8.741   -9.855  9.388   1.00 36.50 ? 117  TYR A CD1 1 
ATOM   826  C CD2 . TYR A 1 107 ? 10.310  -8.584  8.127   1.00 37.47 ? 117  TYR A CD2 1 
ATOM   827  C CE1 . TYR A 1 107 ? 9.418   -9.514  10.574  1.00 37.32 ? 117  TYR A CE1 1 
ATOM   828  C CE2 . TYR A 1 107 ? 11.008  -8.249  9.325   1.00 38.12 ? 117  TYR A CE2 1 
ATOM   829  C CZ  . TYR A 1 107 ? 10.538  -8.706  10.535  1.00 37.90 ? 117  TYR A CZ  1 
ATOM   830  O OH  . TYR A 1 107 ? 11.167  -8.397  11.725  1.00 37.99 ? 117  TYR A OH  1 
ATOM   831  N N   . MET A 1 108 ? 7.748   -12.243 4.418   1.00 33.83 ? 118  MET A N   1 
ATOM   832  C CA  . MET A 1 108 ? 6.753   -12.722 3.433   1.00 34.21 ? 118  MET A CA  1 
ATOM   833  C C   . MET A 1 108 ? 5.917   -13.864 4.055   1.00 32.93 ? 118  MET A C   1 
ATOM   834  O O   . MET A 1 108 ? 6.440   -14.653 4.812   1.00 33.29 ? 118  MET A O   1 
ATOM   835  C CB  . MET A 1 108 ? 7.430   -13.227 2.134   1.00 34.67 ? 118  MET A CB  1 
ATOM   836  C CG  . MET A 1 108 ? 7.910   -12.135 1.152   1.00 38.34 ? 118  MET A CG  1 
ATOM   837  S SD  . MET A 1 108 ? 8.545   -12.818 -0.447  1.00 43.04 ? 118  MET A SD  1 
ATOM   838  C CE  . MET A 1 108 ? 9.701   -13.959 0.223   1.00 40.68 ? 118  MET A CE  1 
ATOM   839  N N   . LEU A 1 109 ? 4.638   -13.947 3.733   1.00 31.62 ? 119  LEU A N   1 
ATOM   840  C CA  . LEU A 1 109 ? 3.782   -14.987 4.289   1.00 31.54 ? 119  LEU A CA  1 
ATOM   841  C C   . LEU A 1 109 ? 3.876   -15.063 5.796   1.00 30.86 ? 119  LEU A C   1 
ATOM   842  O O   . LEU A 1 109 ? 3.890   -16.156 6.373   1.00 29.98 ? 119  LEU A O   1 
ATOM   843  C CB  . LEU A 1 109 ? 4.151   -16.369 3.707   1.00 32.52 ? 119  LEU A CB  1 
ATOM   844  C CG  . LEU A 1 109 ? 3.889   -16.523 2.197   1.00 33.19 ? 119  LEU A CG  1 
ATOM   845  C CD1 . LEU A 1 109 ? 4.548   -17.765 1.646   1.00 32.25 ? 119  LEU A CD1 1 
ATOM   846  C CD2 . LEU A 1 109 ? 2.409   -16.584 1.961   1.00 33.84 ? 119  LEU A CD2 1 
ATOM   847  N N   . TYR A 1 110 ? 3.943   -13.905 6.436   1.00 28.51 ? 120  TYR A N   1 
ATOM   848  C CA  . TYR A 1 110 ? 4.078   -13.863 7.867   1.00 27.22 ? 120  TYR A CA  1 
ATOM   849  C C   . TYR A 1 110 ? 2.821   -14.401 8.576   1.00 26.91 ? 120  TYR A C   1 
ATOM   850  O O   . TYR A 1 110 ? 1.701   -14.023 8.244   1.00 25.61 ? 120  TYR A O   1 
ATOM   851  C CB  . TYR A 1 110 ? 4.423   -12.412 8.262   1.00 27.36 ? 120  TYR A CB  1 
ATOM   852  C CG  . TYR A 1 110 ? 5.020   -12.279 9.616   1.00 26.28 ? 120  TYR A CG  1 
ATOM   853  C CD1 . TYR A 1 110 ? 6.321   -12.687 9.875   1.00 27.97 ? 120  TYR A CD1 1 
ATOM   854  C CD2 . TYR A 1 110 ? 4.300   -11.689 10.637  1.00 26.32 ? 120  TYR A CD2 1 
ATOM   855  C CE1 . TYR A 1 110 ? 6.867   -12.550 11.135  1.00 27.43 ? 120  TYR A CE1 1 
ATOM   856  C CE2 . TYR A 1 110 ? 4.834   -11.540 11.877  1.00 27.39 ? 120  TYR A CE2 1 
ATOM   857  C CZ  . TYR A 1 110 ? 6.108   -11.966 12.123  1.00 27.70 ? 120  TYR A CZ  1 
ATOM   858  O OH  . TYR A 1 110 ? 6.594   -11.808 13.378  1.00 29.99 ? 120  TYR A OH  1 
ATOM   859  N N   . PRO A 1 111 ? 2.981   -15.305 9.544   1.00 26.94 ? 121  PRO A N   1 
ATOM   860  C CA  . PRO A 1 111 ? 1.802   -15.894 10.210  1.00 27.21 ? 121  PRO A CA  1 
ATOM   861  C C   . PRO A 1 111 ? 1.025   -14.905 11.067  1.00 27.40 ? 121  PRO A C   1 
ATOM   862  O O   . PRO A 1 111 ? 1.598   -14.143 11.843  1.00 26.80 ? 121  PRO A O   1 
ATOM   863  C CB  . PRO A 1 111 ? 2.390   -16.971 11.152  1.00 27.22 ? 121  PRO A CB  1 
ATOM   864  C CG  . PRO A 1 111 ? 3.847   -17.002 10.920  1.00 27.29 ? 121  PRO A CG  1 
ATOM   865  C CD  . PRO A 1 111 ? 4.245   -15.793 10.107  1.00 26.80 ? 121  PRO A CD  1 
ATOM   866  N N   . ASP A 1 112 ? -0.286  -14.977 10.954  1.00 28.62 ? 122  ASP A N   1 
ATOM   867  C CA  . ASP A 1 112 ? -1.195  -14.158 11.704  1.00 29.78 ? 122  ASP A CA  1 
ATOM   868  C C   . ASP A 1 112 ? -0.860  -14.077 13.191  1.00 30.44 ? 122  ASP A C   1 
ATOM   869  O O   . ASP A 1 112 ? -1.156  -13.093 13.876  1.00 29.46 ? 122  ASP A O   1 
ATOM   870  C CB  . ASP A 1 112 ? -2.592  -14.732 11.573  1.00 29.63 ? 122  ASP A CB  1 
ATOM   871  C CG  . ASP A 1 112 ? -3.619  -13.887 12.312  1.00 30.95 ? 122  ASP A CG  1 
ATOM   872  O OD1 . ASP A 1 112 ? -3.798  -14.108 13.516  1.00 29.71 ? 122  ASP A OD1 1 
ATOM   873  O OD2 . ASP A 1 112 ? -4.256  -12.977 11.786  1.00 32.41 ? 122  ASP A OD2 1 
ATOM   874  N N   . PHE A 1 113 ? -0.505  -15.501 14.018  1.00 34.40 ? 124  PHE A N   1 
ATOM   875  C CA  . PHE A 1 113 ? -0.523  -15.447 15.467  1.00 34.03 ? 124  PHE A CA  1 
ATOM   876  C C   . PHE A 1 113 ? 0.579   -14.506 15.941  1.00 33.81 ? 124  PHE A C   1 
ATOM   877  O O   . PHE A 1 113 ? 0.573   -14.094 17.090  1.00 33.03 ? 124  PHE A O   1 
ATOM   878  C CB  . PHE A 1 113 ? -0.312  -16.844 16.050  1.00 33.49 ? 124  PHE A CB  1 
ATOM   879  C CG  . PHE A 1 113 ? 1.067   -17.367 15.872  1.00 34.16 ? 124  PHE A CG  1 
ATOM   880  C CD1 . PHE A 1 113 ? 1.901   -17.488 16.979  1.00 37.34 ? 124  PHE A CD1 1 
ATOM   881  C CD2 . PHE A 1 113 ? 1.530   -17.754 14.635  1.00 32.74 ? 124  PHE A CD2 1 
ATOM   882  C CE1 . PHE A 1 113 ? 3.180   -18.007 16.860  1.00 35.05 ? 124  PHE A CE1 1 
ATOM   883  C CE2 . PHE A 1 113 ? 2.784   -18.258 14.481  1.00 33.35 ? 124  PHE A CE2 1 
ATOM   884  C CZ  . PHE A 1 113 ? 3.635   -18.365 15.608  1.00 35.77 ? 124  PHE A CZ  1 
ATOM   885  N N   . LEU A 1 114 ? 1.573   -14.206 15.099  1.00 33.10 ? 125  LEU A N   1 
ATOM   886  C CA  . LEU A 1 114 ? 2.685   -13.355 15.511  1.00 34.42 ? 125  LEU A CA  1 
ATOM   887  C C   . LEU A 1 114 ? 2.330   -11.955 15.178  1.00 35.21 ? 125  LEU A C   1 
ATOM   888  O O   . LEU A 1 114 ? 3.199   -11.087 15.021  1.00 34.81 ? 125  LEU A O   1 
ATOM   889  C CB  . LEU A 1 114 ? 3.969   -13.724 14.807  1.00 34.20 ? 125  LEU A CB  1 
ATOM   890  C CG  . LEU A 1 114 ? 4.542   -15.089 15.133  1.00 36.37 ? 125  LEU A CG  1 
ATOM   891  C CD1 . LEU A 1 114 ? 5.635   -15.453 14.153  1.00 36.76 ? 125  LEU A CD1 1 
ATOM   892  C CD2 . LEU A 1 114 ? 5.079   -15.132 16.553  1.00 36.58 ? 125  LEU A CD2 1 
ATOM   893  N N   . CYS A 1 115 ? 1.065   -11.723 15.051  1.00 35.45 ? 126  CYS A N   1 
ATOM   894  C CA  . CYS A 1 115 ? 0.791   -10.331 14.806  1.00 36.56 ? 126  CYS A CA  1 
ATOM   895  C C   . CYS A 1 115 ? -0.002  -9.807  16.011  1.00 39.63 ? 126  CYS A C   1 
ATOM   896  O O   . CYS A 1 115 ? -1.231  -9.777  16.080  1.00 39.65 ? 126  CYS A O   1 
ATOM   897  C CB  . CYS A 1 115 ? 0.144   -10.135 13.426  1.00 33.87 ? 126  CYS A CB  1 
ATOM   898  S SG  . CYS A 1 115 ? 1.324   -9.723  12.093  1.00 27.92 ? 126  CYS A SG  1 
ATOM   899  N N   . LYS A 1 116 ? 0.887   -9.392  16.979  1.00 43.18 ? 127  LYS A N   1 
ATOM   900  C CA  . LYS A 1 116 ? 0.647   -8.956  18.355  1.00 47.02 ? 127  LYS A CA  1 
ATOM   901  C C   . LYS A 1 116 ? 0.829   -7.474  18.744  1.00 48.84 ? 127  LYS A C   1 
ATOM   902  O O   . LYS A 1 116 ? 1.707   -6.758  18.232  1.00 48.99 ? 127  LYS A O   1 
ATOM   903  C CB  . LYS A 1 116 ? 1.620   -9.751  19.226  1.00 47.34 ? 127  LYS A CB  1 
ATOM   904  C CG  . LYS A 1 116 ? 0.934   -10.584 20.282  1.00 50.43 ? 127  LYS A CG  1 
ATOM   905  C CD  . LYS A 1 116 ? 1.684   -11.879 20.570  1.00 53.20 ? 127  LYS A CD  1 
ATOM   906  C CE  . LYS A 1 116 ? 1.037   -12.634 21.714  1.00 55.82 ? 127  LYS A CE  1 
ATOM   907  N NZ  . LYS A 1 116 ? 0.645   -11.725 22.833  1.00 57.51 ? 127  LYS A NZ  1 
ATOM   908  N N   . GLY A 1 117 ? -0.038  -7.031  19.673  1.00 50.79 ? 128  GLY A N   1 
ATOM   909  C CA  . GLY A 1 117 ? 0.026   -5.677  20.185  1.00 53.10 ? 128  GLY A CA  1 
ATOM   910  C C   . GLY A 1 117 ? -1.020  -4.821  19.510  1.00 54.69 ? 128  GLY A C   1 
ATOM   911  O O   . GLY A 1 117 ? -1.919  -5.335  18.819  1.00 54.82 ? 128  GLY A O   1 
ATOM   912  N N   . GLU A 1 118 ? -0.913  -3.509  19.703  1.00 55.79 ? 129  GLU A N   1 
ATOM   913  C CA  . GLU A 1 118 ? -1.901  -2.606  19.133  1.00 56.63 ? 129  GLU A CA  1 
ATOM   914  C C   . GLU A 1 118 ? -1.328  -1.259  18.713  1.00 56.10 ? 129  GLU A C   1 
ATOM   915  O O   . GLU A 1 118 ? -0.345  -0.771  19.283  1.00 56.17 ? 129  GLU A O   1 
ATOM   916  C CB  . GLU A 1 118 ? -3.052  -2.393  20.112  1.00 57.54 ? 129  GLU A CB  1 
ATOM   917  C CG  . GLU A 1 118 ? -2.633  -1.712  21.403  1.00 60.34 ? 129  GLU A CG  1 
ATOM   918  C CD  . GLU A 1 118 ? -3.775  -0.953  22.039  1.00 64.27 ? 129  GLU A CD  1 
ATOM   919  O OE1 . GLU A 1 118 ? -3.821  0.287   21.882  1.00 67.27 ? 129  GLU A OE1 1 
ATOM   920  O OE2 . GLU A 1 118 ? -4.631  -1.594  22.686  1.00 66.55 ? 129  GLU A OE2 1 
ATOM   921  N N   . LEU A 1 119 ? -1.947  -0.685  17.707  1.00 55.05 ? 130  LEU A N   1 
ATOM   922  C CA  . LEU A 1 119 ? -1.552  0.582   17.202  1.00 53.76 ? 130  LEU A CA  1 
ATOM   923  C C   . LEU A 1 119 ? -2.816  1.314   16.699  1.00 52.76 ? 130  LEU A C   1 
ATOM   924  O O   . LEU A 1 119 ? -3.522  0.777   15.839  1.00 52.54 ? 130  LEU A O   1 
ATOM   925  C CB  . LEU A 1 119 ? -0.435  0.449   16.161  1.00 53.68 ? 130  LEU A CB  1 
ATOM   926  C CG  . LEU A 1 119 ? 0.318   1.742   15.860  1.00 54.73 ? 130  LEU A CG  1 
ATOM   927  C CD1 . LEU A 1 119 ? 1.005   2.248   17.128  1.00 55.68 ? 130  LEU A CD1 1 
ATOM   928  C CD2 . LEU A 1 119 ? 1.321   1.545   14.731  1.00 54.34 ? 130  LEU A CD2 1 
ATOM   929  N N   . LYS A 1 120 ? -3.106  2.515   17.189  1.00 51.21 ? 131  LYS A N   1 
ATOM   930  C CA  . LYS A 1 120 ? -4.244  3.324   16.659  1.00 50.28 ? 131  LYS A CA  1 
ATOM   931  C C   . LYS A 1 120 ? -3.765  4.318   15.446  1.00 48.99 ? 131  LYS A C   1 
ATOM   932  O O   . LYS A 1 120 ? -2.728  4.973   15.660  1.00 46.81 ? 131  LYS A O   1 
ATOM   933  C CB  . LYS A 1 120 ? -4.839  4.126   17.894  1.00 50.57 ? 131  LYS A CB  1 
ATOM   934  C CG  . LYS A 1 120 ? -4.411  3.697   19.334  1.00 51.66 ? 131  LYS A CG  1 
ATOM   935  C CD  . LYS A 1 120 ? -4.904  4.605   20.500  1.00 55.15 ? 131  LYS A CD  1 
ATOM   936  C CE  . LYS A 1 120 ? -4.374  4.142   21.856  1.00 55.45 ? 131  LYS A CE  1 
ATOM   937  N NZ  . LYS A 1 120 ? -4.276  5.262   22.833  1.00 55.79 ? 131  LYS A NZ  1 
ATOM   938  N N   . CYS A 1 121 ? -4.420  4.512   14.135  1.00 28.72 ? 133  CYS A N   1 
ATOM   939  C CA  . CYS A 1 121 ? -4.112  5.462   13.070  1.00 29.45 ? 133  CYS A CA  1 
ATOM   940  C C   . CYS A 1 121 ? -3.999  6.826   13.688  1.00 29.83 ? 133  CYS A C   1 
ATOM   941  O O   . CYS A 1 121 ? -3.131  7.604   13.249  1.00 29.80 ? 133  CYS A O   1 
ATOM   942  C CB  . CYS A 1 121 ? -5.231  5.452   12.037  1.00 29.57 ? 133  CYS A CB  1 
ATOM   943  S SG  . CYS A 1 121 ? -5.259  3.840   11.273  1.00 29.31 ? 133  CYS A SG  1 
ATOM   944  O OXT . CYS A 1 121 ? -4.823  7.010   14.593  1.00 30.87 ? 133  CYS A OXT 1 
ATOM   945  N N   . ALA B 2 1   ? -5.261  -9.220  -9.733  0.50 48.12 ? 1    ALA P N   1 
ATOM   946  C CA  . ALA B 2 1   ? -4.542  -8.378  -8.835  0.50 48.30 ? 1    ALA P CA  1 
ATOM   947  C C   . ALA B 2 1   ? -5.234  -8.194  -7.471  0.50 48.26 ? 1    ALA P C   1 
ATOM   948  O O   . ALA B 2 1   ? -6.398  -7.768  -7.468  0.50 48.17 ? 1    ALA P O   1 
ATOM   949  C CB  . ALA B 2 1   ? -4.316  -7.017  -9.477  0.50 48.24 ? 1    ALA P CB  1 
ATOM   950  N N   . VAL B 2 2   ? -4.646  -8.463  -6.304  0.50 48.38 ? 2    VAL P N   1 
ATOM   951  C CA  . VAL B 2 2   ? -5.351  -7.957  -5.078  0.50 48.45 ? 2    VAL P CA  1 
ATOM   952  C C   . VAL B 2 2   ? -4.526  -7.995  -3.744  0.50 48.33 ? 2    VAL P C   1 
ATOM   953  O O   . VAL B 2 2   ? -4.579  -8.976  -3.015  0.50 48.63 ? 2    VAL P O   1 
ATOM   954  C CB  . VAL B 2 2   ? -6.776  -8.604  -4.959  0.50 48.35 ? 2    VAL P CB  1 
ATOM   955  C CG1 . VAL B 2 2   ? -6.690  -10.024 -4.398  0.50 47.98 ? 2    VAL P CG1 1 
ATOM   956  C CG2 . VAL B 2 2   ? -7.677  -7.742  -4.087  0.50 48.79 ? 2    VAL P CG2 1 
ATOM   957  N N   . TYR B 2 3   ? -3.766  -6.852  -3.450  0.50 48.32 ? 3    TYR P N   1 
ATOM   958  C CA  . TYR B 2 3   ? -2.979  -6.714  -2.146  0.50 48.52 ? 3    TYR P CA  1 
ATOM   959  C C   . TYR B 2 3   ? -3.994  -6.619  -1.077  0.50 48.68 ? 3    TYR P C   1 
ATOM   960  O O   . TYR B 2 3   ? -3.648  -6.439  0.090   0.50 49.01 ? 3    TYR P O   1 
ATOM   961  C CB  . TYR B 2 3   ? -2.050  -5.407  -1.998  0.50 48.49 ? 3    TYR P CB  1 
ATOM   962  C CG  . TYR B 2 3   ? -1.971  -4.435  -0.731  0.50 48.38 ? 3    TYR P CG  1 
ATOM   963  C CD1 . TYR B 2 3   ? -0.730  -4.085  -0.180  0.50 47.80 ? 3    TYR P CD1 1 
ATOM   964  C CD2 . TYR B 2 3   ? -3.089  -3.840  -0.153  0.50 48.05 ? 3    TYR P CD2 1 
ATOM   965  C CE1 . TYR B 2 3   ? -0.584  -3.176  0.872   0.50 46.89 ? 3    TYR P CE1 1 
ATOM   966  C CE2 . TYR B 2 3   ? -2.949  -2.896  0.906   0.50 47.91 ? 3    TYR P CE2 1 
ATOM   967  C CZ  . TYR B 2 3   ? -1.684  -2.560  1.413   0.50 46.94 ? 3    TYR P CZ  1 
ATOM   968  O OH  . TYR B 2 3   ? -1.546  -1.644  2.422   0.50 47.59 ? 3    TYR P OH  1 
ATOM   969  N N   . SER B 2 4   ? -5.236  -6.728  -1.407  0.50 48.73 ? 4    SER P N   1 
ATOM   970  C CA  . SER B 2 4   ? -6.274  -6.655  -0.375  0.50 48.83 ? 4    SER P CA  1 
ATOM   971  C C   . SER B 2 4   ? -6.517  -5.220  0.061   0.50 48.93 ? 4    SER P C   1 
ATOM   972  O O   . SER B 2 4   ? -6.631  -4.943  1.252   0.50 49.21 ? 4    SER P O   1 
ATOM   973  C CB  . SER B 2 4   ? -5.886  -7.521  0.809   0.50 48.66 ? 4    SER P CB  1 
ATOM   974  O OG  . SER B 2 4   ? -5.840  -8.892  0.458   0.50 48.79 ? 4    SER P OG  1 
HETATM 975  C C   . ACT C 3 .   ? -9.878  -3.659  -18.933 1.00 91.32 ? 1209 ACT A C   1 
HETATM 976  O O   . ACT C 3 .   ? -10.675 -2.773  -19.315 1.00 91.27 ? 1209 ACT A O   1 
HETATM 977  O OXT . ACT C 3 .   ? -9.054  -3.311  -18.057 1.00 91.12 ? 1209 ACT A OXT 1 
HETATM 978  C CH3 . ACT C 3 .   ? -9.910  -5.054  -19.490 1.00 91.20 ? 1209 ACT A CH3 1 
HETATM 979  C C   . ACT D 3 .   ? -8.763  3.427   20.229  1.00 98.61 ? 1210 ACT A C   1 
HETATM 980  O O   . ACT D 3 .   ? -9.700  4.210   20.491  1.00 98.56 ? 1210 ACT A O   1 
HETATM 981  O OXT . ACT D 3 .   ? -8.249  2.849   21.212  1.00 98.56 ? 1210 ACT A OXT 1 
HETATM 982  C CH3 . ACT D 3 .   ? -8.292  3.200   18.822  1.00 98.62 ? 1210 ACT A CH3 1 
HETATM 983  O O   . HOH E 4 .   ? 1.896   4.574   3.101   1.00 15.55 ? 1211 HOH A O   1 
HETATM 984  O O   . HOH E 4 .   ? -0.483  5.793   2.402   1.00 17.09 ? 1212 HOH A O   1 
HETATM 985  O O   . HOH E 4 .   ? -3.260  10.001  13.367  1.00 25.58 ? 1213 HOH A O   1 
HETATM 986  O O   . HOH E 4 .   ? -16.580 14.070  -6.463  1.00 20.22 ? 1214 HOH A O   1 
HETATM 987  O O   . HOH E 4 .   ? -6.538  2.007   -5.349  1.00 16.72 ? 1215 HOH A O   1 
HETATM 988  O O   . HOH E 4 .   ? -16.744 7.228   -9.988  1.00 20.88 ? 1216 HOH A O   1 
HETATM 989  O O   . HOH E 4 .   ? 12.866  -1.532  8.783   1.00 28.73 ? 1217 HOH A O   1 
HETATM 990  O O   . HOH E 4 .   ? -15.734 7.834   -7.406  1.00 17.70 ? 1218 HOH A O   1 
HETATM 991  O O   . HOH E 4 .   ? -14.749 5.340   -4.461  1.00 19.34 ? 1219 HOH A O   1 
HETATM 992  O O   . HOH E 4 .   ? 11.414  -2.794  5.489   1.00 21.07 ? 1220 HOH A O   1 
HETATM 993  O O   . HOH E 4 .   ? -5.935  10.986  0.527   1.00 24.09 ? 1221 HOH A O   1 
HETATM 994  O O   . HOH E 4 .   ? 9.811   -1.979  0.408   1.00 22.39 ? 1222 HOH A O   1 
HETATM 995  O O   . HOH E 4 .   ? -16.078 11.188  -4.632  1.00 23.73 ? 1223 HOH A O   1 
HETATM 996  O O   . HOH E 4 .   ? -3.742  -16.655 14.857  1.00 25.53 ? 1224 HOH A O   1 
HETATM 997  O O   . HOH E 4 .   ? 0.686   11.349  -1.658  1.00 21.32 ? 1225 HOH A O   1 
HETATM 998  O O   . HOH E 4 .   ? -15.147 9.055   2.469   1.00 33.25 ? 1226 HOH A O   1 
HETATM 999  O O   . HOH E 4 .   ? 14.201  1.083   5.594   1.00 27.45 ? 1227 HOH A O   1 
HETATM 1000 O O   . HOH E 4 .   ? 8.000   7.093   3.634   1.00 24.62 ? 1228 HOH A O   1 
HETATM 1001 O O   . HOH E 4 .   ? -17.688 5.354   -3.481  1.00 22.80 ? 1229 HOH A O   1 
HETATM 1002 O O   . HOH E 4 .   ? 0.050   -9.425  5.929   1.00 25.57 ? 1230 HOH A O   1 
HETATM 1003 O O   . HOH E 4 .   ? -13.533 2.974   -11.953 1.00 32.63 ? 1231 HOH A O   1 
HETATM 1004 O O   . HOH E 4 .   ? -14.101 11.812  -1.009  1.00 35.69 ? 1232 HOH A O   1 
HETATM 1005 O O   . HOH E 4 .   ? 13.130  -5.694  7.820   1.00 31.67 ? 1233 HOH A O   1 
HETATM 1006 O O   . HOH E 4 .   ? -0.410  13.964  -7.142  1.00 40.79 ? 1234 HOH A O   1 
HETATM 1007 O O   . HOH E 4 .   ? -7.014  9.389   3.726   1.00 50.73 ? 1235 HOH A O   1 
HETATM 1008 O O   . HOH E 4 .   ? -18.589 9.059   -1.336  1.00 25.12 ? 1236 HOH A O   1 
HETATM 1009 O O   . HOH E 4 .   ? 7.449   3.370   6.993   1.00 26.96 ? 1237 HOH A O   1 
HETATM 1010 O O   . HOH E 4 .   ? -1.931  -7.672  18.681  1.00 45.49 ? 1238 HOH A O   1 
HETATM 1011 O O   . HOH E 4 .   ? -0.137  8.440   3.556   1.00 22.76 ? 1239 HOH A O   1 
HETATM 1012 O O   . HOH E 4 .   ? -0.972  10.195  1.621   1.00 28.88 ? 1240 HOH A O   1 
HETATM 1013 O O   . HOH E 4 .   ? -4.002  -4.310  5.345   1.00 41.92 ? 1241 HOH A O   1 
HETATM 1014 O O   . HOH E 4 .   ? -6.052  15.980  -14.653 1.00 42.01 ? 1242 HOH A O   1 
HETATM 1015 O O   . HOH E 4 .   ? 2.415   -5.282  -9.267  1.00 32.29 ? 1243 HOH A O   1 
HETATM 1016 O O   . HOH E 4 .   ? 10.349  8.970   5.739   1.00 50.19 ? 1244 HOH A O   1 
HETATM 1017 O O   . HOH E 4 .   ? -6.244  14.344  -8.164  1.00 34.59 ? 1245 HOH A O   1 
HETATM 1018 O O   . HOH E 4 .   ? 3.370   -7.547  15.893  1.00 39.66 ? 1246 HOH A O   1 
HETATM 1019 O O   . HOH E 4 .   ? 1.416   14.907  -3.639  1.00 33.82 ? 1247 HOH A O   1 
HETATM 1020 O O   . HOH E 4 .   ? 7.173   -5.282  15.761  1.00 65.76 ? 1248 HOH A O   1 
HETATM 1021 O O   . HOH E 4 .   ? -8.471  10.096  -11.726 1.00 32.35 ? 1249 HOH A O   1 
HETATM 1022 O O   . HOH E 4 .   ? 9.308   5.401   5.698   1.00 39.14 ? 1250 HOH A O   1 
HETATM 1023 O O   . HOH E 4 .   ? 6.266   11.067  -6.776  1.00 37.31 ? 1251 HOH A O   1 
HETATM 1024 O O   . HOH E 4 .   ? -8.375  0.430   5.979   1.00 47.47 ? 1252 HOH A O   1 
HETATM 1025 O O   . HOH E 4 .   ? 8.322   3.982   9.389   1.00 44.65 ? 1253 HOH A O   1 
HETATM 1026 O O   . HOH E 4 .   ? 4.235   -10.863 0.446   1.00 39.28 ? 1254 HOH A O   1 
HETATM 1027 O O   . HOH E 4 .   ? 12.484  -10.159 -5.562  1.00 52.44 ? 1255 HOH A O   1 
HETATM 1028 O O   . HOH E 4 .   ? -4.375  0.566   9.979   1.00 36.47 ? 1256 HOH A O   1 
HETATM 1029 O O   . HOH E 4 .   ? -13.993 10.852  4.070   1.00 53.82 ? 1257 HOH A O   1 
HETATM 1030 O O   . HOH E 4 .   ? 9.988   -10.324 -2.877  1.00 49.39 ? 1258 HOH A O   1 
HETATM 1031 O O   . HOH E 4 .   ? 8.536   9.888   -17.254 1.00 48.70 ? 1259 HOH A O   1 
HETATM 1032 O O   . HOH E 4 .   ? 2.720   9.097   -17.696 1.00 40.42 ? 1260 HOH A O   1 
HETATM 1033 O O   . HOH E 4 .   ? -8.762  14.367  -15.310 1.00 45.34 ? 1261 HOH A O   1 
HETATM 1034 O O   . HOH E 4 .   ? -10.318 15.839  2.431   1.00 78.89 ? 1262 HOH A O   1 
HETATM 1035 O O   . HOH E 4 .   ? -7.725  6.404   9.576   1.00 37.62 ? 1263 HOH A O   1 
HETATM 1036 O O   . HOH E 4 .   ? -11.191 5.282   21.956  1.00 44.64 ? 1264 HOH A O   1 
HETATM 1037 O O   . HOH E 4 .   ? -12.039 3.614   2.241   1.00 48.39 ? 1265 HOH A O   1 
HETATM 1038 O O   . HOH E 4 .   ? 0.495   5.906   -15.569 1.00 45.01 ? 1266 HOH A O   1 
HETATM 1039 O O   . HOH E 4 .   ? 15.662  2.044   -0.059  1.00 41.47 ? 1267 HOH A O   1 
HETATM 1040 O O   . HOH E 4 .   ? 11.061  17.254  -14.480 1.00 58.83 ? 1268 HOH A O   1 
HETATM 1041 O O   . HOH E 4 .   ? 8.012   12.248  -18.238 1.00 55.29 ? 1269 HOH A O   1 
HETATM 1042 O O   . HOH E 4 .   ? -5.147  13.541  -5.660  1.00 67.23 ? 1270 HOH A O   1 
HETATM 1043 O O   . HOH E 4 .   ? -19.961 10.951  1.742   1.00 42.38 ? 1271 HOH A O   1 
HETATM 1044 O O   . HOH E 4 .   ? 0.961   1.548   21.333  1.00 86.10 ? 1272 HOH A O   1 
HETATM 1045 O O   . HOH E 4 .   ? 17.798  1.927   -4.122  1.00 42.23 ? 1273 HOH A O   1 
HETATM 1046 O O   . HOH E 4 .   ? -6.710  10.879  -9.298  1.00 48.23 ? 1274 HOH A O   1 
HETATM 1047 O O   . HOH E 4 .   ? -12.747 8.789   8.219   1.00 63.25 ? 1275 HOH A O   1 
HETATM 1048 O O   . HOH E 4 .   ? 8.557   -9.425  -7.689  1.00 51.29 ? 1276 HOH A O   1 
HETATM 1049 O O   . HOH E 4 .   ? -11.498 16.920  -4.815  1.00 63.26 ? 1277 HOH A O   1 
HETATM 1050 O O   . HOH E 4 .   ? -3.887  -4.469  17.618  1.00 49.46 ? 1278 HOH A O   1 
HETATM 1051 O O   . HOH E 4 .   ? 3.230   -10.829 23.368  1.00 74.52 ? 1279 HOH A O   1 
HETATM 1052 O O   . HOH E 4 .   ? 9.836   -9.222  15.857  1.00 41.48 ? 1280 HOH A O   1 
HETATM 1053 O O   . HOH E 4 .   ? -19.585 3.705   5.141   1.00 50.26 ? 1281 HOH A O   1 
HETATM 1054 O O   . HOH E 4 .   ? -11.856 16.778  -8.054  1.00 54.25 ? 1282 HOH A O   1 
HETATM 1055 O O   . HOH E 4 .   ? -6.983  -12.465 11.604  1.00 55.46 ? 1283 HOH A O   1 
HETATM 1056 O O   . HOH E 4 .   ? -3.567  6.223   -15.042 1.00 45.99 ? 1284 HOH A O   1 
HETATM 1057 O O   . HOH E 4 .   ? -10.581 7.030   -13.766 1.00 53.56 ? 1285 HOH A O   1 
HETATM 1058 O O   . HOH E 4 .   ? -5.283  -2.098  9.068   1.00 57.09 ? 1286 HOH A O   1 
HETATM 1059 O O   . HOH E 4 .   ? -1.152  -11.748 19.985  1.00 43.73 ? 1287 HOH A O   1 
HETATM 1060 O O   . HOH E 4 .   ? 7.146   -15.513 7.060   1.00 52.33 ? 1288 HOH A O   1 
HETATM 1061 O O   . HOH E 4 .   ? 12.206  -4.866  12.201  1.00 48.43 ? 1289 HOH A O   1 
HETATM 1062 O O   . HOH E 4 .   ? -8.119  3.816   -15.614 1.00 62.92 ? 1290 HOH A O   1 
HETATM 1063 O O   . HOH E 4 .   ? 8.480   9.038   -7.911  1.00 55.70 ? 1291 HOH A O   1 
HETATM 1064 O O   . HOH E 4 .   ? 9.025   -16.678 3.392   1.00 56.43 ? 1292 HOH A O   1 
HETATM 1065 O O   . HOH E 4 .   ? -5.191  -2.184  -1.404  1.00 56.28 ? 1293 HOH A O   1 
HETATM 1066 O O   . HOH E 4 .   ? -9.438  -3.977  4.387   1.00 48.18 ? 1294 HOH A O   1 
HETATM 1067 O O   . HOH E 4 .   ? -17.001 12.227  -1.326  1.00 46.86 ? 1295 HOH A O   1 
HETATM 1068 O O   . HOH E 4 .   ? -15.524 16.182  -6.920  1.00 33.83 ? 1296 HOH A O   1 
HETATM 1069 O O   . HOH E 4 .   ? -8.853  -3.197  -10.390 1.00 66.83 ? 1297 HOH A O   1 
HETATM 1070 O O   . HOH E 4 .   ? -5.050  -1.386  1.179   1.00 59.74 ? 1298 HOH A O   1 
HETATM 1071 O O   . HOH E 4 .   ? -2.502  -5.106  -6.598  1.00 54.62 ? 1299 HOH A O   1 
HETATM 1072 O O   . HOH E 4 .   ? -5.928  -0.506  -3.945  1.00 46.48 ? 1300 HOH A O   1 
HETATM 1073 O O   . HOH E 4 .   ? -6.422  18.760  -13.607 1.00 61.58 ? 1301 HOH A O   1 
HETATM 1074 O O   . HOH E 4 .   ? -10.385 0.695   4.450   1.00 46.78 ? 1302 HOH A O   1 
HETATM 1075 O O   . HOH E 4 .   ? -7.323  -2.907  6.748   1.00 53.77 ? 1303 HOH A O   1 
HETATM 1076 O O   . HOH F 4 .   ? -3.916  -10.467 0.722   1.00 49.13 ? 24   HOH P O   1 
HETATM 1077 O O   . HOH F 4 .   ? -7.097  -10.264 -11.438 1.00 59.10 ? 72   HOH P O   1 
HETATM 1078 O O   . HOH F 4 .   ? -5.659  -11.449 -6.872  1.00 58.36 ? 96   HOH P O   1 
HETATM 1079 O O   . HOH F 4 .   ? -7.815  -8.638  -9.463  1.00 69.43 ? 97   HOH P O   1 
# 
